data_8X20
#
_entry.id   8X20
#
_cell.length_a   284.069
_cell.length_b   284.069
_cell.length_c   95.605
_cell.angle_alpha   90.00
_cell.angle_beta   90.00
_cell.angle_gamma   120.00
#
_symmetry.space_group_name_H-M   'H 3'
#
loop_
_entity.id
_entity.type
_entity.pdbx_description
1 polymer 'Pol protein (Fragment)'
2 polymer 'HIV-1 RT p51 subunit'
3 polymer 'DNA/RNA (38-MER)'
4 non-polymer E-CFCP-triphosphate
5 non-polymer GLYCEROL
6 non-polymer 'MAGNESIUM ION'
7 water water
#
loop_
_entity_poly.entity_id
_entity_poly.type
_entity_poly.pdbx_seq_one_letter_code
_entity_poly.pdbx_strand_id
1 'polypeptide(L)'
;MVPISPIETVPVKLKPGMDGPKVKQWPLTEEKIKALVEICTEMEKEGKISKIGPENPYNTPVFAIKKKDSTKWRKVVDFR
ELNKRTQDFWEVQLGIPHPAGLKQKKSVTVLDVGDAFYSVPLDKDFRKYTAFTIPSINNETPGIRYQYNVLPMGWKGSPA
IFQSSMTKILEPFRKQNPDIVIYQYMDDLYVGSDLEIGQHRTKIEELRQHLLRWGFTTPDKKHQKEPPFLWMGYELHPDK
WTVQPIVLPEKDSWTVNDIQKLVGKLNWASQIYAGIKVRQLSKLLRGTKALTEVVPLTEEAELELAENREILKEPVHGVY
YDPSKDLIAEIQKQGQGQWTYQIYQEPFKNLKTGKYARMKGAHTNDVKQLTEAVQKIATESIVIWGKTPKFKLPIQKETW
EAWWTEYWQATWIPEWEFVNTPPLVKLWYQLEKEPIIGAETFYVDGAANRETKLGKAGYVTDRGRQKVVPLTDTTNQKTE
LQAIHLALQDSGLEVNIVTDSQYALGIIQAQPDKSESELVSQIIEQLIKKEKVYLAWVPAHKGIGGNEQVDKLVSAG
;
A,C
2 'polypeptide(L)'
;MAHHHHHHALEVLFQGPISPIETVPVKLKPGMDGPKVKQWPLTEEKIKALVEICTEMEKEGKISKIGPENPYNTPVFAIK
KKDSTKWRKLVDFRELNKRTQDFWEVQLGIPHPAGLKQKKSVTVLDVGDAYFSVPLDKDFRKYTAFTIPSINNETPGIRY
QYNVLPQGWKGSPAIFQSSMTKILEPFRKQNPDIVIYQYMDDLYVGSDLEIGQHRTKIEELRQHLLRWGFTTPDKKHQKE
PPFLWMGYELHPDKWTVQPIVLPEKDSWTVNDIQKLVGKLNWASQIYAGIKVRQLSKLLRGTKALTEVVPLTEEAELELA
ENREILKEPVHGVYYDPSKDLIAEIQKQGQGQWTYQIYQEPFKNLKTGKYARMKGAHTNDVKQLTEAVQKIATESIVIWG
KTPKFKLPIQKETWEAWWTEYWQATWIPEWEFVNTPPLVKLWYQ
;
B,D
3 'polydeoxyribonucleotide'
;(DT)(DA)(DA)(DT)(DC)(DG)(OMC)(DC)(OMC)(DC)(DC)(DC)(DT)(DT)(DC)(DG)(DG)(DT)(DG)
(DC)(DT)(DT)(DT)(DG)(DC)(DA)(DC)(DC)(DG)(DA)(DA)(DG)(DG)(DG)(DG)(DG)(DG)(DC)
;
E,F
#
loop_
_chem_comp.id
_chem_comp.type
_chem_comp.name
_chem_comp.formula
DA DNA linking 2'-DEOXYADENOSINE-5'-MONOPHOSPHATE 'C10 H14 N5 O6 P'
DC DNA linking 2'-DEOXYCYTIDINE-5'-MONOPHOSPHATE 'C9 H14 N3 O7 P'
DG DNA linking 2'-DEOXYGUANOSINE-5'-MONOPHOSPHATE 'C10 H14 N5 O7 P'
DT DNA linking THYMIDINE-5'-MONOPHOSPHATE 'C10 H15 N2 O8 P'
GOL non-polymer GLYCEROL 'C3 H8 O3'
MG non-polymer 'MAGNESIUM ION' 'Mg 2'
OMC RNA linking O2'-METHYLYCYTIDINE-5'-MONOPHOSPHATE 'C10 H16 N3 O8 P'
XTE non-polymer E-CFCP-triphosphate 'C13 H16 F N6 O12 P3'
#
# COMPACT_ATOMS: atom_id res chain seq x y z
N PRO A 3 37.62 25.17 -38.67
CA PRO A 3 38.73 24.57 -39.42
C PRO A 3 38.77 23.05 -39.26
N ILE A 4 39.63 22.38 -40.01
CA ILE A 4 39.78 20.93 -39.94
C ILE A 4 41.11 20.62 -39.25
N SER A 5 41.08 19.70 -38.29
CA SER A 5 42.26 19.39 -37.49
C SER A 5 43.35 18.76 -38.37
N PRO A 6 44.62 19.14 -38.16
CA PRO A 6 45.72 18.43 -38.84
C PRO A 6 46.05 17.12 -38.17
N ILE A 7 45.18 16.68 -37.26
CA ILE A 7 45.36 15.36 -36.63
C ILE A 7 45.30 14.28 -37.70
N GLU A 8 46.07 13.22 -37.48
CA GLU A 8 46.02 12.06 -38.36
C GLU A 8 44.65 11.39 -38.25
N THR A 9 44.13 10.94 -39.39
CA THR A 9 42.86 10.25 -39.43
C THR A 9 42.97 8.87 -38.76
N VAL A 10 41.83 8.37 -38.32
CA VAL A 10 41.72 7.04 -37.75
C VAL A 10 41.29 6.08 -38.86
N PRO A 11 42.07 5.04 -39.17
CA PRO A 11 41.69 4.16 -40.28
C PRO A 11 40.48 3.31 -39.92
N VAL A 12 39.57 3.17 -40.88
CA VAL A 12 38.30 2.50 -40.65
C VAL A 12 38.06 1.52 -41.78
N LYS A 13 37.31 0.46 -41.49
CA LYS A 13 37.05 -0.59 -42.46
C LYS A 13 35.57 -0.97 -42.45
N LEU A 14 35.11 -1.49 -43.60
CA LEU A 14 33.84 -2.18 -43.64
C LEU A 14 34.01 -3.60 -43.11
N LYS A 15 32.94 -4.14 -42.54
CA LYS A 15 32.97 -5.53 -42.10
C LYS A 15 33.29 -6.45 -43.27
N PRO A 16 34.04 -7.52 -43.05
CA PRO A 16 34.54 -8.33 -44.18
C PRO A 16 33.40 -8.98 -44.97
N GLY A 17 33.45 -8.81 -46.29
CA GLY A 17 32.46 -9.36 -47.19
C GLY A 17 31.42 -8.38 -47.67
N MET A 18 31.34 -7.19 -47.06
CA MET A 18 30.27 -6.26 -47.33
C MET A 18 30.75 -5.07 -48.14
N ASP A 19 29.80 -4.43 -48.81
CA ASP A 19 30.03 -3.25 -49.63
C ASP A 19 29.21 -2.09 -49.07
N GLY A 20 29.40 -0.91 -49.64
CA GLY A 20 28.76 0.29 -49.14
C GLY A 20 27.26 0.35 -49.35
N PRO A 21 26.62 1.35 -48.76
CA PRO A 21 25.16 1.48 -48.89
C PRO A 21 24.73 2.06 -50.22
N LYS A 22 23.52 1.69 -50.64
CA LYS A 22 22.91 2.14 -51.91
C LYS A 22 21.43 2.39 -51.66
N VAL A 23 21.08 3.61 -51.27
CA VAL A 23 19.74 3.93 -50.79
C VAL A 23 19.30 5.25 -51.41
N LYS A 24 18.14 5.25 -52.06
CA LYS A 24 17.60 6.43 -52.72
C LYS A 24 17.08 7.44 -51.67
N GLN A 25 16.97 8.71 -52.10
CA GLN A 25 16.68 9.85 -51.23
C GLN A 25 15.17 9.99 -51.04
N TRP A 26 14.78 10.75 -50.01
CA TRP A 26 13.36 11.00 -49.74
C TRP A 26 13.09 12.50 -49.63
N PRO A 27 11.82 12.90 -49.53
CA PRO A 27 11.49 14.33 -49.54
C PRO A 27 11.61 15.05 -48.19
N LEU A 28 11.79 16.37 -48.30
CA LEU A 28 11.88 17.27 -47.15
C LEU A 28 11.45 18.68 -47.58
N THR A 29 11.48 19.62 -46.62
CA THR A 29 10.69 20.84 -46.60
C THR A 29 11.44 22.08 -47.11
N GLU A 30 10.75 23.22 -47.07
CA GLU A 30 11.37 24.53 -47.33
C GLU A 30 12.59 24.75 -46.48
N GLU A 31 12.37 24.72 -45.15
CA GLU A 31 13.32 25.19 -44.16
C GLU A 31 14.41 24.16 -43.90
N LYS A 32 14.28 22.97 -44.46
CA LYS A 32 15.26 21.91 -44.30
C LYS A 32 15.87 21.52 -45.64
N ILE A 33 16.01 22.49 -46.55
CA ILE A 33 16.77 22.33 -47.78
C ILE A 33 17.65 23.55 -47.97
N LYS A 34 17.08 24.73 -47.70
CA LYS A 34 17.90 25.91 -47.50
C LYS A 34 18.82 25.72 -46.30
N ALA A 35 18.30 25.18 -45.19
CA ALA A 35 19.13 24.93 -44.01
C ALA A 35 20.31 24.01 -44.34
N LEU A 36 20.15 23.11 -45.30
CA LEU A 36 21.23 22.22 -45.69
C LEU A 36 22.12 22.83 -46.78
N VAL A 37 21.50 23.34 -47.87
CA VAL A 37 22.26 24.03 -48.90
C VAL A 37 23.05 25.19 -48.30
N GLU A 38 22.48 25.88 -47.31
CA GLU A 38 23.21 26.92 -46.60
C GLU A 38 24.48 26.37 -45.97
N ILE A 39 24.45 25.13 -45.51
CA ILE A 39 25.60 24.55 -44.84
C ILE A 39 26.36 23.63 -45.78
N CYS A 40 25.68 23.07 -46.79
CA CYS A 40 26.33 22.16 -47.71
C CYS A 40 27.32 22.89 -48.62
N THR A 41 26.85 23.95 -49.28
CA THR A 41 27.77 24.82 -50.00
C THR A 41 28.73 25.53 -49.04
N GLU A 42 28.35 25.70 -47.77
CA GLU A 42 29.27 26.29 -46.80
C GLU A 42 30.26 25.27 -46.26
N MET A 43 29.79 24.05 -45.94
CA MET A 43 30.71 22.97 -45.59
C MET A 43 31.71 22.71 -46.71
N GLU A 44 31.27 22.84 -47.95
CA GLU A 44 32.18 22.64 -49.07
C GLU A 44 33.24 23.73 -49.13
N LYS A 45 32.86 24.99 -48.93
CA LYS A 45 33.84 26.07 -48.92
C LYS A 45 34.83 25.91 -47.78
N GLU A 46 34.39 25.37 -46.64
CA GLU A 46 35.30 25.02 -45.55
C GLU A 46 36.02 23.69 -45.77
N GLY A 47 35.65 22.96 -46.82
CA GLY A 47 36.28 21.68 -47.11
C GLY A 47 35.75 20.52 -46.31
N LYS A 48 34.59 20.67 -45.68
CA LYS A 48 34.00 19.56 -44.93
C LYS A 48 33.48 18.47 -45.85
N ILE A 49 33.00 18.84 -47.05
CA ILE A 49 32.46 17.89 -48.01
C ILE A 49 32.95 18.25 -49.40
N SER A 50 33.08 17.23 -50.25
CA SER A 50 33.39 17.41 -51.65
C SER A 50 32.27 16.86 -52.52
N LYS A 51 32.09 17.47 -53.68
CA LYS A 51 31.13 16.98 -54.66
C LYS A 51 31.66 15.74 -55.36
N ILE A 52 30.77 14.77 -55.56
CA ILE A 52 31.13 13.56 -56.29
C ILE A 52 30.16 13.38 -57.46
N GLY A 53 30.27 12.25 -58.16
CA GLY A 53 29.40 11.96 -59.27
C GLY A 53 29.12 10.48 -59.45
N PRO A 54 28.70 10.11 -60.66
CA PRO A 54 28.08 8.78 -60.86
C PRO A 54 28.95 7.54 -60.69
N GLU A 55 30.26 7.52 -60.82
CA GLU A 55 30.84 6.22 -60.51
C GLU A 55 31.02 5.97 -59.02
N ASN A 56 30.76 6.95 -58.21
CA ASN A 56 30.50 6.54 -56.86
C ASN A 56 29.12 5.88 -56.85
N PRO A 57 29.03 4.56 -56.69
CA PRO A 57 27.72 3.90 -56.74
C PRO A 57 26.89 4.02 -55.47
N TYR A 58 27.44 4.61 -54.41
CA TYR A 58 26.79 4.60 -53.11
C TYR A 58 25.90 5.82 -52.89
N ASN A 59 24.88 5.64 -52.07
CA ASN A 59 24.12 6.78 -51.56
C ASN A 59 23.55 6.43 -50.20
N THR A 60 23.09 7.47 -49.50
CA THR A 60 22.50 7.42 -48.18
C THR A 60 21.64 8.65 -48.02
N PRO A 61 20.40 8.53 -47.55
CA PRO A 61 19.50 9.68 -47.48
C PRO A 61 19.91 10.71 -46.44
N VAL A 62 19.40 11.94 -46.62
CA VAL A 62 19.79 13.11 -45.84
C VAL A 62 18.56 13.84 -45.31
N PHE A 63 18.69 14.41 -44.11
CA PHE A 63 17.68 15.33 -43.57
C PHE A 63 18.34 16.20 -42.49
N ALA A 64 17.54 16.93 -41.73
CA ALA A 64 18.05 17.85 -40.70
C ALA A 64 17.14 17.82 -39.48
N ILE A 65 17.60 18.43 -38.40
CA ILE A 65 16.87 18.43 -37.12
C ILE A 65 17.21 19.71 -36.37
N LYS A 66 16.24 20.20 -35.60
CA LYS A 66 16.42 21.43 -34.84
C LYS A 66 17.42 21.21 -33.70
N LYS A 67 18.10 22.30 -33.32
CA LYS A 67 19.03 22.29 -32.20
C LYS A 67 18.47 23.15 -31.06
N LYS A 68 18.97 22.91 -29.85
CA LYS A 68 18.59 23.77 -28.72
C LYS A 68 19.06 25.20 -28.94
N ASP A 69 20.02 25.40 -29.84
CA ASP A 69 20.29 26.68 -30.49
C ASP A 69 18.98 27.29 -31.01
N SER A 70 18.08 26.42 -31.50
CA SER A 70 16.80 26.76 -32.11
C SER A 70 16.96 27.57 -33.39
N THR A 71 17.63 28.73 -33.36
CA THR A 71 17.84 29.42 -34.62
C THR A 71 18.83 28.67 -35.50
N LYS A 72 19.72 27.87 -34.92
CA LYS A 72 20.59 27.01 -35.71
C LYS A 72 19.88 25.70 -36.04
N TRP A 73 20.31 25.08 -37.13
CA TRP A 73 19.84 23.76 -37.54
C TRP A 73 21.00 22.77 -37.47
N ARG A 74 20.70 21.54 -37.08
CA ARG A 74 21.66 20.45 -37.12
C ARG A 74 21.37 19.57 -38.33
N LYS A 75 22.42 19.07 -38.96
CA LYS A 75 22.30 18.23 -40.15
C LYS A 75 22.63 16.78 -39.81
N VAL A 76 21.78 15.85 -40.27
CA VAL A 76 21.96 14.42 -40.00
C VAL A 76 21.66 13.64 -41.28
N VAL A 77 22.40 12.55 -41.45
CA VAL A 77 22.27 11.67 -42.61
C VAL A 77 21.91 10.28 -42.09
N ASP A 78 20.93 9.63 -42.72
CA ASP A 78 20.42 8.35 -42.22
C ASP A 78 21.36 7.23 -42.64
N PHE A 79 22.47 7.14 -41.90
CA PHE A 79 23.53 6.17 -42.16
C PHE A 79 23.23 4.79 -41.55
N ARG A 80 21.96 4.47 -41.29
CA ARG A 80 21.62 3.21 -40.64
C ARG A 80 22.23 2.01 -41.35
N GLU A 81 22.18 1.99 -42.69
CA GLU A 81 22.73 0.85 -43.43
C GLU A 81 24.26 0.86 -43.51
N LEU A 82 24.88 2.03 -43.69
CA LEU A 82 26.34 2.08 -43.63
C LEU A 82 26.85 1.65 -42.26
N ASN A 83 26.13 2.04 -41.20
CA ASN A 83 26.50 1.60 -39.86
C ASN A 83 26.51 0.08 -39.76
N LYS A 84 25.48 -0.59 -40.28
CA LYS A 84 25.42 -2.05 -40.21
C LYS A 84 26.61 -2.70 -40.89
N ARG A 85 27.17 -2.05 -41.89
CA ARG A 85 28.27 -2.60 -42.67
C ARG A 85 29.63 -2.08 -42.25
N THR A 86 29.67 -1.09 -41.36
CA THR A 86 30.92 -0.57 -40.84
C THR A 86 31.43 -1.49 -39.73
N GLN A 87 32.76 -1.59 -39.61
CA GLN A 87 33.39 -2.37 -38.57
C GLN A 87 32.87 -2.00 -37.18
N ASP A 88 33.10 -2.89 -36.22
CA ASP A 88 32.80 -2.59 -34.84
C ASP A 88 33.86 -1.66 -34.26
N PHE A 89 33.46 -0.91 -33.24
CA PHE A 89 34.35 -0.01 -32.52
C PHE A 89 34.31 -0.37 -31.05
N TRP A 90 35.40 -0.13 -30.35
CA TRP A 90 35.38 -0.24 -28.90
C TRP A 90 35.20 1.17 -28.34
N GLU A 91 34.00 1.43 -27.81
CA GLU A 91 33.66 2.76 -27.36
C GLU A 91 34.46 3.13 -26.12
N VAL A 92 34.97 4.36 -26.10
CA VAL A 92 35.84 4.80 -25.02
C VAL A 92 35.10 5.57 -23.93
N GLN A 93 33.89 6.07 -24.22
CA GLN A 93 33.06 6.67 -23.17
C GLN A 93 32.57 5.53 -22.27
N LEU A 94 33.19 5.39 -21.10
CA LEU A 94 32.85 4.31 -20.19
C LEU A 94 31.74 4.65 -19.20
N GLY A 95 31.43 5.94 -19.02
CA GLY A 95 30.39 6.32 -18.09
C GLY A 95 30.09 7.81 -18.15
N ILE A 96 29.21 8.25 -17.27
CA ILE A 96 28.76 9.64 -17.26
C ILE A 96 29.29 10.31 -16.01
N PRO A 97 30.04 11.40 -16.12
CA PRO A 97 30.51 12.09 -14.91
C PRO A 97 29.33 12.63 -14.13
N HIS A 98 29.47 12.64 -12.81
CA HIS A 98 28.41 13.11 -11.93
C HIS A 98 28.89 14.28 -11.07
N PRO A 99 28.05 15.28 -10.80
CA PRO A 99 28.51 16.46 -10.04
C PRO A 99 28.93 16.15 -8.62
N ALA A 100 28.37 15.12 -8.00
CA ALA A 100 28.79 14.76 -6.67
C ALA A 100 30.24 14.31 -6.62
N GLY A 101 30.86 14.01 -7.76
CA GLY A 101 32.25 13.64 -7.76
C GLY A 101 33.21 14.79 -7.87
N LEU A 102 32.71 16.02 -8.03
CA LEU A 102 33.55 17.20 -8.17
C LEU A 102 33.97 17.71 -6.80
N LYS A 103 35.20 18.22 -6.72
CA LYS A 103 35.66 18.94 -5.53
C LYS A 103 35.44 20.44 -5.72
N GLN A 104 35.35 21.15 -4.61
CA GLN A 104 35.20 22.60 -4.69
C GLN A 104 36.41 23.23 -5.35
N LYS A 105 36.16 24.08 -6.34
CA LYS A 105 37.20 24.79 -7.07
C LYS A 105 37.01 26.29 -6.90
N LYS A 106 38.12 27.01 -6.74
CA LYS A 106 38.03 28.44 -6.55
C LYS A 106 37.76 29.21 -7.83
N SER A 107 38.11 28.67 -9.00
CA SER A 107 37.79 29.27 -10.29
C SER A 107 37.38 28.18 -11.29
N VAL A 108 36.25 28.39 -11.97
CA VAL A 108 35.62 27.37 -12.80
C VAL A 108 35.25 27.98 -14.15
N THR A 109 35.46 27.21 -15.22
CA THR A 109 35.09 27.62 -16.57
C THR A 109 34.49 26.41 -17.30
N VAL A 110 33.48 26.65 -18.13
CA VAL A 110 32.88 25.61 -18.96
C VAL A 110 32.91 26.09 -20.42
N LEU A 111 33.53 25.30 -21.29
CA LEU A 111 33.66 25.61 -22.71
C LEU A 111 33.12 24.48 -23.56
N ASP A 112 32.73 24.83 -24.78
CA ASP A 112 32.35 23.86 -25.81
C ASP A 112 33.16 24.12 -27.06
N VAL A 113 33.38 23.07 -27.82
CA VAL A 113 33.99 23.17 -29.14
C VAL A 113 32.88 23.36 -30.17
N GLY A 114 33.10 24.25 -31.13
CA GLY A 114 32.13 24.49 -32.18
C GLY A 114 32.30 23.51 -33.34
N ASP A 115 31.17 23.01 -33.84
CA ASP A 115 31.12 22.03 -34.93
C ASP A 115 32.23 20.98 -34.79
N ALA A 116 32.22 20.33 -33.63
CA ALA A 116 33.36 19.54 -33.21
C ALA A 116 33.61 18.35 -34.15
N PHE A 117 32.55 17.57 -34.48
CA PHE A 117 32.72 16.48 -35.43
C PHE A 117 33.27 16.98 -36.77
N TYR A 118 32.85 18.17 -37.20
CA TYR A 118 33.19 18.68 -38.52
C TYR A 118 34.62 19.19 -38.59
N SER A 119 35.39 19.03 -37.52
CA SER A 119 36.78 19.44 -37.49
C SER A 119 37.72 18.27 -37.35
N VAL A 120 37.21 17.05 -37.32
CA VAL A 120 38.03 15.84 -37.31
C VAL A 120 37.94 15.20 -38.70
N PRO A 121 39.06 15.06 -39.41
CA PRO A 121 39.00 14.48 -40.76
C PRO A 121 38.62 13.01 -40.72
N LEU A 122 38.06 12.55 -41.84
CA LEU A 122 37.68 11.17 -42.03
C LEU A 122 38.70 10.46 -42.90
N ASP A 123 38.95 9.19 -42.60
CA ASP A 123 39.92 8.39 -43.34
C ASP A 123 39.64 8.47 -44.83
N LYS A 124 40.69 8.75 -45.60
CA LYS A 124 40.55 8.99 -47.04
C LYS A 124 39.81 7.87 -47.75
N ASP A 125 40.22 6.61 -47.53
CA ASP A 125 39.69 5.50 -48.30
C ASP A 125 38.23 5.17 -47.94
N PHE A 126 37.73 5.72 -46.85
CA PHE A 126 36.38 5.45 -46.39
C PHE A 126 35.37 6.48 -46.85
N ARG A 127 35.84 7.61 -47.36
CA ARG A 127 34.94 8.72 -47.67
C ARG A 127 33.91 8.36 -48.74
N LYS A 128 34.27 7.51 -49.70
CA LYS A 128 33.35 7.23 -50.79
C LYS A 128 32.08 6.53 -50.32
N TYR A 129 32.09 5.91 -49.13
CA TYR A 129 30.90 5.24 -48.60
C TYR A 129 29.91 6.21 -47.98
N THR A 130 30.33 7.44 -47.67
CA THR A 130 29.46 8.44 -47.07
C THR A 130 28.67 9.24 -48.10
N ALA A 131 28.63 8.78 -49.35
CA ALA A 131 27.97 9.52 -50.42
C ALA A 131 26.50 9.78 -50.11
N PHE A 132 26.04 11.00 -50.40
CA PHE A 132 24.65 11.36 -50.24
C PHE A 132 24.22 12.29 -51.38
N THR A 133 22.92 12.62 -51.41
CA THR A 133 22.30 13.45 -52.44
C THR A 133 21.35 14.44 -51.78
N ILE A 134 21.48 15.72 -52.13
CA ILE A 134 20.67 16.78 -51.52
C ILE A 134 19.46 17.05 -52.43
N PRO A 135 18.23 17.08 -51.88
CA PRO A 135 17.02 16.94 -52.73
C PRO A 135 16.50 18.22 -53.38
N SER A 136 16.36 19.30 -52.60
CA SER A 136 15.85 20.58 -53.07
C SER A 136 14.38 20.47 -53.50
N ILE A 137 13.55 20.23 -52.50
CA ILE A 137 12.08 20.21 -52.55
C ILE A 137 11.61 19.08 -53.46
N ASN A 138 12.56 18.29 -53.96
CA ASN A 138 12.38 16.97 -54.58
C ASN A 138 11.97 16.98 -56.04
N ASN A 139 10.77 17.48 -56.37
CA ASN A 139 10.40 17.52 -57.77
C ASN A 139 11.16 18.57 -58.55
N GLU A 140 11.86 19.48 -57.86
CA GLU A 140 12.57 20.56 -58.54
C GLU A 140 13.59 20.01 -59.52
N THR A 141 14.60 19.32 -59.01
CA THR A 141 15.80 18.99 -59.77
C THR A 141 16.29 17.62 -59.36
N PRO A 142 17.13 16.99 -60.18
CA PRO A 142 18.00 15.92 -59.65
C PRO A 142 19.08 16.51 -58.77
N GLY A 143 19.32 15.85 -57.64
CA GLY A 143 20.21 16.40 -56.64
C GLY A 143 21.68 16.28 -56.98
N ILE A 144 22.45 17.09 -56.26
CA ILE A 144 23.90 17.09 -56.30
C ILE A 144 24.41 16.03 -55.33
N ARG A 145 25.55 15.42 -55.64
CA ARG A 145 26.13 14.38 -54.79
C ARG A 145 27.38 14.88 -54.08
N TYR A 146 27.45 14.64 -52.77
CA TYR A 146 28.62 14.97 -51.97
C TYR A 146 29.05 13.76 -51.16
N GLN A 147 30.27 13.83 -50.63
CA GLN A 147 30.78 12.89 -49.64
C GLN A 147 31.41 13.68 -48.50
N TYR A 148 31.58 13.02 -47.36
CA TYR A 148 32.16 13.67 -46.19
C TYR A 148 33.68 13.55 -46.21
N ASN A 149 34.36 14.63 -45.84
CA ASN A 149 35.79 14.59 -45.56
C ASN A 149 36.08 14.65 -44.07
N VAL A 150 35.05 14.88 -43.27
CA VAL A 150 35.13 14.96 -41.82
C VAL A 150 34.11 13.99 -41.25
N LEU A 151 34.11 13.85 -39.92
CA LEU A 151 33.21 12.90 -39.24
C LEU A 151 31.75 13.35 -39.38
N PRO A 152 30.89 12.58 -40.04
CA PRO A 152 29.49 12.98 -40.14
C PRO A 152 28.69 12.61 -38.90
N MET A 153 27.68 13.44 -38.61
CA MET A 153 26.72 13.15 -37.54
C MET A 153 25.75 12.07 -38.01
N GLY A 154 25.70 10.96 -37.28
CA GLY A 154 24.85 9.85 -37.67
C GLY A 154 25.61 8.61 -38.09
N TRP A 155 26.92 8.71 -38.25
CA TRP A 155 27.76 7.56 -38.52
C TRP A 155 28.16 6.90 -37.21
N LYS A 156 28.26 5.57 -37.23
CA LYS A 156 28.51 4.82 -36.00
C LYS A 156 29.90 5.12 -35.43
N GLY A 157 30.89 5.37 -36.28
CA GLY A 157 32.25 5.58 -35.82
C GLY A 157 32.58 6.99 -35.34
N SER A 158 31.74 7.98 -35.63
CA SER A 158 32.14 9.36 -35.37
C SER A 158 32.34 9.66 -33.89
N PRO A 159 31.42 9.32 -32.99
CA PRO A 159 31.62 9.67 -31.57
C PRO A 159 32.92 9.15 -30.99
N ALA A 160 33.25 7.88 -31.23
CA ALA A 160 34.45 7.31 -30.64
C ALA A 160 35.72 7.91 -31.24
N ILE A 161 35.72 8.13 -32.56
CA ILE A 161 36.89 8.70 -33.22
C ILE A 161 37.06 10.16 -32.81
N PHE A 162 35.96 10.86 -32.56
CA PHE A 162 36.11 12.22 -32.04
C PHE A 162 36.71 12.20 -30.65
N GLN A 163 36.10 11.44 -29.73
CA GLN A 163 36.56 11.37 -28.35
C GLN A 163 38.04 11.05 -28.27
N SER A 164 38.46 9.97 -28.94
CA SER A 164 39.88 9.66 -28.98
C SER A 164 40.70 10.81 -29.55
N SER A 165 40.20 11.45 -30.62
CA SER A 165 40.93 12.60 -31.18
C SER A 165 41.03 13.74 -30.16
N MET A 166 39.92 14.03 -29.46
CA MET A 166 39.95 15.05 -28.43
C MET A 166 40.94 14.68 -27.33
N THR A 167 41.00 13.39 -26.96
CA THR A 167 41.91 12.96 -25.91
C THR A 167 43.37 13.20 -26.28
N LYS A 168 43.76 12.87 -27.51
CA LYS A 168 45.13 13.12 -27.94
C LYS A 168 45.45 14.60 -27.90
N ILE A 169 44.49 15.45 -28.26
CA ILE A 169 44.76 16.89 -28.31
C ILE A 169 44.91 17.47 -26.91
N LEU A 170 44.07 17.05 -25.97
CA LEU A 170 44.16 17.55 -24.61
C LEU A 170 45.37 17.01 -23.86
N GLU A 171 45.93 15.89 -24.32
CA GLU A 171 46.99 15.23 -23.56
C GLU A 171 48.16 16.15 -23.24
N PRO A 172 48.75 16.89 -24.20
CA PRO A 172 49.84 17.80 -23.83
C PRO A 172 49.43 18.85 -22.80
N PHE A 173 48.19 19.35 -22.86
CA PHE A 173 47.81 20.39 -21.91
C PHE A 173 47.61 19.82 -20.52
N ARG A 174 47.06 18.61 -20.43
CA ARG A 174 46.83 17.99 -19.14
C ARG A 174 48.14 17.74 -18.40
N LYS A 175 49.13 17.17 -19.09
CA LYS A 175 50.38 16.85 -18.41
C LYS A 175 51.13 18.11 -18.01
N GLN A 176 51.08 19.15 -18.84
CA GLN A 176 51.76 20.40 -18.48
C GLN A 176 51.04 21.13 -17.34
N ASN A 177 49.78 20.81 -17.07
CA ASN A 177 49.00 21.51 -16.04
C ASN A 177 48.22 20.48 -15.21
N PRO A 178 48.92 19.71 -14.39
CA PRO A 178 48.24 18.66 -13.61
C PRO A 178 47.36 19.22 -12.50
N ASP A 179 47.64 20.42 -12.01
CA ASP A 179 46.83 21.09 -11.00
C ASP A 179 45.59 21.77 -11.58
N ILE A 180 45.13 21.30 -12.73
CA ILE A 180 43.94 21.83 -13.39
C ILE A 180 43.05 20.64 -13.75
N VAL A 181 41.84 20.63 -13.21
CA VAL A 181 40.87 19.56 -13.47
C VAL A 181 40.14 19.87 -14.76
N ILE A 182 40.24 18.98 -15.74
CA ILE A 182 39.50 19.10 -17.00
C ILE A 182 38.59 17.89 -17.15
N TYR A 183 37.30 18.11 -17.01
CA TYR A 183 36.31 17.08 -17.32
C TYR A 183 35.95 17.20 -18.80
N GLN A 184 36.20 16.12 -19.53
CA GLN A 184 36.05 16.09 -20.99
C GLN A 184 34.92 15.14 -21.35
N TYR A 185 33.75 15.69 -21.67
CA TYR A 185 32.59 14.88 -22.07
C TYR A 185 32.19 15.29 -23.46
N MET A 186 32.53 14.45 -24.45
CA MET A 186 32.33 14.75 -25.87
C MET A 186 33.08 16.04 -26.18
N ASP A 187 32.40 17.12 -26.59
CA ASP A 187 33.06 18.37 -26.91
C ASP A 187 32.90 19.41 -25.82
N ASP A 188 32.44 18.99 -24.63
CA ASP A 188 32.19 19.91 -23.54
C ASP A 188 33.32 19.77 -22.52
N LEU A 189 33.93 20.92 -22.18
CA LEU A 189 35.10 20.95 -21.31
C LEU A 189 34.76 21.73 -20.05
N TYR A 190 34.83 21.05 -18.91
CA TYR A 190 34.77 21.68 -17.60
C TYR A 190 36.21 21.85 -17.11
N VAL A 191 36.56 23.06 -16.69
CA VAL A 191 37.91 23.40 -16.30
C VAL A 191 37.88 24.12 -14.96
N GLY A 192 38.29 23.44 -13.89
CA GLY A 192 38.35 24.04 -12.57
C GLY A 192 39.78 24.07 -12.05
N SER A 193 40.05 25.04 -11.19
CA SER A 193 41.39 25.19 -10.65
C SER A 193 41.35 25.89 -9.30
N ASP A 194 42.48 25.89 -8.62
CA ASP A 194 42.65 26.63 -7.37
C ASP A 194 43.49 27.88 -7.58
N LEU A 195 43.71 28.28 -8.83
CA LEU A 195 44.40 29.53 -9.11
C LEU A 195 43.43 30.68 -8.95
N GLU A 196 43.94 31.83 -8.50
CA GLU A 196 43.12 33.01 -8.47
C GLU A 196 42.71 33.38 -9.89
N ILE A 197 41.59 34.08 -10.02
CA ILE A 197 40.91 34.17 -11.30
C ILE A 197 41.80 34.76 -12.38
N GLY A 198 42.74 35.61 -11.99
CA GLY A 198 43.68 36.19 -12.93
C GLY A 198 44.51 35.15 -13.65
N GLN A 199 45.25 34.33 -12.88
CA GLN A 199 46.04 33.27 -13.48
C GLN A 199 45.16 32.20 -14.12
N HIS A 200 43.96 32.00 -13.60
CA HIS A 200 43.06 31.00 -14.17
C HIS A 200 42.69 31.35 -15.60
N ARG A 201 42.24 32.59 -15.83
CA ARG A 201 41.90 33.00 -17.19
C ARG A 201 43.12 32.97 -18.09
N THR A 202 44.31 33.19 -17.55
CA THR A 202 45.53 32.98 -18.31
C THR A 202 45.60 31.56 -18.85
N LYS A 203 45.45 30.58 -17.96
CA LYS A 203 45.53 29.18 -18.37
C LYS A 203 44.40 28.82 -19.34
N ILE A 204 43.21 29.39 -19.15
CA ILE A 204 42.12 29.09 -20.07
C ILE A 204 42.47 29.57 -21.48
N GLU A 205 42.92 30.83 -21.60
CA GLU A 205 43.27 31.37 -22.90
C GLU A 205 44.38 30.54 -23.52
N GLU A 206 45.29 30.05 -22.68
CA GLU A 206 46.31 29.12 -23.16
C GLU A 206 45.66 27.85 -23.72
N LEU A 207 44.67 27.31 -23.00
CA LEU A 207 44.01 26.10 -23.47
C LEU A 207 43.29 26.34 -24.79
N ARG A 208 42.49 27.42 -24.85
CA ARG A 208 41.75 27.72 -26.07
C ARG A 208 42.68 27.87 -27.26
N GLN A 209 43.83 28.51 -27.06
CA GLN A 209 44.78 28.71 -28.16
C GLN A 209 45.39 27.39 -28.62
N HIS A 210 45.67 26.49 -27.67
CA HIS A 210 46.15 25.17 -28.06
C HIS A 210 45.11 24.44 -28.89
N LEU A 211 43.84 24.53 -28.47
CA LEU A 211 42.76 23.86 -29.20
C LEU A 211 42.66 24.35 -30.63
N LEU A 212 42.85 25.67 -30.84
CA LEU A 212 42.66 26.24 -32.16
C LEU A 212 43.79 25.86 -33.11
N ARG A 213 45.03 25.76 -32.61
CA ARG A 213 46.11 25.27 -33.45
C ARG A 213 45.77 23.90 -34.01
N TRP A 214 45.05 23.10 -33.25
CA TRP A 214 44.62 21.79 -33.72
C TRP A 214 43.24 21.82 -34.34
N GLY A 215 42.71 23.00 -34.64
CA GLY A 215 41.50 23.13 -35.42
C GLY A 215 40.19 23.11 -34.66
N PHE A 216 40.23 23.29 -33.34
CA PHE A 216 39.01 23.28 -32.52
C PHE A 216 38.71 24.70 -32.06
N THR A 217 37.61 25.28 -32.57
CA THR A 217 37.17 26.57 -32.09
C THR A 217 36.39 26.42 -30.78
N THR A 218 36.38 27.50 -30.00
CA THR A 218 35.60 27.61 -28.77
C THR A 218 34.82 28.91 -28.83
N PRO A 219 33.60 28.89 -29.38
CA PRO A 219 32.84 30.14 -29.56
C PRO A 219 32.45 30.76 -28.24
N ASP A 220 32.39 32.10 -28.23
CA ASP A 220 32.02 32.83 -27.03
C ASP A 220 30.66 32.40 -26.50
N LYS A 221 29.71 32.15 -27.41
CA LYS A 221 28.36 31.73 -27.05
C LYS A 221 28.33 30.59 -26.03
N LYS A 222 29.30 29.68 -26.10
CA LYS A 222 29.33 28.51 -25.23
C LYS A 222 30.39 28.60 -24.14
N HIS A 223 30.96 29.79 -23.93
CA HIS A 223 32.03 29.99 -22.96
C HIS A 223 31.41 30.59 -21.70
N GLN A 224 31.00 29.72 -20.78
CA GLN A 224 30.49 30.17 -19.50
C GLN A 224 31.65 30.55 -18.59
N LYS A 225 31.61 31.77 -18.06
CA LYS A 225 32.66 32.24 -17.21
C LYS A 225 32.22 32.47 -15.76
N GLU A 226 30.93 32.33 -15.45
CA GLU A 226 30.47 32.74 -14.15
C GLU A 226 29.32 31.82 -13.70
N PRO A 227 29.15 31.63 -12.40
CA PRO A 227 28.14 30.74 -11.88
C PRO A 227 26.77 31.37 -12.01
N PRO A 228 25.71 30.56 -12.09
CA PRO A 228 25.76 29.10 -12.12
C PRO A 228 26.15 28.53 -13.49
N PHE A 229 26.94 27.47 -13.47
CA PHE A 229 27.38 26.82 -14.70
C PHE A 229 26.37 25.76 -15.09
N LEU A 230 25.94 25.78 -16.35
CA LEU A 230 25.09 24.73 -16.88
C LEU A 230 26.00 23.64 -17.45
N TRP A 231 25.87 22.43 -16.89
CA TRP A 231 26.83 21.37 -17.13
C TRP A 231 26.15 20.02 -16.93
N MET A 232 26.02 19.25 -18.01
CA MET A 232 25.57 17.87 -17.95
C MET A 232 24.17 17.74 -17.38
N GLY A 233 23.38 18.79 -17.53
CA GLY A 233 22.02 18.80 -17.03
C GLY A 233 21.88 19.32 -15.61
N TYR A 234 22.93 19.91 -15.06
CA TYR A 234 22.92 20.41 -13.70
C TYR A 234 23.25 21.89 -13.70
N GLU A 235 23.14 22.49 -12.51
CA GLU A 235 23.59 23.85 -12.25
C GLU A 235 24.67 23.79 -11.18
N LEU A 236 25.87 24.26 -11.51
CA LEU A 236 27.00 24.25 -10.58
C LEU A 236 27.11 25.61 -9.90
N HIS A 237 26.89 25.64 -8.61
CA HIS A 237 27.15 26.79 -7.76
C HIS A 237 28.48 26.61 -7.01
N PRO A 238 28.99 27.66 -6.37
CA PRO A 238 30.24 27.50 -5.61
C PRO A 238 30.18 26.42 -4.53
N ASP A 239 29.10 26.38 -3.74
CA ASP A 239 28.98 25.48 -2.61
C ASP A 239 28.03 24.31 -2.84
N LYS A 240 27.18 24.37 -3.87
CA LYS A 240 26.16 23.36 -4.04
C LYS A 240 25.84 23.20 -5.51
N TRP A 241 25.11 22.14 -5.84
CA TRP A 241 24.66 21.90 -7.21
C TRP A 241 23.21 21.44 -7.21
N THR A 242 22.48 21.83 -8.24
CA THR A 242 21.10 21.45 -8.46
C THR A 242 20.97 20.76 -9.81
N VAL A 243 19.85 20.04 -9.97
CA VAL A 243 19.46 19.57 -11.29
C VAL A 243 18.63 20.64 -11.95
N GLN A 244 18.69 20.69 -13.27
CA GLN A 244 17.82 21.58 -14.02
C GLN A 244 16.37 21.11 -13.87
N PRO A 245 15.40 22.04 -13.95
CA PRO A 245 14.04 21.72 -13.50
C PRO A 245 13.44 20.50 -14.18
N ILE A 246 12.91 19.59 -13.35
CA ILE A 246 12.23 18.39 -13.84
C ILE A 246 10.74 18.67 -13.87
N VAL A 247 10.16 18.66 -15.06
CA VAL A 247 8.74 18.92 -15.24
C VAL A 247 8.05 17.60 -15.58
N LEU A 248 7.06 17.23 -14.76
CA LEU A 248 6.44 15.93 -14.99
C LEU A 248 5.17 16.08 -15.82
N PRO A 249 4.84 15.08 -16.63
CA PRO A 249 3.54 15.09 -17.32
C PRO A 249 2.39 15.16 -16.33
N GLU A 250 1.35 15.91 -16.69
CA GLU A 250 0.09 15.83 -15.99
C GLU A 250 -1.02 15.68 -17.03
N LYS A 251 -1.74 14.56 -16.96
CA LYS A 251 -2.73 14.18 -17.95
C LYS A 251 -4.03 13.74 -17.28
N ASP A 252 -5.14 13.88 -18.00
CA ASP A 252 -6.39 13.28 -17.53
C ASP A 252 -6.38 11.77 -17.79
N SER A 253 -6.01 11.37 -19.01
CA SER A 253 -5.92 9.97 -19.40
C SER A 253 -4.48 9.64 -19.75
N TRP A 254 -3.93 8.62 -19.08
CA TRP A 254 -2.58 8.18 -19.31
C TRP A 254 -2.56 7.02 -20.30
N THR A 255 -1.55 7.01 -21.15
CA THR A 255 -1.25 5.84 -21.96
C THR A 255 0.03 5.19 -21.44
N VAL A 256 0.24 3.94 -21.86
CA VAL A 256 1.47 3.22 -21.52
C VAL A 256 2.69 4.11 -21.72
N ASN A 257 2.75 4.78 -22.87
CA ASN A 257 3.92 5.58 -23.20
C ASN A 257 4.05 6.78 -22.25
N ASP A 258 2.93 7.46 -21.96
CA ASP A 258 2.93 8.50 -20.93
C ASP A 258 3.52 7.99 -19.62
N ILE A 259 3.08 6.81 -19.17
CA ILE A 259 3.58 6.28 -17.91
C ILE A 259 5.06 5.93 -18.03
N GLN A 260 5.47 5.35 -19.15
CA GLN A 260 6.88 5.12 -19.38
C GLN A 260 7.68 6.42 -19.28
N LYS A 261 7.15 7.50 -19.84
CA LYS A 261 7.82 8.78 -19.72
C LYS A 261 7.90 9.24 -18.26
N LEU A 262 6.79 9.11 -17.53
CA LEU A 262 6.74 9.55 -16.13
C LEU A 262 7.75 8.80 -15.26
N VAL A 263 7.80 7.47 -15.37
CA VAL A 263 8.75 6.68 -14.58
C VAL A 263 10.19 7.11 -14.86
N GLY A 264 10.48 7.46 -16.11
CA GLY A 264 11.85 7.86 -16.45
C GLY A 264 12.25 9.17 -15.80
N LYS A 265 11.35 10.15 -15.80
CA LYS A 265 11.62 11.42 -15.13
C LYS A 265 11.87 11.21 -13.64
N LEU A 266 11.09 10.33 -13.00
CA LEU A 266 11.23 10.13 -11.56
C LEU A 266 12.55 9.42 -11.23
N ASN A 267 12.93 8.43 -12.04
CA ASN A 267 14.25 7.81 -11.90
C ASN A 267 15.35 8.87 -11.97
N TRP A 268 15.29 9.74 -13.00
CA TRP A 268 16.28 10.82 -13.11
C TRP A 268 16.25 11.72 -11.88
N ALA A 269 15.05 12.00 -11.35
CA ALA A 269 14.94 12.84 -10.16
C ALA A 269 15.52 12.19 -8.91
N SER A 270 15.52 10.86 -8.83
CA SER A 270 15.94 10.18 -7.60
C SER A 270 17.42 10.33 -7.29
N GLN A 271 18.21 10.91 -8.19
CA GLN A 271 19.63 11.06 -7.90
C GLN A 271 19.88 12.16 -6.87
N ILE A 272 18.88 12.98 -6.56
CA ILE A 272 19.08 14.07 -5.61
C ILE A 272 17.83 14.24 -4.75
N TYR A 273 16.67 13.80 -5.25
CA TYR A 273 15.44 13.82 -4.49
C TYR A 273 15.28 12.50 -3.73
N ALA A 274 15.32 12.58 -2.41
CA ALA A 274 15.20 11.40 -1.56
C ALA A 274 13.76 10.92 -1.48
N GLY A 275 13.58 9.60 -1.47
CA GLY A 275 12.29 8.97 -1.22
C GLY A 275 11.43 8.71 -2.44
N ILE A 276 11.95 8.92 -3.64
CA ILE A 276 11.17 8.68 -4.87
C ILE A 276 10.86 7.20 -4.99
N LYS A 277 9.61 6.89 -5.37
CA LYS A 277 9.15 5.52 -5.60
C LYS A 277 8.48 5.41 -6.97
N VAL A 278 8.70 4.27 -7.64
CA VAL A 278 8.10 4.04 -8.97
C VAL A 278 7.45 2.67 -9.10
N ARG A 279 7.39 1.88 -8.01
CA ARG A 279 6.87 0.51 -8.07
C ARG A 279 5.44 0.46 -8.57
N GLN A 280 4.53 1.16 -7.90
CA GLN A 280 3.12 1.08 -8.27
C GLN A 280 2.85 1.67 -9.65
N LEU A 281 3.66 2.66 -10.08
CA LEU A 281 3.47 3.23 -11.41
C LEU A 281 4.01 2.31 -12.49
N SER A 282 5.16 1.67 -12.24
CA SER A 282 5.68 0.68 -13.17
C SER A 282 4.79 -0.55 -13.26
N LYS A 283 4.06 -0.88 -12.19
CA LYS A 283 3.19 -2.05 -12.22
C LYS A 283 2.16 -1.95 -13.33
N LEU A 284 1.69 -0.72 -13.61
CA LEU A 284 0.71 -0.51 -14.67
C LEU A 284 1.25 -0.94 -16.04
N LEU A 285 2.56 -0.84 -16.25
CA LEU A 285 3.16 -1.20 -17.54
C LEU A 285 3.15 -2.70 -17.82
N ARG A 286 2.92 -3.53 -16.80
CA ARG A 286 3.00 -4.97 -16.98
C ARG A 286 1.82 -5.48 -17.80
N GLY A 287 2.07 -6.50 -18.62
CA GLY A 287 1.03 -7.10 -19.41
C GLY A 287 0.43 -6.23 -20.50
N THR A 288 0.79 -4.95 -20.55
CA THR A 288 0.25 -4.06 -21.57
C THR A 288 0.88 -4.35 -22.92
N LYS A 289 0.11 -4.17 -23.98
CA LYS A 289 0.49 -4.70 -25.29
C LYS A 289 0.54 -3.61 -26.37
N ALA A 290 0.51 -2.34 -25.98
CA ALA A 290 0.61 -1.27 -26.97
C ALA A 290 1.00 0.02 -26.28
N LEU A 291 1.87 0.80 -26.93
CA LEU A 291 2.28 2.08 -26.38
C LEU A 291 1.14 3.09 -26.34
N THR A 292 0.15 2.94 -27.23
CA THR A 292 -0.98 3.84 -27.31
C THR A 292 -2.13 3.42 -26.40
N GLU A 293 -1.97 2.33 -25.67
CA GLU A 293 -3.05 1.78 -24.87
C GLU A 293 -3.28 2.67 -23.65
N VAL A 294 -4.53 3.11 -23.48
CA VAL A 294 -4.88 3.91 -22.31
C VAL A 294 -4.95 3.00 -21.09
N VAL A 295 -4.22 3.37 -20.05
CA VAL A 295 -4.19 2.61 -18.81
C VAL A 295 -4.75 3.50 -17.69
N PRO A 296 -5.80 3.08 -16.98
CA PRO A 296 -6.23 3.86 -15.81
C PRO A 296 -5.28 3.65 -14.64
N LEU A 297 -4.98 4.74 -13.94
CA LEU A 297 -4.11 4.65 -12.77
C LEU A 297 -4.84 3.89 -11.66
N THR A 298 -4.18 2.91 -11.07
CA THR A 298 -4.71 2.29 -9.86
C THR A 298 -4.65 3.28 -8.71
N GLU A 299 -5.46 2.99 -7.67
CA GLU A 299 -5.45 3.83 -6.48
C GLU A 299 -4.05 3.92 -5.88
N GLU A 300 -3.30 2.82 -5.90
CA GLU A 300 -1.96 2.84 -5.34
C GLU A 300 -1.02 3.70 -6.17
N ALA A 301 -1.23 3.73 -7.49
CA ALA A 301 -0.36 4.51 -8.36
C ALA A 301 -0.58 6.00 -8.16
N GLU A 302 -1.85 6.42 -8.02
CA GLU A 302 -2.16 7.80 -7.71
C GLU A 302 -1.51 8.24 -6.41
N LEU A 303 -1.58 7.40 -5.38
CA LEU A 303 -0.95 7.75 -4.11
C LEU A 303 0.55 7.92 -4.30
N GLU A 304 1.19 6.92 -4.90
CA GLU A 304 2.62 7.01 -5.18
C GLU A 304 2.94 8.24 -6.02
N LEU A 305 2.12 8.53 -7.04
CA LEU A 305 2.37 9.71 -7.86
C LEU A 305 2.27 10.98 -7.02
N ALA A 306 1.24 11.05 -6.16
CA ALA A 306 1.06 12.24 -5.31
C ALA A 306 2.19 12.36 -4.28
N GLU A 307 2.61 11.24 -3.69
CA GLU A 307 3.79 11.27 -2.83
C GLU A 307 5.00 11.85 -3.56
N ASN A 308 5.25 11.39 -4.79
CA ASN A 308 6.42 11.88 -5.52
C ASN A 308 6.29 13.36 -5.83
N ARG A 309 5.08 13.81 -6.14
CA ARG A 309 4.89 15.22 -6.47
C ARG A 309 5.15 16.11 -5.27
N GLU A 310 4.84 15.62 -4.06
CA GLU A 310 5.15 16.41 -2.86
C GLU A 310 6.66 16.49 -2.63
N ILE A 311 7.39 15.44 -2.98
CA ILE A 311 8.84 15.46 -2.79
C ILE A 311 9.48 16.45 -3.76
N LEU A 312 9.02 16.46 -5.02
CA LEU A 312 9.60 17.35 -6.02
C LEU A 312 9.19 18.81 -5.84
N LYS A 313 8.18 19.10 -5.03
CA LYS A 313 7.77 20.48 -4.84
C LYS A 313 8.79 21.26 -4.03
N GLU A 314 9.55 20.58 -3.17
CA GLU A 314 10.54 21.19 -2.29
C GLU A 314 11.89 21.25 -2.99
N PRO A 315 12.63 22.35 -2.84
CA PRO A 315 13.92 22.48 -3.52
C PRO A 315 15.00 21.70 -2.80
N VAL A 316 15.93 21.17 -3.59
CA VAL A 316 17.02 20.37 -3.05
C VAL A 316 18.32 20.73 -3.75
N HIS A 317 19.43 20.33 -3.13
CA HIS A 317 20.74 20.51 -3.72
C HIS A 317 21.67 19.41 -3.19
N GLY A 318 22.63 19.03 -4.03
CA GLY A 318 23.77 18.27 -3.57
C GLY A 318 24.93 19.18 -3.15
N VAL A 319 25.93 18.57 -2.53
CA VAL A 319 27.16 19.29 -2.23
C VAL A 319 28.30 18.58 -2.96
N TYR A 320 29.51 19.10 -2.83
CA TYR A 320 30.67 18.59 -3.55
C TYR A 320 31.52 17.71 -2.65
N TYR A 321 32.43 16.97 -3.27
CA TYR A 321 33.21 15.94 -2.61
C TYR A 321 34.39 16.54 -1.86
N ASP A 322 34.53 16.18 -0.59
CA ASP A 322 35.69 16.54 0.22
C ASP A 322 36.53 15.30 0.46
N PRO A 323 37.67 15.13 -0.22
CA PRO A 323 38.47 13.90 -0.03
C PRO A 323 39.01 13.74 1.38
N SER A 324 39.02 14.81 2.18
CA SER A 324 39.57 14.71 3.53
C SER A 324 38.60 14.04 4.51
N LYS A 325 37.36 13.78 4.10
CA LYS A 325 36.37 13.14 4.96
C LYS A 325 35.86 11.86 4.32
N ASP A 326 35.44 10.91 5.15
CA ASP A 326 34.89 9.67 4.66
C ASP A 326 33.56 9.89 3.95
N LEU A 327 33.20 8.93 3.10
CA LEU A 327 31.86 8.82 2.53
C LEU A 327 30.99 7.96 3.42
N ILE A 328 29.73 8.34 3.57
CA ILE A 328 28.80 7.59 4.39
C ILE A 328 27.53 7.33 3.58
N ALA A 329 27.16 6.06 3.49
CA ALA A 329 25.93 5.65 2.80
C ALA A 329 24.93 5.14 3.84
N GLU A 330 23.71 5.67 3.79
CA GLU A 330 22.63 5.27 4.68
C GLU A 330 21.43 4.82 3.83
N ILE A 331 20.85 3.68 4.18
CA ILE A 331 19.75 3.11 3.43
C ILE A 331 18.49 3.03 4.30
N GLN A 332 17.34 3.21 3.66
CA GLN A 332 16.04 3.09 4.32
C GLN A 332 15.18 2.13 3.52
N LYS A 333 14.43 1.29 4.24
CA LYS A 333 13.48 0.39 3.60
C LYS A 333 12.18 1.14 3.33
N GLN A 334 11.57 0.90 2.16
CA GLN A 334 10.36 1.60 1.77
C GLN A 334 9.14 0.72 1.55
N GLY A 335 9.30 -0.58 1.41
CA GLY A 335 8.16 -1.45 1.22
C GLY A 335 8.11 -2.04 -0.18
N GLN A 336 7.56 -3.26 -0.27
CA GLN A 336 7.42 -3.97 -1.55
C GLN A 336 8.74 -3.98 -2.31
N GLY A 337 9.83 -4.26 -1.60
CA GLY A 337 11.12 -4.41 -2.24
C GLY A 337 11.74 -3.13 -2.76
N GLN A 338 11.36 -1.97 -2.22
CA GLN A 338 11.91 -0.70 -2.65
C GLN A 338 12.84 -0.14 -1.59
N TRP A 339 13.95 0.46 -2.03
CA TRP A 339 14.95 0.99 -1.11
C TRP A 339 15.45 2.33 -1.63
N THR A 340 15.63 3.29 -0.74
CA THR A 340 16.25 4.54 -1.10
C THR A 340 17.49 4.76 -0.24
N TYR A 341 18.42 5.56 -0.74
CA TYR A 341 19.64 5.82 0.02
C TYR A 341 20.08 7.26 -0.17
N GLN A 342 20.96 7.70 0.73
CA GLN A 342 21.62 8.98 0.63
C GLN A 342 23.10 8.78 0.90
N ILE A 343 23.93 9.50 0.14
CA ILE A 343 25.37 9.49 0.37
C ILE A 343 25.79 10.89 0.78
N TYR A 344 26.62 10.98 1.82
CA TYR A 344 27.00 12.26 2.40
C TYR A 344 28.30 12.10 3.18
N GLN A 345 28.90 13.24 3.53
CA GLN A 345 30.08 13.30 4.38
C GLN A 345 29.85 14.03 5.70
N GLU A 346 29.03 15.06 5.71
CA GLU A 346 28.55 15.70 6.93
C GLU A 346 27.05 15.49 7.03
N PRO A 347 26.50 15.40 8.25
CA PRO A 347 25.06 15.13 8.38
C PRO A 347 24.21 16.22 7.75
N PHE A 348 23.16 15.80 7.03
CA PHE A 348 22.15 16.66 6.43
C PHE A 348 22.67 17.44 5.23
N LYS A 349 23.77 16.99 4.61
CA LYS A 349 24.30 17.61 3.38
C LYS A 349 24.64 16.48 2.41
N ASN A 350 23.64 16.07 1.64
CA ASN A 350 23.79 14.93 0.73
C ASN A 350 24.70 15.25 -0.45
N LEU A 351 25.57 14.30 -0.79
CA LEU A 351 26.25 14.36 -2.07
C LEU A 351 25.29 13.95 -3.19
N LYS A 352 24.56 12.87 -2.97
CA LYS A 352 23.50 12.47 -3.90
C LYS A 352 22.64 11.45 -3.18
N THR A 353 21.53 11.12 -3.81
CA THR A 353 20.62 10.08 -3.36
C THR A 353 20.46 9.06 -4.47
N GLY A 354 19.56 8.12 -4.26
CA GLY A 354 19.31 7.10 -5.24
C GLY A 354 18.34 6.08 -4.69
N LYS A 355 17.94 5.17 -5.57
CA LYS A 355 17.02 4.12 -5.17
C LYS A 355 17.41 2.79 -5.79
N TYR A 356 17.02 1.71 -5.10
CA TYR A 356 17.17 0.34 -5.57
C TYR A 356 15.84 -0.36 -5.37
N ALA A 357 15.33 -0.99 -6.44
CA ALA A 357 14.00 -1.56 -6.41
C ALA A 357 13.87 -2.72 -7.37
N ARG A 358 14.95 -3.42 -7.62
CA ARG A 358 14.90 -4.55 -8.53
C ARG A 358 14.50 -5.80 -7.77
N MET A 359 13.68 -6.65 -8.39
CA MET A 359 13.47 -8.00 -7.88
C MET A 359 14.35 -8.95 -8.68
N LYS A 360 15.39 -9.43 -8.04
CA LYS A 360 16.28 -10.42 -8.62
C LYS A 360 15.80 -11.79 -8.18
N GLY A 361 15.33 -12.59 -9.12
CA GLY A 361 14.91 -13.94 -8.83
C GLY A 361 13.44 -14.01 -8.46
N ALA A 362 12.91 -15.24 -8.55
CA ALA A 362 11.50 -15.46 -8.23
C ALA A 362 11.22 -15.31 -6.75
N HIS A 363 12.18 -15.67 -5.89
CA HIS A 363 11.97 -15.74 -4.44
C HIS A 363 13.18 -15.14 -3.73
N THR A 364 12.93 -14.23 -2.79
CA THR A 364 14.01 -13.50 -2.14
C THR A 364 13.51 -13.03 -0.76
N ASN A 365 14.40 -12.37 -0.02
CA ASN A 365 14.01 -11.75 1.25
C ASN A 365 14.65 -10.37 1.35
N ASP A 366 14.22 -9.61 2.36
CA ASP A 366 14.74 -8.26 2.59
C ASP A 366 16.25 -8.26 2.83
N VAL A 367 16.79 -9.30 3.47
CA VAL A 367 18.24 -9.29 3.73
C VAL A 367 19.02 -9.42 2.43
N LYS A 368 18.56 -10.29 1.54
CA LYS A 368 19.18 -10.41 0.23
C LYS A 368 19.13 -9.09 -0.53
N GLN A 369 17.95 -8.46 -0.57
CA GLN A 369 17.81 -7.21 -1.31
C GLN A 369 18.65 -6.11 -0.69
N LEU A 370 18.70 -6.05 0.65
CA LEU A 370 19.56 -5.09 1.31
C LEU A 370 21.01 -5.29 0.90
N THR A 371 21.44 -6.55 0.78
CA THR A 371 22.78 -6.86 0.30
C THR A 371 22.98 -6.37 -1.13
N GLU A 372 21.95 -6.48 -1.96
CA GLU A 372 22.05 -6.03 -3.34
C GLU A 372 22.06 -4.51 -3.42
N ALA A 373 21.29 -3.84 -2.56
CA ALA A 373 21.38 -2.38 -2.49
C ALA A 373 22.77 -1.93 -2.07
N VAL A 374 23.36 -2.62 -1.08
CA VAL A 374 24.72 -2.26 -0.66
C VAL A 374 25.70 -2.44 -1.81
N GLN A 375 25.49 -3.47 -2.61
CA GLN A 375 26.39 -3.74 -3.71
C GLN A 375 26.23 -2.71 -4.82
N LYS A 376 24.99 -2.27 -5.08
CA LYS A 376 24.79 -1.23 -6.08
C LYS A 376 25.43 0.08 -5.63
N ILE A 377 25.19 0.47 -4.38
CA ILE A 377 25.82 1.67 -3.83
C ILE A 377 27.35 1.55 -3.85
N ALA A 378 27.88 0.39 -3.43
CA ALA A 378 29.33 0.20 -3.44
C ALA A 378 29.90 0.38 -4.85
N THR A 379 29.19 -0.11 -5.87
CA THR A 379 29.69 0.04 -7.23
C THR A 379 29.61 1.51 -7.68
N GLU A 380 28.48 2.17 -7.41
CA GLU A 380 28.33 3.58 -7.75
C GLU A 380 29.44 4.41 -7.10
N SER A 381 29.78 4.09 -5.85
CA SER A 381 30.82 4.84 -5.15
C SER A 381 32.19 4.68 -5.80
N ILE A 382 32.51 3.48 -6.28
CA ILE A 382 33.78 3.28 -6.98
C ILE A 382 33.81 4.13 -8.24
N VAL A 383 32.69 4.20 -8.97
CA VAL A 383 32.62 4.91 -10.24
C VAL A 383 32.82 6.41 -10.04
N ILE A 384 32.22 6.98 -9.00
CA ILE A 384 32.19 8.43 -8.82
C ILE A 384 33.40 8.94 -8.04
N TRP A 385 33.75 8.27 -6.92
CA TRP A 385 34.79 8.74 -6.02
C TRP A 385 36.01 7.85 -5.94
N GLY A 386 35.93 6.62 -6.46
CA GLY A 386 37.06 5.73 -6.42
C GLY A 386 37.24 4.96 -5.14
N LYS A 387 36.26 4.99 -4.24
CA LYS A 387 36.36 4.20 -3.02
C LYS A 387 34.95 3.85 -2.57
N THR A 388 34.83 2.79 -1.72
CA THR A 388 33.49 2.50 -1.20
C THR A 388 33.25 3.28 0.09
N PRO A 389 31.99 3.52 0.44
CA PRO A 389 31.70 4.30 1.64
C PRO A 389 31.48 3.41 2.87
N LYS A 390 31.42 4.08 4.02
CA LYS A 390 30.95 3.44 5.24
C LYS A 390 29.42 3.41 5.22
N PHE A 391 28.85 2.31 5.69
CA PHE A 391 27.41 2.12 5.59
C PHE A 391 26.73 2.30 6.93
N LYS A 392 25.52 2.84 6.89
CA LYS A 392 24.64 2.87 8.05
C LYS A 392 23.35 2.15 7.65
N LEU A 393 23.15 0.93 8.20
CA LEU A 393 22.09 0.02 7.75
C LEU A 393 21.04 -0.19 8.83
N PRO A 394 19.79 -0.20 8.45
CA PRO A 394 18.71 -0.49 9.40
C PRO A 394 18.50 -2.00 9.60
N ILE A 395 19.55 -2.68 10.03
CA ILE A 395 19.51 -4.10 10.33
C ILE A 395 20.40 -4.35 11.55
N GLN A 396 19.91 -5.15 12.49
CA GLN A 396 20.68 -5.39 13.70
C GLN A 396 21.80 -6.38 13.43
N LYS A 397 22.83 -6.34 14.29
CA LYS A 397 23.96 -7.25 14.10
C LYS A 397 23.56 -8.70 14.31
N GLU A 398 22.64 -8.96 15.26
CA GLU A 398 22.17 -10.31 15.49
C GLU A 398 21.43 -10.84 14.28
N THR A 399 20.66 -9.97 13.60
CA THR A 399 19.93 -10.39 12.42
C THR A 399 20.89 -10.82 11.32
N TRP A 400 21.86 -9.95 10.99
CA TRP A 400 22.85 -10.30 9.98
C TRP A 400 23.62 -11.55 10.38
N GLU A 401 24.03 -11.64 11.66
CA GLU A 401 24.78 -12.79 12.11
C GLU A 401 23.97 -14.07 11.97
N ALA A 402 22.68 -14.02 12.28
CA ALA A 402 21.84 -15.19 12.06
C ALA A 402 21.71 -15.51 10.58
N TRP A 403 21.76 -14.49 9.71
CA TRP A 403 21.57 -14.75 8.30
C TRP A 403 22.76 -15.51 7.72
N TRP A 404 23.98 -15.00 7.94
CA TRP A 404 25.11 -15.60 7.25
C TRP A 404 25.61 -16.87 7.91
N THR A 405 25.03 -17.27 9.04
CA THR A 405 25.38 -18.56 9.59
C THR A 405 24.45 -19.66 9.12
N GLU A 406 23.17 -19.36 8.90
CA GLU A 406 22.22 -20.38 8.47
C GLU A 406 21.92 -20.31 6.98
N TYR A 407 22.58 -19.43 6.24
CA TYR A 407 22.48 -19.37 4.79
C TYR A 407 23.71 -20.04 4.20
N TRP A 408 23.51 -20.93 3.21
CA TRP A 408 24.60 -21.78 2.75
C TRP A 408 25.50 -21.09 1.73
N GLN A 409 25.03 -20.08 1.02
CA GLN A 409 25.91 -19.31 0.15
C GLN A 409 26.75 -18.35 0.96
N ALA A 410 27.98 -18.12 0.49
CA ALA A 410 28.82 -17.08 1.07
C ALA A 410 28.22 -15.70 0.81
N THR A 411 28.20 -14.87 1.84
CA THR A 411 27.73 -13.50 1.66
C THR A 411 28.43 -12.60 2.66
N TRP A 412 28.43 -11.30 2.37
CA TRP A 412 29.20 -10.36 3.16
C TRP A 412 28.69 -8.95 2.94
N ILE A 413 28.97 -8.10 3.93
CA ILE A 413 28.65 -6.67 3.90
C ILE A 413 29.86 -5.97 4.49
N PRO A 414 30.28 -4.84 3.95
CA PRO A 414 31.45 -4.14 4.52
C PRO A 414 31.24 -3.62 5.92
N GLU A 415 32.15 -2.75 6.35
CA GLU A 415 32.03 -2.09 7.64
C GLU A 415 30.75 -1.27 7.67
N TRP A 416 29.87 -1.57 8.63
CA TRP A 416 28.60 -0.88 8.71
C TRP A 416 28.21 -0.71 10.17
N GLU A 417 27.40 0.32 10.41
CA GLU A 417 26.95 0.69 11.75
C GLU A 417 25.42 0.64 11.76
N PHE A 418 24.86 0.06 12.81
CA PHE A 418 23.40 -0.07 12.89
C PHE A 418 22.76 1.28 13.13
N VAL A 419 21.72 1.57 12.35
CA VAL A 419 20.95 2.80 12.49
C VAL A 419 19.50 2.40 12.73
N ASN A 420 18.86 3.03 13.71
CA ASN A 420 17.50 2.66 14.09
C ASN A 420 16.52 3.61 13.41
N THR A 421 16.21 3.30 12.14
CA THR A 421 15.23 4.02 11.34
C THR A 421 14.17 3.02 10.89
N PRO A 422 13.18 2.73 11.71
CA PRO A 422 12.17 1.74 11.34
C PRO A 422 11.49 2.12 10.03
N PRO A 423 10.98 1.13 9.29
CA PRO A 423 10.96 -0.32 9.59
C PRO A 423 12.31 -1.00 9.37
N LEU A 424 12.72 -1.81 10.34
CA LEU A 424 14.00 -2.48 10.28
C LEU A 424 13.93 -3.71 9.39
N VAL A 425 15.09 -4.12 8.91
CA VAL A 425 15.23 -5.33 8.11
C VAL A 425 15.42 -6.49 9.08
N LYS A 426 14.55 -7.49 9.00
CA LYS A 426 14.62 -8.64 9.89
C LYS A 426 14.37 -9.93 9.11
N LEU A 427 14.81 -11.04 9.69
CA LEU A 427 14.36 -12.35 9.22
C LEU A 427 12.97 -12.62 9.78
N TRP A 428 12.04 -12.93 8.89
CA TRP A 428 10.63 -13.08 9.27
C TRP A 428 10.30 -14.45 9.85
N TYR A 429 11.21 -15.41 9.74
CA TYR A 429 11.08 -16.70 10.39
C TYR A 429 12.41 -17.41 10.24
N GLN A 430 12.63 -18.40 11.09
CA GLN A 430 13.85 -19.19 11.06
C GLN A 430 13.48 -20.65 11.18
N LEU A 431 14.01 -21.46 10.28
CA LEU A 431 13.80 -22.90 10.37
C LEU A 431 14.61 -23.48 11.52
N GLU A 432 13.98 -24.35 12.30
CA GLU A 432 14.68 -25.01 13.38
C GLU A 432 15.79 -25.90 12.84
N LYS A 433 16.92 -25.92 13.54
CA LYS A 433 18.04 -26.75 13.15
C LYS A 433 17.85 -28.22 13.53
N GLU A 434 17.01 -28.51 14.53
CA GLU A 434 16.76 -29.87 14.97
C GLU A 434 15.27 -30.08 15.17
N PRO A 435 14.78 -31.32 15.03
CA PRO A 435 13.34 -31.58 15.19
C PRO A 435 12.81 -31.18 16.56
N ILE A 436 11.52 -30.86 16.59
CA ILE A 436 10.89 -30.26 17.75
C ILE A 436 10.19 -31.35 18.56
N ILE A 437 10.62 -31.51 19.82
CA ILE A 437 9.96 -32.47 20.69
C ILE A 437 8.55 -31.99 20.98
N GLY A 438 7.60 -32.92 20.90
CA GLY A 438 6.20 -32.64 21.13
C GLY A 438 5.44 -32.22 19.90
N ALA A 439 6.13 -31.65 18.92
CA ALA A 439 5.49 -31.23 17.68
C ALA A 439 5.05 -32.44 16.85
N GLU A 440 3.87 -32.33 16.27
CA GLU A 440 3.37 -33.32 15.32
C GLU A 440 4.27 -33.40 14.09
N THR A 441 4.38 -34.61 13.53
CA THR A 441 5.21 -34.87 12.35
C THR A 441 4.33 -35.10 11.13
N PHE A 442 4.55 -34.32 10.09
CA PHE A 442 3.83 -34.41 8.83
C PHE A 442 4.78 -34.94 7.76
N TYR A 443 4.41 -36.07 7.16
CA TYR A 443 5.09 -36.58 5.97
C TYR A 443 4.27 -36.13 4.76
N VAL A 444 4.80 -35.17 4.04
CA VAL A 444 4.08 -34.55 2.92
C VAL A 444 4.56 -35.14 1.62
N ASP A 445 3.68 -35.12 0.62
CA ASP A 445 4.05 -35.54 -0.72
C ASP A 445 3.06 -34.94 -1.71
N GLY A 446 3.56 -34.61 -2.89
CA GLY A 446 2.71 -34.16 -3.97
C GLY A 446 3.10 -34.81 -5.28
N ALA A 447 2.12 -35.39 -5.97
CA ALA A 447 2.35 -36.05 -7.25
C ALA A 447 1.49 -35.39 -8.33
N ALA A 448 2.11 -35.11 -9.46
CA ALA A 448 1.42 -34.62 -10.65
C ALA A 448 1.79 -35.52 -11.82
N ASN A 449 0.94 -35.52 -12.84
CA ASN A 449 1.25 -36.28 -14.04
C ASN A 449 1.54 -35.32 -15.18
N ARG A 450 2.72 -35.47 -15.77
CA ARG A 450 3.24 -34.47 -16.70
C ARG A 450 2.35 -34.33 -17.92
N GLU A 451 1.75 -35.42 -18.38
CA GLU A 451 0.93 -35.34 -19.57
C GLU A 451 -0.54 -35.03 -19.23
N THR A 452 -0.98 -35.27 -18.00
CA THR A 452 -2.38 -35.07 -17.63
C THR A 452 -2.72 -33.60 -17.40
N LYS A 453 -1.92 -32.92 -16.58
CA LYS A 453 -2.12 -31.63 -15.91
C LYS A 453 -2.82 -31.77 -14.56
N LEU A 454 -3.27 -32.98 -14.19
CA LEU A 454 -3.94 -33.22 -12.93
C LEU A 454 -2.98 -33.82 -11.91
N GLY A 455 -3.19 -33.50 -10.63
CA GLY A 455 -2.31 -33.97 -9.58
C GLY A 455 -3.01 -34.11 -8.23
N LYS A 456 -2.23 -34.55 -7.24
CA LYS A 456 -2.70 -34.66 -5.87
C LYS A 456 -1.61 -34.17 -4.94
N ALA A 457 -2.01 -33.52 -3.85
CA ALA A 457 -1.10 -33.21 -2.76
C ALA A 457 -1.72 -33.70 -1.46
N GLY A 458 -0.88 -34.10 -0.51
CA GLY A 458 -1.41 -34.61 0.74
C GLY A 458 -0.34 -34.92 1.77
N TYR A 459 -0.77 -35.55 2.85
CA TYR A 459 0.13 -35.88 3.95
C TYR A 459 -0.45 -37.03 4.77
N VAL A 460 0.43 -37.70 5.53
CA VAL A 460 0.02 -38.53 6.66
C VAL A 460 0.85 -38.10 7.87
N THR A 461 0.46 -38.61 9.04
CA THR A 461 0.92 -38.02 10.29
C THR A 461 1.13 -39.09 11.36
N ASP A 462 2.14 -38.85 12.22
CA ASP A 462 2.45 -39.74 13.34
C ASP A 462 1.37 -39.72 14.41
N ARG A 463 0.65 -38.62 14.56
CA ARG A 463 -0.49 -38.56 15.47
C ARG A 463 -1.77 -39.02 14.81
N GLY A 464 -1.82 -39.11 13.50
CA GLY A 464 -2.97 -39.65 12.83
C GLY A 464 -3.77 -38.79 11.92
N ARG A 465 -3.17 -37.83 11.25
CA ARG A 465 -4.03 -37.16 10.26
C ARG A 465 -3.58 -37.53 8.88
N GLN A 466 -4.56 -37.61 8.00
CA GLN A 466 -4.32 -37.82 6.57
C GLN A 466 -5.21 -36.85 5.79
N LYS A 467 -4.74 -36.48 4.61
CA LYS A 467 -5.48 -35.58 3.75
C LYS A 467 -4.95 -35.69 2.34
N VAL A 468 -5.85 -35.77 1.37
CA VAL A 468 -5.52 -35.70 -0.06
C VAL A 468 -6.45 -34.70 -0.69
N VAL A 469 -5.90 -33.77 -1.46
CA VAL A 469 -6.69 -32.81 -2.22
C VAL A 469 -6.31 -32.95 -3.69
N PRO A 470 -7.28 -33.02 -4.61
CA PRO A 470 -6.95 -33.10 -6.02
C PRO A 470 -6.56 -31.74 -6.57
N LEU A 471 -5.61 -31.73 -7.49
CA LEU A 471 -5.11 -30.51 -8.11
C LEU A 471 -5.31 -30.57 -9.61
N THR A 472 -5.81 -29.47 -10.18
CA THR A 472 -6.15 -29.37 -11.59
C THR A 472 -5.28 -28.30 -12.23
N ASP A 473 -4.68 -28.60 -13.38
CA ASP A 473 -3.78 -27.68 -14.08
C ASP A 473 -2.62 -27.26 -13.17
N THR A 474 -1.80 -28.26 -12.85
CA THR A 474 -0.69 -28.10 -11.93
C THR A 474 0.56 -28.76 -12.55
N THR A 475 1.68 -28.61 -11.86
CA THR A 475 2.96 -29.20 -12.26
C THR A 475 3.46 -30.11 -11.14
N ASN A 476 4.52 -30.85 -11.46
CA ASN A 476 5.16 -31.69 -10.45
C ASN A 476 5.62 -30.86 -9.26
N GLN A 477 6.28 -29.74 -9.54
CA GLN A 477 6.82 -28.92 -8.48
C GLN A 477 5.72 -28.20 -7.72
N LYS A 478 4.62 -27.86 -8.38
CA LYS A 478 3.53 -27.19 -7.67
C LYS A 478 2.88 -28.11 -6.64
N THR A 479 2.60 -29.37 -7.01
CA THR A 479 1.99 -30.28 -6.06
C THR A 479 2.87 -30.49 -4.84
N GLU A 480 4.20 -30.37 -5.00
CA GLU A 480 5.07 -30.51 -3.85
C GLU A 480 4.96 -29.31 -2.93
N LEU A 481 4.97 -28.10 -3.50
CA LEU A 481 4.71 -26.91 -2.70
C LEU A 481 3.30 -26.96 -2.10
N GLN A 482 2.33 -27.45 -2.87
CA GLN A 482 0.96 -27.53 -2.38
C GLN A 482 0.88 -28.43 -1.15
N ALA A 483 1.63 -29.52 -1.15
CA ALA A 483 1.58 -30.44 -0.02
C ALA A 483 2.15 -29.80 1.24
N ILE A 484 3.26 -29.08 1.11
CA ILE A 484 3.82 -28.33 2.23
C ILE A 484 2.83 -27.28 2.72
N HIS A 485 2.11 -26.66 1.78
CA HIS A 485 1.09 -25.67 2.11
C HIS A 485 -0.01 -26.26 2.99
N LEU A 486 -0.43 -27.49 2.70
CA LEU A 486 -1.48 -28.12 3.49
C LEU A 486 -0.99 -28.48 4.88
N ALA A 487 0.25 -28.97 4.99
CA ALA A 487 0.78 -29.34 6.29
C ALA A 487 0.89 -28.12 7.20
N LEU A 488 1.33 -26.97 6.66
CA LEU A 488 1.34 -25.75 7.45
C LEU A 488 -0.09 -25.30 7.76
N GLN A 489 -1.02 -25.55 6.85
CA GLN A 489 -2.41 -25.14 7.03
C GLN A 489 -3.04 -25.85 8.22
N ASP A 490 -2.79 -27.14 8.36
CA ASP A 490 -3.49 -27.98 9.33
C ASP A 490 -2.69 -28.25 10.59
N SER A 491 -1.50 -27.69 10.74
CA SER A 491 -0.71 -28.00 11.91
C SER A 491 -0.77 -26.86 12.93
N GLY A 492 -0.40 -27.18 14.16
CA GLY A 492 -0.29 -26.19 15.20
C GLY A 492 0.89 -25.24 15.01
N LEU A 493 1.16 -24.49 16.09
CA LEU A 493 2.21 -23.47 16.05
C LEU A 493 3.61 -24.07 15.89
N GLU A 494 3.78 -25.34 16.23
CA GLU A 494 5.03 -26.05 16.04
C GLU A 494 4.78 -27.29 15.18
N VAL A 495 5.65 -27.56 14.21
CA VAL A 495 5.43 -28.65 13.27
C VAL A 495 6.77 -29.14 12.74
N ASN A 496 6.88 -30.47 12.63
CA ASN A 496 7.95 -31.13 11.88
C ASN A 496 7.38 -31.61 10.56
N ILE A 497 8.08 -31.31 9.47
CA ILE A 497 7.62 -31.67 8.12
C ILE A 497 8.75 -32.41 7.41
N VAL A 498 8.41 -33.51 6.72
CA VAL A 498 9.38 -34.23 5.90
C VAL A 498 8.80 -34.33 4.49
N THR A 499 9.55 -33.81 3.52
CA THR A 499 9.21 -33.79 2.10
C THR A 499 10.24 -34.60 1.34
N ASP A 500 9.94 -34.96 0.08
CA ASP A 500 10.94 -35.56 -0.78
C ASP A 500 11.31 -34.69 -1.98
N SER A 501 11.03 -33.40 -1.93
CA SER A 501 11.33 -32.50 -3.04
C SER A 501 12.48 -31.58 -2.65
N GLN A 502 13.65 -31.80 -3.25
CA GLN A 502 14.77 -30.88 -3.07
C GLN A 502 14.40 -29.50 -3.58
N TYR A 503 13.59 -29.43 -4.63
CA TYR A 503 13.08 -28.16 -5.11
C TYR A 503 12.41 -27.37 -3.99
N ALA A 504 11.38 -27.95 -3.36
CA ALA A 504 10.65 -27.20 -2.35
C ALA A 504 11.54 -26.87 -1.16
N LEU A 505 12.36 -27.83 -0.72
CA LEU A 505 13.24 -27.57 0.41
C LEU A 505 14.18 -26.43 0.10
N GLY A 506 14.74 -26.42 -1.12
CA GLY A 506 15.69 -25.37 -1.49
C GLY A 506 15.09 -23.98 -1.41
N ILE A 507 13.87 -23.82 -1.92
CA ILE A 507 13.20 -22.53 -1.84
C ILE A 507 13.01 -22.13 -0.39
N ILE A 508 12.40 -23.01 0.42
CA ILE A 508 11.98 -22.63 1.76
C ILE A 508 13.19 -22.40 2.66
N GLN A 509 14.22 -23.25 2.52
CA GLN A 509 15.38 -23.12 3.41
C GLN A 509 16.09 -21.80 3.24
N ALA A 510 15.94 -21.14 2.10
CA ALA A 510 16.51 -19.81 1.90
C ALA A 510 15.75 -18.72 2.65
N GLN A 511 14.74 -19.08 3.43
CA GLN A 511 13.92 -18.13 4.18
C GLN A 511 13.44 -16.94 3.34
N PRO A 512 12.69 -17.18 2.25
CA PRO A 512 12.13 -16.06 1.49
C PRO A 512 11.00 -15.39 2.25
N ASP A 513 10.92 -14.06 2.10
CA ASP A 513 9.79 -13.30 2.64
C ASP A 513 8.91 -12.68 1.56
N LYS A 514 9.24 -12.89 0.28
CA LYS A 514 8.41 -12.44 -0.83
C LYS A 514 8.68 -13.35 -2.03
N SER A 515 7.71 -13.44 -2.92
CA SER A 515 7.88 -14.30 -4.09
C SER A 515 6.94 -13.82 -5.20
N GLU A 516 7.33 -14.11 -6.44
CA GLU A 516 6.45 -13.80 -7.56
C GLU A 516 5.33 -14.83 -7.70
N SER A 517 5.40 -15.93 -6.97
CA SER A 517 4.39 -16.98 -6.97
C SER A 517 3.43 -16.75 -5.82
N GLU A 518 2.12 -16.78 -6.11
CA GLU A 518 1.15 -16.64 -5.04
C GLU A 518 1.14 -17.88 -4.14
N LEU A 519 1.52 -19.04 -4.68
CA LEU A 519 1.61 -20.23 -3.86
C LEU A 519 2.74 -20.12 -2.85
N VAL A 520 3.92 -19.67 -3.31
CA VAL A 520 5.01 -19.49 -2.37
C VAL A 520 4.70 -18.38 -1.37
N SER A 521 3.99 -17.32 -1.80
CA SER A 521 3.59 -16.28 -0.86
C SER A 521 2.66 -16.81 0.22
N GLN A 522 1.75 -17.71 -0.16
CA GLN A 522 0.87 -18.34 0.82
C GLN A 522 1.68 -19.15 1.82
N ILE A 523 2.71 -19.85 1.36
CA ILE A 523 3.57 -20.62 2.26
C ILE A 523 4.32 -19.68 3.19
N ILE A 524 4.77 -18.53 2.68
CA ILE A 524 5.54 -17.59 3.48
C ILE A 524 4.68 -17.00 4.58
N GLU A 525 3.42 -16.65 4.26
CA GLU A 525 2.55 -16.09 5.28
C GLU A 525 2.34 -17.08 6.43
N GLN A 526 2.38 -18.39 6.12
CA GLN A 526 2.15 -19.38 7.16
C GLN A 526 3.41 -19.68 7.96
N LEU A 527 4.58 -19.63 7.33
CA LEU A 527 5.83 -19.78 8.07
C LEU A 527 5.99 -18.68 9.11
N ILE A 528 5.53 -17.47 8.78
CA ILE A 528 5.63 -16.36 9.72
C ILE A 528 4.66 -16.54 10.89
N LYS A 529 3.47 -17.11 10.65
CA LYS A 529 2.53 -17.30 11.74
C LYS A 529 2.96 -18.39 12.72
N LYS A 530 3.80 -19.33 12.29
CA LYS A 530 4.24 -20.42 13.15
C LYS A 530 5.25 -19.94 14.19
N GLU A 531 5.43 -20.72 15.25
CA GLU A 531 6.47 -20.41 16.22
C GLU A 531 7.72 -21.26 16.06
N LYS A 532 7.58 -22.51 15.61
CA LYS A 532 8.70 -23.41 15.38
C LYS A 532 8.39 -24.31 14.19
N VAL A 533 9.32 -24.38 13.24
CA VAL A 533 9.17 -25.28 12.09
C VAL A 533 10.50 -25.97 11.81
N TYR A 534 10.45 -27.30 11.73
CA TYR A 534 11.58 -28.11 11.28
C TYR A 534 11.22 -28.76 9.94
N LEU A 535 12.13 -28.67 8.98
CA LEU A 535 11.88 -29.12 7.62
C LEU A 535 13.01 -30.05 7.22
N ALA A 536 12.67 -31.31 6.95
CA ALA A 536 13.64 -32.36 6.68
C ALA A 536 13.34 -33.01 5.35
N TRP A 537 14.37 -33.56 4.72
CA TRP A 537 14.26 -34.18 3.41
C TRP A 537 14.59 -35.66 3.49
N VAL A 538 13.94 -36.44 2.62
CA VAL A 538 14.27 -37.86 2.42
C VAL A 538 14.19 -38.15 0.94
N PRO A 539 14.88 -39.20 0.49
CA PRO A 539 14.75 -39.61 -0.92
C PRO A 539 13.44 -40.32 -1.17
N ALA A 540 12.86 -40.08 -2.33
CA ALA A 540 11.58 -40.68 -2.68
C ALA A 540 11.77 -42.12 -3.16
N HIS A 541 10.69 -42.88 -3.08
CA HIS A 541 10.61 -44.22 -3.69
C HIS A 541 11.61 -45.21 -3.10
N LYS A 542 11.96 -45.03 -1.82
CA LYS A 542 12.87 -45.95 -1.14
C LYS A 542 12.21 -46.61 0.06
N GLY A 543 10.89 -46.55 0.16
CA GLY A 543 10.16 -47.22 1.22
C GLY A 543 10.50 -46.74 2.62
N ILE A 544 10.83 -45.45 2.77
CA ILE A 544 11.13 -44.89 4.09
C ILE A 544 9.82 -44.60 4.81
N GLY A 545 9.69 -45.14 6.03
CA GLY A 545 8.44 -45.05 6.76
C GLY A 545 7.94 -43.65 6.98
N GLY A 546 6.68 -43.40 6.62
CA GLY A 546 6.12 -42.07 6.63
C GLY A 546 6.07 -41.54 5.22
N ASN A 547 7.25 -41.29 4.63
CA ASN A 547 7.29 -40.91 3.23
C ASN A 547 6.68 -41.96 2.33
N GLU A 548 6.82 -43.24 2.70
CA GLU A 548 6.32 -44.32 1.84
C GLU A 548 4.80 -44.33 1.81
N GLN A 549 4.18 -44.21 2.98
CA GLN A 549 2.73 -44.36 3.05
C GLN A 549 2.00 -43.13 2.51
N VAL A 550 2.60 -41.94 2.60
CA VAL A 550 1.97 -40.76 2.00
C VAL A 550 2.07 -40.84 0.47
N ASP A 551 3.19 -41.36 -0.05
CA ASP A 551 3.29 -41.59 -1.48
C ASP A 551 2.34 -42.70 -1.91
N LYS A 552 2.26 -43.76 -1.11
CA LYS A 552 1.23 -44.79 -1.25
C LYS A 552 -0.18 -44.23 -1.37
N LEU A 553 -0.41 -43.02 -0.86
CA LEU A 553 -1.74 -42.45 -0.77
C LEU A 553 -2.01 -41.45 -1.88
N VAL A 554 -1.00 -40.67 -2.27
CA VAL A 554 -1.14 -39.74 -3.38
C VAL A 554 -1.13 -40.45 -4.72
N SER A 555 -0.87 -41.76 -4.73
CA SER A 555 -0.94 -42.63 -5.92
C SER A 555 -0.60 -41.95 -7.24
N ILE B 21 64.37 -10.63 -32.88
CA ILE B 21 63.75 -11.96 -32.84
C ILE B 21 62.61 -12.03 -33.87
N GLU B 22 62.36 -13.22 -34.39
CA GLU B 22 61.29 -13.47 -35.34
C GLU B 22 60.02 -13.87 -34.59
N THR B 23 58.88 -13.33 -35.01
CA THR B 23 57.62 -13.64 -34.35
C THR B 23 57.11 -15.00 -34.80
N VAL B 24 56.56 -15.74 -33.85
CA VAL B 24 55.88 -17.00 -34.15
C VAL B 24 54.45 -16.68 -34.59
N PRO B 25 54.00 -17.19 -35.75
CA PRO B 25 52.63 -16.88 -36.20
C PRO B 25 51.59 -17.57 -35.32
N VAL B 26 50.64 -16.78 -34.84
CA VAL B 26 49.58 -17.28 -33.97
C VAL B 26 48.23 -17.01 -34.62
N LYS B 27 47.26 -17.86 -34.28
CA LYS B 27 45.92 -17.73 -34.83
C LYS B 27 44.91 -17.97 -33.71
N LEU B 28 43.75 -17.36 -33.84
CA LEU B 28 42.62 -17.76 -33.03
C LEU B 28 42.03 -19.05 -33.59
N LYS B 29 41.19 -19.71 -32.79
CA LYS B 29 40.57 -20.94 -33.24
C LYS B 29 39.61 -20.65 -34.41
N PRO B 30 39.39 -21.63 -35.29
CA PRO B 30 38.53 -21.42 -36.46
C PRO B 30 37.13 -20.92 -36.06
N GLY B 31 36.73 -19.82 -36.69
CA GLY B 31 35.38 -19.31 -36.50
C GLY B 31 35.17 -18.49 -35.24
N MET B 32 36.23 -18.07 -34.57
CA MET B 32 36.12 -17.27 -33.35
C MET B 32 36.75 -15.90 -33.57
N ASP B 33 36.18 -14.90 -32.92
CA ASP B 33 36.75 -13.56 -32.92
C ASP B 33 37.44 -13.28 -31.59
N GLY B 34 38.11 -12.12 -31.53
CA GLY B 34 38.82 -11.75 -30.35
C GLY B 34 37.90 -11.42 -29.20
N PRO B 35 38.48 -11.14 -28.03
CA PRO B 35 37.67 -10.84 -26.85
C PRO B 35 37.00 -9.47 -26.94
N LYS B 36 35.72 -9.40 -26.49
CA LYS B 36 35.01 -8.13 -26.45
C LYS B 36 34.33 -7.96 -25.07
N VAL B 37 35.16 -7.79 -24.04
CA VAL B 37 34.73 -7.80 -22.64
C VAL B 37 34.93 -6.41 -22.05
N LYS B 38 33.85 -5.86 -21.47
CA LYS B 38 33.88 -4.50 -20.95
C LYS B 38 34.71 -4.36 -19.69
N GLN B 39 35.41 -3.24 -19.57
CA GLN B 39 36.13 -2.93 -18.35
C GLN B 39 35.17 -2.63 -17.21
N TRP B 40 35.55 -3.03 -16.00
CA TRP B 40 34.75 -2.77 -14.82
C TRP B 40 35.38 -1.66 -13.99
N PRO B 41 34.63 -1.10 -13.04
CA PRO B 41 35.17 0.04 -12.27
C PRO B 41 36.29 -0.37 -11.35
N LEU B 42 37.25 0.54 -11.18
CA LEU B 42 38.44 0.31 -10.36
C LEU B 42 38.56 1.41 -9.32
N THR B 43 39.14 1.05 -8.18
CA THR B 43 39.36 2.03 -7.12
C THR B 43 40.44 3.03 -7.53
N GLU B 44 40.55 4.10 -6.74
CA GLU B 44 41.53 5.14 -7.05
C GLU B 44 42.96 4.56 -7.06
N GLU B 45 43.29 3.76 -6.04
CA GLU B 45 44.65 3.25 -5.94
C GLU B 45 45.01 2.30 -7.08
N LYS B 46 44.04 1.52 -7.57
CA LYS B 46 44.36 0.62 -8.67
C LYS B 46 44.49 1.38 -9.99
N ILE B 47 43.69 2.43 -10.19
CA ILE B 47 43.82 3.23 -11.40
C ILE B 47 45.18 3.93 -11.45
N LYS B 48 45.59 4.55 -10.34
CA LYS B 48 46.89 5.21 -10.32
C LYS B 48 48.02 4.21 -10.63
N ALA B 49 47.94 3.01 -10.05
CA ALA B 49 48.98 2.01 -10.27
C ALA B 49 49.02 1.57 -11.71
N LEU B 50 47.86 1.28 -12.30
CA LEU B 50 47.83 0.89 -13.70
C LEU B 50 48.40 1.99 -14.58
N VAL B 51 48.07 3.26 -14.29
CA VAL B 51 48.61 4.35 -15.10
C VAL B 51 50.11 4.47 -14.90
N GLU B 52 50.57 4.29 -13.66
CA GLU B 52 52.02 4.29 -13.43
C GLU B 52 52.69 3.14 -14.17
N ILE B 53 52.09 1.95 -14.12
CA ILE B 53 52.70 0.77 -14.74
C ILE B 53 52.74 0.92 -16.26
N CYS B 54 51.60 1.27 -16.87
CA CYS B 54 51.50 1.23 -18.33
C CYS B 54 52.27 2.34 -19.01
N THR B 55 52.35 3.51 -18.40
CA THR B 55 53.12 4.59 -19.01
C THR B 55 54.59 4.18 -19.10
N GLU B 56 55.08 3.46 -18.10
CA GLU B 56 56.43 2.93 -18.16
C GLU B 56 56.54 1.81 -19.19
N MET B 57 55.52 0.96 -19.28
CA MET B 57 55.52 -0.09 -20.30
C MET B 57 55.43 0.50 -21.71
N GLU B 58 54.70 1.60 -21.87
CA GLU B 58 54.64 2.26 -23.17
C GLU B 58 56.02 2.79 -23.57
N LYS B 59 56.73 3.43 -22.63
CA LYS B 59 58.05 3.96 -22.91
C LYS B 59 59.01 2.86 -23.34
N GLU B 60 59.06 1.77 -22.58
CA GLU B 60 59.94 0.67 -22.92
C GLU B 60 59.49 -0.10 -24.15
N GLY B 61 58.40 0.33 -24.80
CA GLY B 61 57.92 -0.28 -26.02
C GLY B 61 57.12 -1.55 -25.86
N LYS B 62 56.86 -2.00 -24.62
CA LYS B 62 56.16 -3.26 -24.42
C LYS B 62 54.68 -3.16 -24.80
N ILE B 63 54.09 -1.98 -24.69
CA ILE B 63 52.72 -1.75 -25.14
C ILE B 63 52.69 -0.44 -25.91
N SER B 64 51.60 -0.24 -26.66
CA SER B 64 51.42 0.94 -27.47
C SER B 64 50.00 1.48 -27.28
N LYS B 65 49.86 2.79 -27.34
CA LYS B 65 48.55 3.42 -27.25
C LYS B 65 47.79 3.20 -28.54
N ILE B 66 46.53 2.80 -28.42
CA ILE B 66 45.67 2.52 -29.57
C ILE B 66 44.38 3.31 -29.41
N GLY B 67 43.57 3.28 -30.47
CA GLY B 67 42.30 3.95 -30.47
C GLY B 67 41.12 2.99 -30.51
N PRO B 68 39.95 3.48 -30.91
CA PRO B 68 38.75 2.65 -30.89
C PRO B 68 38.50 1.86 -32.17
N GLU B 69 39.32 2.05 -33.20
CA GLU B 69 39.18 1.23 -34.41
C GLU B 69 39.54 -0.22 -34.15
N ASN B 70 40.30 -0.48 -33.08
CA ASN B 70 40.47 -1.82 -32.55
C ASN B 70 39.23 -2.22 -31.78
N PRO B 71 38.46 -3.19 -32.26
CA PRO B 71 37.16 -3.51 -31.66
C PRO B 71 37.23 -4.48 -30.50
N TYR B 72 38.42 -4.77 -29.96
CA TYR B 72 38.59 -5.78 -28.94
C TYR B 72 38.95 -5.15 -27.60
N ASN B 73 38.64 -5.87 -26.52
CA ASN B 73 38.94 -5.39 -25.18
C ASN B 73 38.87 -6.54 -24.20
N THR B 74 39.70 -6.45 -23.16
CA THR B 74 39.81 -7.39 -22.08
C THR B 74 39.96 -6.59 -20.79
N PRO B 75 39.31 -7.00 -19.70
CA PRO B 75 39.40 -6.23 -18.46
C PRO B 75 40.81 -6.27 -17.89
N VAL B 76 41.20 -5.14 -17.28
CA VAL B 76 42.45 -5.04 -16.54
C VAL B 76 42.14 -4.63 -15.11
N PHE B 77 42.95 -5.15 -14.18
CA PHE B 77 42.94 -4.60 -12.83
C PHE B 77 44.33 -4.81 -12.23
N ALA B 78 44.46 -4.59 -10.92
CA ALA B 78 45.75 -4.70 -10.26
C ALA B 78 45.59 -5.37 -8.91
N ILE B 79 46.60 -6.16 -8.54
CA ILE B 79 46.66 -6.79 -7.23
C ILE B 79 47.97 -6.39 -6.56
N LYS B 80 47.92 -6.23 -5.24
CA LYS B 80 49.10 -5.92 -4.46
C LYS B 80 49.13 -6.86 -3.27
N LYS B 81 50.17 -7.66 -3.16
CA LYS B 81 50.32 -8.48 -1.98
C LYS B 81 50.94 -7.65 -0.85
N LYS B 82 50.60 -8.01 0.39
CA LYS B 82 51.47 -7.68 1.51
C LYS B 82 52.57 -8.71 1.64
N ASP B 83 52.53 -9.75 0.81
CA ASP B 83 53.72 -10.54 0.51
C ASP B 83 54.81 -9.69 -0.12
N SER B 84 54.42 -8.66 -0.88
CA SER B 84 55.33 -7.64 -1.41
C SER B 84 54.53 -6.43 -1.88
N THR B 85 54.72 -5.29 -1.22
CA THR B 85 53.77 -4.17 -1.28
C THR B 85 53.86 -3.33 -2.55
N LYS B 86 54.30 -3.94 -3.65
CA LYS B 86 54.25 -3.32 -4.96
C LYS B 86 53.02 -3.83 -5.71
N TRP B 87 52.39 -2.94 -6.48
CA TRP B 87 51.23 -3.33 -7.28
C TRP B 87 51.68 -4.15 -8.48
N ARG B 88 50.88 -5.17 -8.82
CA ARG B 88 51.10 -5.97 -10.02
C ARG B 88 49.88 -5.83 -10.94
N LYS B 89 50.13 -5.46 -12.19
CA LYS B 89 49.06 -5.37 -13.17
C LYS B 89 48.62 -6.78 -13.60
N LEU B 90 47.30 -6.97 -13.67
CA LEU B 90 46.70 -8.26 -13.99
C LEU B 90 45.61 -8.06 -15.05
N VAL B 91 45.85 -8.58 -16.25
CA VAL B 91 44.90 -8.51 -17.35
C VAL B 91 44.21 -9.87 -17.43
N ASP B 92 42.87 -9.87 -17.36
CA ASP B 92 42.07 -11.09 -17.27
C ASP B 92 41.85 -11.67 -18.67
N PHE B 93 42.90 -12.30 -19.19
CA PHE B 93 42.88 -12.85 -20.54
C PHE B 93 42.12 -14.17 -20.62
N ARG B 94 41.17 -14.39 -19.71
CA ARG B 94 40.48 -15.67 -19.70
C ARG B 94 39.74 -15.90 -21.00
N GLU B 95 39.07 -14.87 -21.52
CA GLU B 95 38.34 -15.03 -22.77
C GLU B 95 39.30 -15.24 -23.93
N LEU B 96 40.38 -14.45 -24.00
CA LEU B 96 41.34 -14.57 -25.09
C LEU B 96 41.99 -15.96 -25.10
N ASN B 97 42.35 -16.48 -23.92
CA ASN B 97 42.95 -17.80 -23.86
C ASN B 97 41.99 -18.86 -24.35
N LYS B 98 40.71 -18.73 -24.03
CA LYS B 98 39.70 -19.67 -24.51
C LYS B 98 39.62 -19.70 -26.03
N ARG B 99 39.86 -18.57 -26.70
CA ARG B 99 39.71 -18.48 -28.14
C ARG B 99 41.03 -18.62 -28.89
N THR B 100 42.13 -18.88 -28.18
CA THR B 100 43.44 -18.98 -28.80
C THR B 100 43.72 -20.41 -29.22
N GLN B 101 44.40 -20.58 -30.34
CA GLN B 101 44.74 -21.91 -30.85
C GLN B 101 45.50 -22.72 -29.80
N ASP B 102 45.24 -24.02 -29.78
CA ASP B 102 45.97 -24.88 -28.87
C ASP B 102 47.42 -24.94 -29.28
N PHE B 103 48.30 -25.06 -28.30
CA PHE B 103 49.73 -25.15 -28.56
C PHE B 103 50.28 -26.54 -28.31
N TRP B 104 49.52 -27.41 -27.63
CA TRP B 104 49.82 -28.83 -27.68
C TRP B 104 49.46 -29.42 -29.03
N GLU B 105 48.52 -28.79 -29.74
CA GLU B 105 48.27 -29.14 -31.14
C GLU B 105 49.50 -28.93 -32.03
N VAL B 106 50.29 -27.87 -31.76
CA VAL B 106 51.42 -27.46 -32.61
C VAL B 106 52.77 -27.77 -31.97
N GLN B 107 52.81 -28.74 -31.03
CA GLN B 107 54.06 -29.35 -30.54
C GLN B 107 54.85 -28.43 -29.60
N LEU B 108 54.17 -27.50 -28.90
CA LEU B 108 54.89 -26.51 -28.08
C LEU B 108 54.33 -26.32 -26.67
N GLY B 109 53.40 -27.15 -26.20
CA GLY B 109 52.99 -27.12 -24.81
C GLY B 109 54.08 -27.63 -23.88
N ILE B 110 53.88 -27.44 -22.58
CA ILE B 110 54.86 -27.79 -21.55
C ILE B 110 54.35 -29.01 -20.79
N PRO B 111 55.11 -30.10 -20.73
CA PRO B 111 54.65 -31.28 -20.00
C PRO B 111 54.75 -31.09 -18.50
N HIS B 112 53.78 -31.67 -17.78
CA HIS B 112 53.67 -31.60 -16.33
C HIS B 112 54.45 -32.74 -15.69
N PRO B 113 55.33 -32.47 -14.72
CA PRO B 113 56.07 -33.57 -14.08
C PRO B 113 55.33 -34.12 -12.88
N ALA B 114 55.11 -35.45 -12.87
CA ALA B 114 54.41 -36.10 -11.77
C ALA B 114 55.23 -36.16 -10.49
N GLY B 115 56.46 -35.65 -10.51
CA GLY B 115 57.26 -35.59 -9.30
C GLY B 115 56.98 -34.41 -8.42
N LEU B 116 56.47 -33.31 -8.98
CA LEU B 116 56.32 -32.08 -8.20
C LEU B 116 55.41 -32.28 -7.00
N LYS B 117 54.34 -33.05 -7.15
CA LYS B 117 53.37 -33.17 -6.07
C LYS B 117 53.89 -33.93 -4.85
N GLN B 118 55.12 -34.45 -4.86
CA GLN B 118 55.63 -35.26 -3.76
C GLN B 118 56.79 -34.64 -3.02
N LYS B 119 57.16 -33.40 -3.32
CA LYS B 119 58.34 -32.81 -2.73
C LYS B 119 58.03 -32.08 -1.43
N LYS B 120 59.05 -31.98 -0.57
CA LYS B 120 58.85 -31.40 0.76
C LYS B 120 58.19 -30.02 0.66
N SER B 121 58.84 -29.09 -0.02
CA SER B 121 58.29 -27.76 -0.21
C SER B 121 58.34 -27.42 -1.70
N VAL B 122 57.34 -26.65 -2.13
CA VAL B 122 57.26 -26.11 -3.49
C VAL B 122 57.03 -24.61 -3.35
N THR B 123 57.99 -23.80 -3.79
CA THR B 123 57.87 -22.36 -3.79
C THR B 123 57.45 -21.88 -5.18
N VAL B 124 56.64 -20.82 -5.21
CA VAL B 124 56.09 -20.28 -6.46
C VAL B 124 56.78 -18.95 -6.77
N LEU B 125 57.28 -18.81 -8.00
CA LEU B 125 57.96 -17.62 -8.47
C LEU B 125 57.22 -16.99 -9.64
N ASP B 126 57.14 -15.66 -9.64
CA ASP B 126 56.49 -14.89 -10.71
C ASP B 126 57.56 -14.52 -11.74
N VAL B 127 57.57 -15.23 -12.85
CA VAL B 127 58.56 -15.03 -13.90
C VAL B 127 57.94 -14.41 -15.16
N GLY B 128 56.77 -13.78 -15.02
CA GLY B 128 56.08 -13.25 -16.18
C GLY B 128 56.88 -12.21 -16.93
N ASP B 129 57.75 -11.47 -16.22
CA ASP B 129 58.48 -10.37 -16.84
C ASP B 129 59.45 -10.84 -17.91
N ALA B 130 59.88 -12.10 -17.85
CA ALA B 130 60.73 -12.66 -18.90
C ALA B 130 60.03 -12.69 -20.25
N TYR B 131 58.70 -12.70 -20.25
CA TYR B 131 57.98 -12.72 -21.52
C TYR B 131 58.17 -11.44 -22.30
N PHE B 132 58.44 -10.33 -21.60
CA PHE B 132 58.48 -9.01 -22.22
C PHE B 132 59.71 -8.79 -23.13
N SER B 133 60.52 -9.82 -23.39
CA SER B 133 61.66 -9.68 -24.29
C SER B 133 61.46 -10.42 -25.60
N VAL B 134 60.26 -10.95 -25.85
CA VAL B 134 59.96 -11.68 -27.07
C VAL B 134 58.79 -10.97 -27.76
N PRO B 135 58.95 -10.56 -29.03
CA PRO B 135 57.84 -9.86 -29.71
C PRO B 135 56.72 -10.81 -30.11
N LEU B 136 55.51 -10.27 -30.05
CA LEU B 136 54.30 -11.01 -30.40
C LEU B 136 53.92 -10.67 -31.84
N ASP B 137 53.53 -11.70 -32.59
CA ASP B 137 53.04 -11.54 -33.95
C ASP B 137 52.16 -10.30 -34.06
N LYS B 138 52.61 -9.32 -34.85
CA LYS B 138 51.88 -8.05 -34.92
C LYS B 138 50.44 -8.26 -35.37
N ASP B 139 50.17 -9.28 -36.19
CA ASP B 139 48.82 -9.58 -36.60
C ASP B 139 47.93 -10.03 -35.43
N PHE B 140 48.54 -10.48 -34.33
CA PHE B 140 47.79 -10.93 -33.17
C PHE B 140 47.64 -9.87 -32.08
N ARG B 141 48.44 -8.80 -32.14
CA ARG B 141 48.51 -7.85 -31.03
C ARG B 141 47.16 -7.21 -30.75
N LYS B 142 46.39 -6.93 -31.81
CA LYS B 142 45.12 -6.23 -31.66
C LYS B 142 44.13 -6.98 -30.78
N TYR B 143 44.34 -8.28 -30.54
CA TYR B 143 43.44 -9.03 -29.66
C TYR B 143 43.77 -8.82 -28.19
N THR B 144 44.85 -8.12 -27.86
CA THR B 144 45.34 -7.97 -26.50
C THR B 144 44.97 -6.62 -25.90
N ALA B 145 44.05 -5.89 -26.53
CA ALA B 145 43.73 -4.53 -26.11
C ALA B 145 43.03 -4.50 -24.75
N PHE B 146 43.34 -3.47 -23.96
CA PHE B 146 42.67 -3.19 -22.70
C PHE B 146 42.54 -1.68 -22.52
N THR B 147 41.69 -1.29 -21.57
CA THR B 147 41.26 0.10 -21.41
C THR B 147 41.32 0.48 -19.94
N ILE B 148 42.14 1.46 -19.61
CA ILE B 148 42.20 1.95 -18.23
C ILE B 148 41.03 2.91 -18.02
N PRO B 149 40.26 2.76 -16.93
CA PRO B 149 39.12 3.65 -16.71
C PRO B 149 39.47 4.96 -16.01
N SER B 150 38.44 5.75 -15.73
CA SER B 150 38.56 7.11 -15.25
C SER B 150 37.70 7.29 -14.00
N ILE B 151 38.27 7.89 -12.96
CA ILE B 151 37.49 8.24 -11.77
C ILE B 151 36.47 9.30 -12.13
N ASN B 152 35.21 9.04 -11.78
CA ASN B 152 34.07 9.89 -12.15
C ASN B 152 33.99 10.14 -13.66
N ASN B 153 34.60 9.27 -14.45
CA ASN B 153 34.62 9.40 -15.91
C ASN B 153 35.05 10.80 -16.33
N GLU B 154 36.09 11.30 -15.66
CA GLU B 154 36.65 12.59 -16.02
C GLU B 154 37.17 12.59 -17.45
N THR B 155 37.59 11.45 -17.94
CA THR B 155 38.17 11.31 -19.26
C THR B 155 37.64 10.04 -19.89
N PRO B 156 37.69 9.92 -21.21
CA PRO B 156 37.42 8.64 -21.84
C PRO B 156 38.46 7.61 -21.44
N GLY B 157 38.11 6.33 -21.62
CA GLY B 157 39.07 5.27 -21.37
C GLY B 157 40.32 5.44 -22.21
N ILE B 158 41.44 4.98 -21.68
CA ILE B 158 42.73 5.00 -22.38
C ILE B 158 43.08 3.56 -22.74
N ARG B 159 43.36 3.32 -24.02
CA ARG B 159 43.49 1.97 -24.56
C ARG B 159 44.93 1.63 -24.95
N TYR B 160 45.33 0.39 -24.68
CA TYR B 160 46.65 -0.10 -25.00
C TYR B 160 46.55 -1.50 -25.60
N GLN B 161 47.60 -1.89 -26.33
CA GLN B 161 47.76 -3.26 -26.76
C GLN B 161 49.23 -3.65 -26.61
N TYR B 162 49.46 -4.95 -26.39
CA TYR B 162 50.81 -5.45 -26.20
C TYR B 162 51.56 -5.53 -27.53
N ASN B 163 52.88 -5.36 -27.45
CA ASN B 163 53.78 -5.66 -28.56
C ASN B 163 54.66 -6.87 -28.26
N VAL B 164 54.62 -7.38 -27.03
CA VAL B 164 55.44 -8.49 -26.60
C VAL B 164 54.51 -9.60 -26.13
N LEU B 165 55.08 -10.72 -25.70
CA LEU B 165 54.27 -11.78 -25.09
C LEU B 165 53.62 -11.23 -23.82
N PRO B 166 52.29 -11.18 -23.75
CA PRO B 166 51.64 -10.63 -22.56
C PRO B 166 51.65 -11.61 -21.39
N GLN B 167 51.78 -11.06 -20.19
CA GLN B 167 51.47 -11.81 -18.98
C GLN B 167 50.00 -12.25 -19.02
N GLY B 168 49.75 -13.47 -18.56
CA GLY B 168 48.42 -14.02 -18.52
C GLY B 168 47.91 -14.61 -19.81
N TRP B 169 48.61 -14.40 -20.92
CA TRP B 169 48.21 -15.06 -22.15
C TRP B 169 48.82 -16.46 -22.19
N LYS B 170 47.96 -17.46 -22.45
CA LYS B 170 48.41 -18.85 -22.42
C LYS B 170 49.41 -19.15 -23.54
N GLY B 171 49.50 -18.30 -24.56
CA GLY B 171 50.49 -18.51 -25.60
C GLY B 171 51.90 -18.12 -25.22
N SER B 172 52.06 -17.23 -24.23
CA SER B 172 53.38 -16.78 -23.82
C SER B 172 54.24 -17.90 -23.26
N PRO B 173 53.76 -18.74 -22.33
CA PRO B 173 54.59 -19.89 -21.93
C PRO B 173 54.96 -20.82 -23.08
N ALA B 174 54.06 -21.02 -24.05
CA ALA B 174 54.35 -21.93 -25.16
C ALA B 174 55.42 -21.36 -26.08
N ILE B 175 55.27 -20.10 -26.46
CA ILE B 175 56.24 -19.49 -27.36
C ILE B 175 57.60 -19.34 -26.68
N PHE B 176 57.60 -19.03 -25.38
CA PHE B 176 58.83 -18.81 -24.63
C PHE B 176 59.46 -20.12 -24.17
N GLN B 177 58.84 -21.27 -24.48
CA GLN B 177 59.24 -22.53 -23.85
C GLN B 177 60.70 -22.85 -24.13
N SER B 178 61.12 -22.75 -25.39
CA SER B 178 62.49 -23.14 -25.73
C SER B 178 63.52 -22.23 -25.06
N SER B 179 63.20 -20.95 -24.87
CA SER B 179 64.11 -20.05 -24.19
C SER B 179 64.26 -20.40 -22.72
N MET B 180 63.13 -20.56 -22.01
CA MET B 180 63.17 -20.82 -20.57
C MET B 180 63.90 -22.12 -20.26
N THR B 181 63.75 -23.13 -21.13
CA THR B 181 64.40 -24.40 -20.84
C THR B 181 65.93 -24.26 -20.87
N LYS B 182 66.46 -23.44 -21.78
CA LYS B 182 67.89 -23.20 -21.77
C LYS B 182 68.32 -22.26 -20.64
N ILE B 183 67.45 -21.37 -20.19
CA ILE B 183 67.77 -20.57 -19.01
C ILE B 183 67.90 -21.46 -17.78
N LEU B 184 67.20 -22.60 -17.75
CA LEU B 184 67.07 -23.40 -16.55
C LEU B 184 68.02 -24.60 -16.49
N GLU B 185 68.51 -25.09 -17.63
CA GLU B 185 69.24 -26.36 -17.63
C GLU B 185 70.49 -26.38 -16.77
N PRO B 186 71.29 -25.30 -16.66
CA PRO B 186 72.34 -25.31 -15.63
C PRO B 186 71.81 -25.57 -14.25
N PHE B 187 70.72 -24.91 -13.87
CA PHE B 187 70.11 -25.18 -12.57
C PHE B 187 69.59 -26.60 -12.49
N ARG B 188 69.00 -27.08 -13.58
CA ARG B 188 68.47 -28.45 -13.62
C ARG B 188 69.54 -29.53 -13.44
N LYS B 189 70.75 -29.28 -13.91
CA LYS B 189 71.77 -30.30 -13.78
C LYS B 189 72.53 -30.15 -12.47
N GLN B 190 72.88 -28.94 -12.10
CA GLN B 190 73.51 -28.70 -10.80
C GLN B 190 72.61 -29.12 -9.65
N ASN B 191 71.31 -29.22 -9.86
CA ASN B 191 70.36 -29.67 -8.85
C ASN B 191 69.36 -30.61 -9.50
N PRO B 192 69.71 -31.88 -9.65
CA PRO B 192 68.90 -32.79 -10.46
C PRO B 192 67.67 -33.29 -9.76
N ASP B 193 67.63 -33.26 -8.43
CA ASP B 193 66.50 -33.74 -7.66
C ASP B 193 65.49 -32.65 -7.35
N ILE B 194 65.67 -31.46 -7.92
CA ILE B 194 64.64 -30.41 -7.89
C ILE B 194 63.84 -30.52 -9.17
N VAL B 195 62.52 -30.39 -9.06
CA VAL B 195 61.63 -30.46 -10.22
C VAL B 195 60.93 -29.12 -10.34
N ILE B 196 60.99 -28.55 -11.54
CA ILE B 196 60.44 -27.22 -11.82
C ILE B 196 59.36 -27.37 -12.88
N TYR B 197 58.22 -26.72 -12.66
CA TYR B 197 57.09 -26.75 -13.59
C TYR B 197 56.65 -25.32 -13.86
N GLN B 198 56.67 -24.92 -15.13
CA GLN B 198 56.15 -23.62 -15.52
C GLN B 198 54.69 -23.74 -15.86
N TYR B 199 53.87 -22.88 -15.24
CA TYR B 199 52.45 -22.78 -15.52
C TYR B 199 52.10 -21.30 -15.66
N MET B 200 51.71 -20.89 -16.87
CA MET B 200 51.33 -19.50 -17.15
C MET B 200 52.54 -18.63 -16.83
N ASP B 201 52.41 -17.58 -16.01
CA ASP B 201 53.54 -16.72 -15.66
C ASP B 201 54.31 -17.24 -14.45
N ASP B 202 54.00 -18.43 -13.95
CA ASP B 202 54.53 -18.89 -12.68
C ASP B 202 55.54 -20.01 -12.87
N LEU B 203 56.46 -20.12 -11.91
CA LEU B 203 57.37 -21.25 -11.77
C LEU B 203 57.06 -21.95 -10.46
N TYR B 204 56.76 -23.24 -10.54
CA TYR B 204 56.53 -24.07 -9.35
C TYR B 204 57.76 -24.93 -9.14
N VAL B 205 58.57 -24.57 -8.15
CA VAL B 205 59.86 -25.20 -7.88
C VAL B 205 59.78 -25.90 -6.53
N GLY B 206 60.08 -27.19 -6.51
CA GLY B 206 60.01 -27.96 -5.29
C GLY B 206 61.18 -28.91 -5.16
N SER B 207 61.54 -29.20 -3.89
CA SER B 207 62.53 -30.23 -3.57
C SER B 207 62.45 -30.53 -2.07
N ASP B 208 63.29 -31.48 -1.65
CA ASP B 208 63.29 -32.03 -0.29
C ASP B 208 64.50 -31.52 0.48
N LEU B 209 64.33 -30.40 1.19
CA LEU B 209 65.39 -29.83 2.00
C LEU B 209 64.77 -29.10 3.19
N GLU B 210 65.64 -28.68 4.11
CA GLU B 210 65.19 -27.81 5.21
C GLU B 210 64.63 -26.50 4.64
N ILE B 211 63.74 -25.87 5.39
CA ILE B 211 63.14 -24.62 4.93
C ILE B 211 64.24 -23.60 4.61
N GLY B 212 65.21 -23.46 5.51
CA GLY B 212 66.40 -22.69 5.18
C GLY B 212 67.10 -23.23 3.95
N GLN B 213 67.25 -24.56 3.88
CA GLN B 213 67.95 -25.16 2.73
C GLN B 213 67.08 -25.19 1.49
N HIS B 214 65.76 -25.04 1.63
CA HIS B 214 64.98 -24.87 0.41
C HIS B 214 65.06 -23.43 -0.07
N ARG B 215 65.10 -22.49 0.86
CA ARG B 215 65.24 -21.08 0.50
C ARG B 215 66.61 -20.77 -0.08
N THR B 216 67.66 -21.52 0.30
CA THR B 216 68.96 -21.51 -0.39
C THR B 216 68.85 -21.32 -1.89
N LYS B 217 68.27 -22.36 -2.49
CA LYS B 217 68.39 -22.63 -3.90
C LYS B 217 67.31 -21.94 -4.71
N ILE B 218 66.15 -21.67 -4.10
CA ILE B 218 65.18 -20.83 -4.80
C ILE B 218 65.78 -19.46 -5.05
N GLU B 219 66.58 -18.95 -4.10
CA GLU B 219 67.19 -17.64 -4.28
C GLU B 219 68.39 -17.70 -5.22
N GLU B 220 69.14 -18.81 -5.21
CA GLU B 220 70.10 -19.05 -6.29
C GLU B 220 69.40 -19.04 -7.63
N LEU B 221 68.21 -19.65 -7.69
CA LEU B 221 67.43 -19.65 -8.93
C LEU B 221 67.01 -18.24 -9.32
N ARG B 222 66.60 -17.42 -8.35
CA ARG B 222 66.15 -16.07 -8.65
C ARG B 222 67.25 -15.23 -9.27
N GLN B 223 68.47 -15.35 -8.76
CA GLN B 223 69.55 -14.51 -9.24
C GLN B 223 70.09 -14.98 -10.58
N HIS B 224 70.02 -16.28 -10.89
CA HIS B 224 70.27 -16.71 -12.25
C HIS B 224 69.19 -16.19 -13.19
N LEU B 225 67.94 -16.15 -12.71
CA LEU B 225 66.85 -15.59 -13.51
C LEU B 225 66.99 -14.08 -13.66
N LEU B 226 67.43 -13.39 -12.60
CA LEU B 226 67.70 -11.97 -12.71
C LEU B 226 68.90 -11.69 -13.61
N ARG B 227 69.80 -12.66 -13.78
CA ARG B 227 70.98 -12.46 -14.61
C ARG B 227 70.63 -12.25 -16.08
N TRP B 228 69.45 -12.71 -16.53
CA TRP B 228 69.03 -12.53 -17.91
C TRP B 228 67.65 -11.88 -18.05
N GLY B 229 66.87 -11.78 -16.99
CA GLY B 229 65.54 -11.20 -17.06
C GLY B 229 64.69 -11.47 -15.82
N GLY B 247 56.06 -16.58 -2.92
CA GLY B 247 55.40 -15.91 -1.81
C GLY B 247 55.14 -16.81 -0.63
N TYR B 248 54.37 -17.87 -0.86
CA TYR B 248 54.12 -18.90 0.12
C TYR B 248 54.96 -20.13 -0.22
N GLU B 249 55.39 -20.83 0.82
CA GLU B 249 56.03 -22.13 0.66
C GLU B 249 54.95 -23.20 0.80
N LEU B 250 54.64 -23.89 -0.29
CA LEU B 250 53.62 -24.92 -0.27
C LEU B 250 54.22 -26.25 0.20
N HIS B 251 53.41 -27.02 0.92
CA HIS B 251 53.83 -28.34 1.40
C HIS B 251 52.76 -29.37 1.03
N PRO B 252 52.97 -30.11 -0.07
CA PRO B 252 51.89 -30.98 -0.57
C PRO B 252 51.49 -32.09 0.38
N ASP B 253 52.39 -32.57 1.23
CA ASP B 253 52.06 -33.73 2.05
C ASP B 253 50.95 -33.43 3.04
N LYS B 254 50.83 -32.18 3.50
CA LYS B 254 49.78 -31.82 4.45
C LYS B 254 48.47 -31.43 3.76
N TRP B 255 48.24 -31.91 2.53
CA TRP B 255 46.98 -31.68 1.84
C TRP B 255 46.03 -32.88 2.08
N THR B 256 45.65 -33.04 3.34
CA THR B 256 44.82 -34.16 3.78
C THR B 256 43.55 -34.27 2.93
N VAL B 257 43.18 -35.50 2.62
CA VAL B 257 41.91 -35.79 1.99
C VAL B 257 40.88 -36.06 3.09
N GLN B 258 39.71 -35.42 2.98
CA GLN B 258 38.66 -35.58 3.97
C GLN B 258 37.61 -36.54 3.43
N PRO B 259 37.47 -37.73 4.00
CA PRO B 259 36.50 -38.70 3.48
C PRO B 259 35.09 -38.38 4.00
N ILE B 260 34.14 -39.20 3.56
CA ILE B 260 32.77 -39.09 4.04
C ILE B 260 32.68 -39.82 5.37
N VAL B 261 32.31 -39.09 6.42
CA VAL B 261 32.28 -39.58 7.80
C VAL B 261 30.84 -39.69 8.24
N LEU B 262 30.46 -40.84 8.82
CA LEU B 262 29.12 -40.91 9.37
C LEU B 262 29.16 -40.68 10.89
N PRO B 263 28.09 -40.11 11.47
CA PRO B 263 28.11 -39.79 12.89
C PRO B 263 28.26 -41.02 13.79
N GLU B 264 28.44 -40.73 15.08
CA GLU B 264 28.78 -41.73 16.08
C GLU B 264 28.00 -41.41 17.36
N LYS B 265 27.08 -42.28 17.75
CA LYS B 265 26.49 -42.23 19.08
C LYS B 265 25.68 -43.50 19.30
N ASP B 266 25.38 -43.77 20.56
CA ASP B 266 24.74 -45.02 20.95
C ASP B 266 23.21 -44.97 20.92
N SER B 267 22.63 -43.78 20.80
CA SER B 267 21.17 -43.64 20.71
C SER B 267 20.81 -42.86 19.46
N TRP B 268 19.83 -43.39 18.71
CA TRP B 268 19.47 -42.87 17.40
C TRP B 268 17.98 -42.57 17.35
N THR B 269 17.63 -41.40 16.83
CA THR B 269 16.24 -41.03 16.62
C THR B 269 15.83 -41.34 15.17
N VAL B 270 14.51 -41.35 14.95
CA VAL B 270 13.97 -41.53 13.60
C VAL B 270 14.60 -40.54 12.63
N ASN B 271 14.78 -39.30 13.08
CA ASN B 271 15.38 -38.28 12.22
C ASN B 271 16.85 -38.59 11.97
N ASP B 272 17.56 -39.07 12.99
CA ASP B 272 18.95 -39.44 12.79
C ASP B 272 19.09 -40.52 11.73
N ILE B 273 18.22 -41.54 11.78
CA ILE B 273 18.27 -42.62 10.80
C ILE B 273 17.87 -42.12 9.42
N GLN B 274 16.89 -41.22 9.35
CA GLN B 274 16.46 -40.68 8.06
C GLN B 274 17.59 -39.95 7.36
N LYS B 275 18.21 -39.01 8.07
CA LYS B 275 19.34 -38.29 7.51
C LYS B 275 20.50 -39.23 7.16
N LEU B 276 20.68 -40.30 7.94
CA LEU B 276 21.73 -41.27 7.59
C LEU B 276 21.37 -42.07 6.34
N VAL B 277 20.14 -42.60 6.30
CA VAL B 277 19.69 -43.36 5.13
C VAL B 277 19.78 -42.50 3.87
N GLY B 278 19.45 -41.21 4.00
CA GLY B 278 19.51 -40.33 2.83
C GLY B 278 20.93 -39.98 2.42
N LYS B 279 21.85 -39.95 3.39
CA LYS B 279 23.25 -39.67 3.09
C LYS B 279 23.90 -40.85 2.37
N LEU B 280 23.67 -42.08 2.86
CA LEU B 280 24.24 -43.24 2.20
C LEU B 280 23.61 -43.47 0.83
N ASN B 281 22.32 -43.17 0.68
CA ASN B 281 21.69 -43.28 -0.63
C ASN B 281 22.37 -42.38 -1.65
N TRP B 282 22.83 -41.20 -1.21
CA TRP B 282 23.58 -40.33 -2.10
C TRP B 282 24.95 -40.91 -2.40
N ALA B 283 25.64 -41.43 -1.38
CA ALA B 283 26.95 -42.02 -1.56
C ALA B 283 26.91 -43.31 -2.38
N SER B 284 25.74 -43.90 -2.60
CA SER B 284 25.63 -45.07 -3.47
C SER B 284 25.89 -44.71 -4.93
N GLN B 285 25.81 -43.42 -5.28
CA GLN B 285 26.20 -42.98 -6.62
C GLN B 285 27.70 -42.83 -6.78
N ILE B 286 28.47 -43.00 -5.70
CA ILE B 286 29.92 -42.85 -5.74
C ILE B 286 30.56 -44.19 -5.40
N TYR B 287 30.44 -44.60 -4.15
CA TYR B 287 31.05 -45.84 -3.67
C TYR B 287 30.24 -47.03 -4.21
N ALA B 288 30.58 -48.24 -3.77
CA ALA B 288 30.06 -49.46 -4.37
C ALA B 288 29.57 -50.42 -3.30
N GLY B 289 28.45 -51.08 -3.58
CA GLY B 289 27.93 -52.09 -2.69
C GLY B 289 27.43 -51.58 -1.35
N ILE B 290 26.86 -50.38 -1.31
CA ILE B 290 26.35 -49.81 -0.06
C ILE B 290 24.85 -50.07 0.01
N LYS B 291 24.39 -50.51 1.17
CA LYS B 291 23.02 -50.96 1.37
C LYS B 291 22.32 -50.06 2.38
N VAL B 292 21.00 -49.93 2.23
CA VAL B 292 20.18 -49.25 3.22
C VAL B 292 18.91 -50.05 3.51
N ARG B 293 18.84 -51.30 3.04
CA ARG B 293 17.61 -52.08 3.24
C ARG B 293 17.38 -52.36 4.71
N GLN B 294 18.42 -52.79 5.43
CA GLN B 294 18.32 -53.08 6.85
C GLN B 294 18.35 -51.84 7.72
N LEU B 295 18.49 -50.66 7.14
CA LEU B 295 18.30 -49.42 7.88
C LEU B 295 16.99 -48.74 7.54
N SER B 296 16.48 -48.96 6.34
CA SER B 296 15.23 -48.29 5.95
C SER B 296 14.04 -48.81 6.75
N LYS B 297 14.01 -50.11 7.04
CA LYS B 297 12.75 -50.64 7.55
C LYS B 297 12.65 -50.64 9.06
N LEU B 298 13.66 -50.15 9.79
CA LEU B 298 13.40 -49.74 11.16
C LEU B 298 12.49 -48.52 11.20
N LEU B 299 12.55 -47.69 10.18
CA LEU B 299 11.68 -46.54 10.02
C LEU B 299 10.28 -46.93 9.60
N ARG B 300 10.01 -48.22 9.40
CA ARG B 300 8.69 -48.68 9.01
C ARG B 300 7.62 -48.12 9.95
N GLY B 301 6.54 -47.62 9.36
CA GLY B 301 5.51 -46.90 10.09
C GLY B 301 5.70 -45.39 9.98
N THR B 302 4.65 -44.67 10.38
CA THR B 302 4.67 -43.20 10.34
C THR B 302 5.18 -42.65 11.68
N LYS B 303 6.44 -42.94 11.97
CA LYS B 303 6.99 -42.66 13.30
C LYS B 303 7.21 -41.16 13.49
N ALA B 304 7.29 -40.75 14.76
CA ALA B 304 7.62 -39.37 15.11
C ALA B 304 9.13 -39.15 15.00
N LEU B 305 9.51 -37.97 14.53
CA LEU B 305 10.91 -37.68 14.23
C LEU B 305 11.81 -37.79 15.45
N THR B 306 11.26 -37.61 16.66
CA THR B 306 12.06 -37.63 17.88
C THR B 306 12.05 -38.99 18.57
N GLU B 307 11.33 -39.97 18.01
CA GLU B 307 11.25 -41.29 18.64
C GLU B 307 12.57 -42.03 18.50
N VAL B 308 13.09 -42.52 19.62
CA VAL B 308 14.39 -43.20 19.65
C VAL B 308 14.17 -44.65 19.26
N VAL B 309 14.68 -45.03 18.09
CA VAL B 309 14.54 -46.37 17.56
C VAL B 309 15.80 -47.15 17.91
N PRO B 310 15.70 -48.29 18.60
CA PRO B 310 16.90 -49.08 18.88
C PRO B 310 17.45 -49.72 17.61
N LEU B 311 18.77 -49.77 17.51
CA LEU B 311 19.43 -50.42 16.39
C LEU B 311 19.32 -51.93 16.50
N THR B 312 18.93 -52.59 15.41
CA THR B 312 19.01 -54.04 15.38
C THR B 312 20.48 -54.47 15.25
N GLU B 313 20.71 -55.76 15.44
CA GLU B 313 22.01 -56.32 15.06
C GLU B 313 22.18 -56.27 13.55
N GLU B 314 21.11 -56.55 12.81
CA GLU B 314 21.15 -56.41 11.35
C GLU B 314 20.96 -54.97 10.90
N ALA B 315 21.18 -53.98 11.75
CA ALA B 315 21.38 -52.61 11.28
C ALA B 315 22.78 -52.14 11.61
N GLU B 316 23.19 -52.34 12.87
CA GLU B 316 24.57 -51.97 13.26
C GLU B 316 25.51 -52.71 12.31
N LEU B 317 25.04 -53.84 11.77
CA LEU B 317 25.84 -54.59 10.77
C LEU B 317 25.97 -53.71 9.53
N GLU B 318 24.88 -53.08 9.08
CA GLU B 318 24.95 -52.32 7.85
C GLU B 318 25.83 -51.10 8.02
N LEU B 319 25.72 -50.45 9.17
CA LEU B 319 26.34 -49.14 9.38
C LEU B 319 27.86 -49.28 9.49
N ALA B 320 28.34 -50.11 10.41
CA ALA B 320 29.78 -50.29 10.55
C ALA B 320 30.40 -50.91 9.31
N GLU B 321 29.60 -51.64 8.51
CA GLU B 321 30.08 -52.17 7.24
C GLU B 321 30.31 -51.05 6.23
N ASN B 322 29.32 -50.18 6.04
CA ASN B 322 29.48 -49.06 5.14
C ASN B 322 30.36 -47.97 5.72
N ARG B 323 30.59 -47.97 7.03
CA ARG B 323 31.34 -46.88 7.65
C ARG B 323 32.75 -46.77 7.09
N GLU B 324 33.30 -47.94 6.73
CA GLU B 324 34.70 -48.03 6.24
C GLU B 324 34.75 -48.19 4.71
N ILE B 325 33.68 -48.67 4.08
CA ILE B 325 33.67 -48.63 2.59
C ILE B 325 33.99 -47.17 2.30
N LEU B 326 33.58 -46.30 3.22
CA LEU B 326 33.83 -44.87 3.15
C LEU B 326 35.14 -44.43 3.82
N LYS B 327 35.87 -45.34 4.48
CA LYS B 327 37.13 -44.95 5.13
C LYS B 327 38.25 -44.75 4.11
N GLU B 328 38.62 -45.83 3.45
CA GLU B 328 39.58 -45.65 2.37
C GLU B 328 38.82 -45.36 1.06
N PRO B 329 39.32 -44.34 0.31
CA PRO B 329 38.68 -43.85 -0.93
C PRO B 329 38.38 -44.87 -2.03
N VAL B 330 38.00 -44.38 -3.22
CA VAL B 330 37.19 -45.12 -4.20
C VAL B 330 38.05 -45.79 -5.26
N HIS B 331 37.64 -46.99 -5.69
CA HIS B 331 38.35 -47.77 -6.72
C HIS B 331 37.89 -47.40 -8.13
N GLY B 332 38.87 -47.29 -9.03
CA GLY B 332 38.60 -47.20 -10.45
C GLY B 332 38.49 -45.82 -11.05
N VAL B 333 38.96 -44.78 -10.36
CA VAL B 333 38.85 -43.40 -10.85
C VAL B 333 40.26 -42.87 -11.15
N TYR B 334 40.50 -42.55 -12.42
CA TYR B 334 41.82 -42.13 -12.87
C TYR B 334 41.73 -40.81 -13.60
N TYR B 335 42.77 -39.99 -13.45
CA TYR B 335 42.79 -38.69 -14.10
C TYR B 335 42.93 -38.84 -15.60
N ASP B 336 42.14 -38.07 -16.34
CA ASP B 336 42.22 -38.03 -17.80
C ASP B 336 42.69 -36.65 -18.23
N PRO B 337 43.91 -36.51 -18.75
CA PRO B 337 44.38 -35.17 -19.17
C PRO B 337 43.61 -34.59 -20.35
N SER B 338 42.76 -35.36 -21.00
CA SER B 338 41.97 -34.89 -22.14
C SER B 338 40.67 -34.23 -21.73
N LYS B 339 40.38 -34.13 -20.44
CA LYS B 339 39.11 -33.58 -19.98
C LYS B 339 39.36 -32.47 -18.96
N ASP B 340 38.35 -31.64 -18.75
CA ASP B 340 38.46 -30.53 -17.82
C ASP B 340 38.36 -31.05 -16.39
N LEU B 341 39.02 -30.32 -15.48
CA LEU B 341 38.85 -30.52 -14.05
C LEU B 341 37.76 -29.59 -13.53
N ILE B 342 36.90 -30.13 -12.66
CA ILE B 342 35.79 -29.39 -12.05
C ILE B 342 36.00 -29.38 -10.55
N ALA B 343 35.74 -28.25 -9.91
CA ALA B 343 35.84 -28.12 -8.46
C ALA B 343 34.51 -27.59 -7.92
N GLU B 344 34.01 -28.25 -6.88
CA GLU B 344 32.80 -27.81 -6.18
C GLU B 344 33.17 -27.48 -4.74
N ILE B 345 32.69 -26.34 -4.25
CA ILE B 345 32.94 -25.89 -2.89
C ILE B 345 31.60 -25.74 -2.18
N GLN B 346 31.58 -26.10 -0.89
CA GLN B 346 30.43 -25.89 -0.02
C GLN B 346 30.86 -25.14 1.22
N LYS B 347 30.07 -24.12 1.60
CA LYS B 347 30.26 -23.45 2.89
C LYS B 347 29.74 -24.34 4.02
N GLN B 348 30.55 -24.52 5.07
CA GLN B 348 30.17 -25.33 6.22
C GLN B 348 29.98 -24.57 7.51
N GLY B 349 30.36 -23.30 7.58
CA GLY B 349 30.23 -22.52 8.80
C GLY B 349 31.46 -22.62 9.67
N GLN B 350 31.62 -21.60 10.52
CA GLN B 350 32.75 -21.52 11.47
C GLN B 350 34.10 -21.61 10.76
N GLY B 351 34.16 -21.06 9.55
CA GLY B 351 35.40 -20.88 8.83
C GLY B 351 35.84 -22.03 7.96
N GLN B 352 34.98 -23.04 7.76
CA GLN B 352 35.36 -24.26 7.08
C GLN B 352 34.65 -24.38 5.74
N TRP B 353 35.38 -24.95 4.76
CA TRP B 353 34.89 -25.08 3.39
C TRP B 353 35.35 -26.41 2.82
N THR B 354 34.40 -27.25 2.37
CA THR B 354 34.72 -28.53 1.77
C THR B 354 34.71 -28.43 0.25
N TYR B 355 35.56 -29.24 -0.39
CA TYR B 355 35.69 -29.17 -1.85
C TYR B 355 35.96 -30.54 -2.44
N GLN B 356 35.45 -30.72 -3.65
CA GLN B 356 35.68 -31.92 -4.45
C GLN B 356 36.14 -31.52 -5.83
N ILE B 357 37.11 -32.27 -6.36
CA ILE B 357 37.63 -32.09 -7.70
C ILE B 357 37.36 -33.37 -8.47
N TYR B 358 36.63 -33.24 -9.57
CA TYR B 358 36.25 -34.37 -10.40
C TYR B 358 36.32 -33.95 -11.87
N GLN B 359 36.15 -34.94 -12.74
CA GLN B 359 35.99 -34.70 -14.17
C GLN B 359 34.69 -35.28 -14.69
N GLU B 360 34.39 -36.54 -14.37
CA GLU B 360 33.00 -36.95 -14.52
C GLU B 360 32.32 -36.98 -13.15
N PRO B 361 31.02 -36.66 -13.09
CA PRO B 361 30.34 -36.53 -11.80
C PRO B 361 30.38 -37.81 -10.98
N PHE B 362 30.56 -37.65 -9.67
CA PHE B 362 30.67 -38.70 -8.66
C PHE B 362 31.94 -39.52 -8.78
N LYS B 363 32.83 -39.23 -9.72
CA LYS B 363 34.14 -39.88 -9.82
C LYS B 363 35.20 -38.86 -9.39
N ASN B 364 35.34 -38.71 -8.08
CA ASN B 364 36.19 -37.69 -7.51
C ASN B 364 37.66 -38.11 -7.53
N LEU B 365 38.52 -37.23 -8.03
CA LEU B 365 39.95 -37.44 -7.91
C LEU B 365 40.50 -36.99 -6.56
N LYS B 366 39.77 -36.12 -5.87
CA LYS B 366 40.25 -35.50 -4.65
C LYS B 366 39.06 -34.87 -3.94
N THR B 367 39.03 -35.02 -2.62
CA THR B 367 38.07 -34.31 -1.80
C THR B 367 38.81 -33.75 -0.59
N GLY B 368 38.55 -32.50 -0.24
CA GLY B 368 39.24 -31.88 0.86
C GLY B 368 38.43 -30.89 1.67
N LYS B 369 39.08 -30.23 2.62
CA LYS B 369 38.41 -29.26 3.48
C LYS B 369 39.39 -28.14 3.80
N TYR B 370 39.04 -26.92 3.40
CA TYR B 370 39.87 -25.75 3.61
C TYR B 370 39.49 -25.03 4.91
N ALA B 371 40.47 -24.38 5.54
CA ALA B 371 40.26 -23.73 6.83
C ALA B 371 40.92 -22.35 6.84
N ARG B 372 40.39 -21.47 7.67
CA ARG B 372 40.85 -20.10 7.74
C ARG B 372 40.99 -19.67 9.20
N MET B 373 41.98 -18.81 9.47
CA MET B 373 42.07 -18.11 10.75
C MET B 373 42.89 -16.82 10.54
N LYS B 374 42.27 -15.86 9.86
CA LYS B 374 42.89 -14.59 9.52
C LYS B 374 42.90 -13.58 10.66
N GLY B 375 42.13 -13.80 11.73
CA GLY B 375 42.10 -12.89 12.85
C GLY B 375 41.04 -11.81 12.79
N ALA B 376 40.35 -11.66 11.65
CA ALA B 376 39.16 -10.80 11.56
C ALA B 376 37.86 -11.56 11.75
N HIS B 377 37.81 -12.81 11.29
CA HIS B 377 36.81 -13.79 11.72
C HIS B 377 35.39 -13.44 11.23
N THR B 378 35.27 -12.94 10.00
CA THR B 378 33.96 -12.49 9.54
C THR B 378 33.70 -12.66 8.04
N ASN B 379 34.68 -12.45 7.19
CA ASN B 379 34.43 -12.24 5.76
C ASN B 379 34.30 -13.56 4.99
N ASP B 380 33.08 -13.88 4.55
CA ASP B 380 32.84 -15.09 3.76
C ASP B 380 33.45 -15.00 2.36
N VAL B 381 33.42 -13.82 1.74
CA VAL B 381 33.89 -13.71 0.36
C VAL B 381 35.40 -13.84 0.29
N LYS B 382 36.11 -13.17 1.21
CA LYS B 382 37.56 -13.31 1.30
C LYS B 382 37.96 -14.75 1.56
N GLN B 383 37.22 -15.44 2.42
CA GLN B 383 37.51 -16.84 2.69
C GLN B 383 37.38 -17.68 1.44
N LEU B 384 36.28 -17.50 0.70
CA LEU B 384 36.07 -18.31 -0.51
C LEU B 384 37.11 -17.98 -1.57
N THR B 385 37.44 -16.70 -1.75
CA THR B 385 38.49 -16.32 -2.69
C THR B 385 39.82 -16.97 -2.33
N GLU B 386 40.19 -16.95 -1.05
CA GLU B 386 41.39 -17.67 -0.64
C GLU B 386 41.23 -19.17 -0.84
N ALA B 387 40.02 -19.69 -0.65
CA ALA B 387 39.80 -21.13 -0.84
C ALA B 387 39.97 -21.53 -2.29
N VAL B 388 39.54 -20.66 -3.23
CA VAL B 388 39.67 -20.98 -4.65
C VAL B 388 41.13 -20.99 -5.06
N GLN B 389 41.90 -20.00 -4.61
CA GLN B 389 43.30 -19.94 -4.99
C GLN B 389 44.06 -21.16 -4.50
N LYS B 390 43.78 -21.60 -3.28
CA LYS B 390 44.54 -22.74 -2.76
C LYS B 390 44.16 -24.02 -3.48
N ILE B 391 42.87 -24.19 -3.80
CA ILE B 391 42.43 -25.36 -4.55
C ILE B 391 43.00 -25.34 -5.96
N ALA B 392 42.93 -24.17 -6.62
CA ALA B 392 43.50 -24.06 -7.96
C ALA B 392 45.01 -24.29 -7.95
N THR B 393 45.69 -23.88 -6.88
CA THR B 393 47.13 -24.11 -6.81
C THR B 393 47.44 -25.59 -6.65
N GLU B 394 46.63 -26.31 -5.88
CA GLU B 394 46.83 -27.74 -5.72
C GLU B 394 46.65 -28.48 -7.03
N SER B 395 45.67 -28.04 -7.84
CA SER B 395 45.44 -28.70 -9.12
C SER B 395 46.64 -28.49 -10.05
N ILE B 396 47.17 -27.27 -10.10
CA ILE B 396 48.40 -27.05 -10.85
C ILE B 396 49.50 -27.97 -10.37
N VAL B 397 49.67 -28.08 -9.05
CA VAL B 397 50.74 -28.92 -8.52
C VAL B 397 50.50 -30.38 -8.88
N ILE B 398 49.24 -30.82 -8.81
CA ILE B 398 48.93 -32.23 -9.00
C ILE B 398 48.81 -32.57 -10.48
N TRP B 399 48.02 -31.80 -11.23
CA TRP B 399 47.66 -32.19 -12.58
C TRP B 399 48.19 -31.26 -13.65
N GLY B 400 48.62 -30.05 -13.30
CA GLY B 400 49.21 -29.14 -14.23
C GLY B 400 48.29 -28.05 -14.73
N LYS B 401 47.01 -28.10 -14.40
CA LYS B 401 46.07 -27.06 -14.84
C LYS B 401 45.07 -26.80 -13.73
N THR B 402 44.33 -25.70 -13.89
CA THR B 402 43.33 -25.30 -12.92
C THR B 402 41.98 -25.96 -13.23
N PRO B 403 41.09 -26.03 -12.25
CA PRO B 403 39.74 -26.51 -12.54
C PRO B 403 38.77 -25.35 -12.77
N LYS B 404 37.66 -25.64 -13.44
CA LYS B 404 36.56 -24.68 -13.49
C LYS B 404 35.76 -24.80 -12.21
N PHE B 405 35.56 -23.68 -11.53
CA PHE B 405 34.94 -23.68 -10.22
C PHE B 405 33.43 -23.47 -10.31
N LYS B 406 32.71 -24.19 -9.45
CA LYS B 406 31.27 -24.00 -9.20
C LYS B 406 31.16 -23.33 -7.82
N LEU B 407 31.00 -22.01 -7.81
CA LEU B 407 31.13 -21.22 -6.59
C LEU B 407 29.78 -21.07 -5.89
N PRO B 408 29.72 -21.32 -4.58
CA PRO B 408 28.46 -21.20 -3.80
C PRO B 408 28.18 -19.77 -3.37
N ILE B 409 27.88 -18.93 -4.36
CA ILE B 409 27.78 -17.49 -4.13
C ILE B 409 27.02 -16.88 -5.28
N GLN B 410 26.30 -15.80 -4.99
CA GLN B 410 25.67 -15.02 -6.05
C GLN B 410 26.72 -14.34 -6.92
N LYS B 411 26.49 -14.36 -8.23
CA LYS B 411 27.38 -13.70 -9.17
C LYS B 411 27.74 -12.28 -8.73
N GLU B 412 26.73 -11.49 -8.36
CA GLU B 412 26.94 -10.09 -8.07
C GLU B 412 27.62 -9.84 -6.72
N THR B 413 27.46 -10.76 -5.76
CA THR B 413 28.21 -10.61 -4.52
C THR B 413 29.69 -10.92 -4.75
N TRP B 414 29.99 -11.92 -5.57
CA TRP B 414 31.37 -12.27 -5.87
C TRP B 414 32.05 -11.14 -6.66
N GLU B 415 31.38 -10.64 -7.69
CA GLU B 415 31.97 -9.60 -8.53
C GLU B 415 32.13 -8.27 -7.77
N ALA B 416 31.42 -8.09 -6.66
CA ALA B 416 31.59 -6.85 -5.90
C ALA B 416 32.88 -6.80 -5.11
N TRP B 417 33.50 -7.95 -4.81
CA TRP B 417 34.57 -7.97 -3.81
C TRP B 417 35.77 -8.84 -4.14
N TRP B 418 35.70 -9.78 -5.09
CA TRP B 418 36.73 -10.82 -5.15
C TRP B 418 38.11 -10.26 -5.51
N THR B 419 38.19 -9.26 -6.39
CA THR B 419 39.51 -8.75 -6.78
C THR B 419 40.26 -8.13 -5.61
N GLU B 420 39.56 -7.80 -4.51
CA GLU B 420 40.25 -7.27 -3.35
C GLU B 420 41.04 -8.33 -2.60
N TYR B 421 40.85 -9.60 -2.93
CA TYR B 421 41.55 -10.68 -2.25
C TYR B 421 42.37 -11.56 -3.16
N TRP B 422 42.36 -11.33 -4.47
CA TRP B 422 43.11 -12.16 -5.39
C TRP B 422 44.62 -11.86 -5.30
N GLN B 423 45.42 -12.93 -5.30
CA GLN B 423 46.87 -12.78 -5.22
C GLN B 423 47.62 -13.71 -6.17
N ALA B 424 46.92 -14.43 -7.05
CA ALA B 424 47.57 -15.21 -8.08
C ALA B 424 47.71 -14.37 -9.35
N THR B 425 48.73 -14.68 -10.15
CA THR B 425 48.90 -14.07 -11.46
C THR B 425 48.03 -14.73 -12.53
N TRP B 426 47.36 -15.83 -12.21
CA TRP B 426 46.41 -16.48 -13.10
C TRP B 426 45.01 -16.36 -12.53
N ILE B 427 44.00 -16.61 -13.37
CA ILE B 427 42.61 -16.60 -12.96
C ILE B 427 41.89 -17.83 -13.50
N PRO B 428 41.30 -18.67 -12.67
CA PRO B 428 40.62 -19.86 -13.18
C PRO B 428 39.23 -19.51 -13.69
N GLU B 429 38.69 -20.43 -14.49
CA GLU B 429 37.31 -20.31 -14.93
C GLU B 429 36.36 -20.64 -13.78
N TRP B 430 35.21 -19.99 -13.75
CA TRP B 430 34.24 -20.26 -12.70
C TRP B 430 32.83 -19.99 -13.21
N GLU B 431 31.85 -20.56 -12.50
CA GLU B 431 30.44 -20.28 -12.71
C GLU B 431 29.77 -20.25 -11.34
N PHE B 432 28.56 -19.73 -11.29
CA PHE B 432 27.87 -19.49 -10.02
C PHE B 432 26.68 -20.44 -9.87
N VAL B 433 26.61 -21.11 -8.73
CA VAL B 433 25.56 -22.08 -8.45
C VAL B 433 24.87 -21.71 -7.15
N ASN B 434 23.61 -22.12 -7.02
CA ASN B 434 22.91 -22.11 -5.74
C ASN B 434 22.42 -23.53 -5.51
N THR B 435 23.21 -24.33 -4.79
CA THR B 435 22.82 -25.69 -4.49
C THR B 435 22.49 -25.83 -3.01
N PRO B 436 21.22 -25.74 -2.62
CA PRO B 436 20.86 -25.95 -1.22
C PRO B 436 21.38 -27.28 -0.71
N PRO B 437 21.89 -27.33 0.52
CA PRO B 437 22.50 -28.56 1.00
C PRO B 437 21.47 -29.64 1.30
N LEU B 438 21.18 -30.46 0.28
CA LEU B 438 20.30 -31.60 0.46
C LEU B 438 20.93 -32.58 1.44
N VAL B 439 22.12 -33.05 1.09
CA VAL B 439 22.97 -33.87 1.92
C VAL B 439 24.12 -32.99 2.38
N LYS B 440 24.53 -33.09 3.63
CA LYS B 440 25.85 -32.55 3.92
C LYS B 440 26.78 -33.67 4.31
N LEU B 441 26.98 -34.57 3.34
CA LEU B 441 27.89 -35.69 3.44
C LEU B 441 29.31 -35.25 3.76
N TRP B 442 29.72 -34.09 3.26
CA TRP B 442 31.11 -33.69 3.37
C TRP B 442 31.47 -33.24 4.78
N TYR B 443 30.49 -32.82 5.58
CA TYR B 443 30.74 -32.58 6.99
C TYR B 443 30.13 -33.68 7.85
N1 OMC C 7 26.10 7.62 -29.07
C2 OMC C 7 25.74 8.66 -28.04
N3 OMC C 7 24.33 9.09 -27.91
C4 OMC C 7 23.29 8.51 -28.77
C5 OMC C 7 23.64 7.49 -29.78
C6 OMC C 7 25.06 7.04 -29.93
O2 OMC C 7 26.57 9.12 -27.36
N4 OMC C 7 21.89 8.96 -28.64
C1' OMC C 7 27.51 7.19 -29.20
C2' OMC C 7 27.89 6.15 -28.13
O2' OMC C 7 29.29 6.25 -27.88
CM2 OMC C 7 29.71 7.34 -27.08
C3' OMC C 7 27.59 4.87 -28.88
C4' OMC C 7 28.06 5.20 -30.29
O4' OMC C 7 27.68 6.58 -30.45
O3' OMC C 7 28.24 3.73 -28.33
C5' OMC C 7 27.49 4.35 -31.41
O5' OMC C 7 26.08 4.24 -31.32
P OMC C 7 25.21 3.91 -32.61
OP1 OMC C 7 25.76 2.66 -33.24
OP2 OMC C 7 23.76 4.02 -32.21
N1 OMC C 9 24.19 5.65 -19.72
C2 OMC C 9 22.94 6.47 -19.68
N3 OMC C 9 21.98 6.41 -20.81
C4 OMC C 9 22.27 5.56 -21.97
C5 OMC C 9 23.51 4.77 -22.02
C6 OMC C 9 24.47 4.81 -20.89
O2 OMC C 9 22.75 7.14 -18.72
N4 OMC C 9 21.35 5.48 -23.12
C1' OMC C 9 25.15 5.73 -18.61
C2' OMC C 9 24.79 4.88 -17.40
O2' OMC C 9 25.23 5.55 -16.23
CM2 OMC C 9 24.64 6.80 -15.97
C3' OMC C 9 25.61 3.63 -17.64
C4' OMC C 9 26.88 4.17 -18.30
O4' OMC C 9 26.42 5.30 -19.08
O3' OMC C 9 25.89 2.92 -16.46
C5' OMC C 9 27.63 3.21 -19.20
O5' OMC C 9 26.87 2.86 -20.34
P OMC C 9 27.56 2.25 -21.65
OP1 OMC C 9 28.50 1.13 -21.32
OP2 OMC C 9 26.42 2.02 -22.63
N PRO D 3 -18.40 17.68 53.99
CA PRO D 3 -19.79 17.91 54.37
C PRO D 3 -20.75 17.18 53.42
N ILE D 4 -22.02 17.03 53.82
CA ILE D 4 -23.06 16.46 52.97
C ILE D 4 -24.07 17.56 52.66
N SER D 5 -24.32 17.78 51.39
CA SER D 5 -25.10 18.91 50.95
C SER D 5 -26.58 18.74 51.31
N PRO D 6 -27.29 19.83 51.66
CA PRO D 6 -28.70 19.72 52.04
C PRO D 6 -29.64 19.60 50.85
N ILE D 7 -29.12 19.13 49.72
CA ILE D 7 -29.99 18.92 48.58
C ILE D 7 -30.91 17.73 48.86
N GLU D 8 -32.10 17.76 48.26
CA GLU D 8 -33.01 16.65 48.42
C GLU D 8 -32.52 15.43 47.65
N THR D 9 -32.63 14.25 48.27
CA THR D 9 -32.23 13.03 47.60
C THR D 9 -33.14 12.74 46.42
N VAL D 10 -32.57 12.09 45.42
CA VAL D 10 -33.35 11.56 44.30
C VAL D 10 -33.93 10.22 44.71
N PRO D 11 -35.24 9.99 44.52
CA PRO D 11 -35.82 8.69 44.89
C PRO D 11 -35.47 7.62 43.87
N VAL D 12 -35.14 6.44 44.37
CA VAL D 12 -34.68 5.34 43.53
C VAL D 12 -35.38 4.06 43.97
N LYS D 13 -35.72 3.22 43.01
CA LYS D 13 -36.47 1.99 43.23
C LYS D 13 -35.68 0.80 42.71
N LEU D 14 -35.97 -0.38 43.26
CA LEU D 14 -35.51 -1.59 42.62
C LEU D 14 -36.48 -1.98 41.51
N LYS D 15 -35.99 -2.78 40.57
CA LYS D 15 -36.86 -3.27 39.51
C LYS D 15 -37.97 -4.13 40.12
N PRO D 16 -39.11 -4.26 39.43
CA PRO D 16 -40.24 -4.98 40.02
C PRO D 16 -39.87 -6.41 40.39
N GLY D 17 -40.38 -6.85 41.55
CA GLY D 17 -40.16 -8.22 42.02
C GLY D 17 -38.73 -8.57 42.30
N MET D 18 -37.90 -7.60 42.69
CA MET D 18 -36.49 -7.83 42.96
C MET D 18 -36.14 -7.45 44.39
N ASP D 19 -35.32 -8.27 45.03
CA ASP D 19 -34.77 -7.99 46.35
C ASP D 19 -33.36 -7.42 46.19
N GLY D 20 -32.73 -7.14 47.33
CA GLY D 20 -31.37 -6.64 47.33
C GLY D 20 -30.36 -7.75 47.23
N PRO D 21 -29.09 -7.37 47.15
CA PRO D 21 -28.02 -8.36 46.99
C PRO D 21 -27.73 -9.09 48.30
N LYS D 22 -27.16 -10.29 48.16
CA LYS D 22 -26.77 -11.10 49.30
C LYS D 22 -25.38 -11.70 49.12
N VAL D 23 -24.54 -11.09 48.28
CA VAL D 23 -23.22 -11.65 47.97
C VAL D 23 -22.28 -11.48 49.15
N LYS D 24 -21.69 -12.59 49.60
CA LYS D 24 -20.73 -12.54 50.70
C LYS D 24 -19.38 -12.07 50.19
N GLN D 25 -18.56 -11.58 51.12
CA GLN D 25 -17.33 -10.88 50.78
C GLN D 25 -16.18 -11.87 50.59
N TRP D 26 -15.43 -11.70 49.50
CA TRP D 26 -14.22 -12.48 49.24
C TRP D 26 -13.05 -11.94 50.06
N PRO D 27 -12.05 -12.77 50.35
CA PRO D 27 -10.94 -12.31 51.20
C PRO D 27 -10.15 -11.19 50.57
N LEU D 28 -9.57 -10.35 51.41
CA LEU D 28 -8.69 -9.26 51.02
C LEU D 28 -7.32 -9.48 51.63
N THR D 29 -6.27 -9.13 50.88
CA THR D 29 -4.95 -9.01 51.48
C THR D 29 -4.99 -7.91 52.53
N GLU D 30 -4.39 -8.18 53.69
CA GLU D 30 -4.53 -7.24 54.79
C GLU D 30 -3.62 -6.01 54.65
N GLU D 31 -2.88 -5.90 53.54
CA GLU D 31 -2.35 -4.60 53.17
C GLU D 31 -3.47 -3.63 52.83
N LYS D 32 -4.55 -4.14 52.22
CA LYS D 32 -5.71 -3.36 51.86
C LYS D 32 -6.91 -3.62 52.78
N ILE D 33 -6.71 -4.26 53.92
CA ILE D 33 -7.85 -4.49 54.83
C ILE D 33 -8.07 -3.31 55.76
N LYS D 34 -7.00 -2.76 56.36
CA LYS D 34 -7.18 -1.62 57.24
C LYS D 34 -6.89 -0.32 56.53
N ALA D 35 -6.39 -0.40 55.30
CA ALA D 35 -6.58 0.70 54.36
C ALA D 35 -8.08 0.97 54.18
N LEU D 36 -8.88 -0.10 54.12
CA LEU D 36 -10.32 0.07 54.00
C LEU D 36 -10.95 0.51 55.32
N VAL D 37 -10.60 -0.14 56.44
CA VAL D 37 -11.23 0.25 57.71
C VAL D 37 -10.76 1.63 58.15
N GLU D 38 -9.61 2.10 57.68
CA GLU D 38 -9.16 3.44 58.03
C GLU D 38 -10.18 4.48 57.59
N ILE D 39 -10.45 4.53 56.28
CA ILE D 39 -11.41 5.50 55.77
C ILE D 39 -12.83 5.17 56.23
N CYS D 40 -13.14 3.87 56.39
CA CYS D 40 -14.45 3.48 56.88
C CYS D 40 -14.68 3.98 58.31
N THR D 41 -13.66 3.85 59.18
CA THR D 41 -13.75 4.42 60.52
C THR D 41 -14.00 5.91 60.46
N GLU D 42 -13.37 6.60 59.52
CA GLU D 42 -13.54 8.03 59.33
C GLU D 42 -14.88 8.38 58.67
N MET D 43 -15.12 7.85 57.47
CA MET D 43 -16.37 8.18 56.76
C MET D 43 -17.59 7.95 57.64
N GLU D 44 -17.49 7.03 58.59
CA GLU D 44 -18.54 6.85 59.59
C GLU D 44 -18.63 8.05 60.53
N LYS D 45 -17.51 8.72 60.78
CA LYS D 45 -17.54 9.93 61.59
C LYS D 45 -18.31 11.05 60.88
N GLU D 46 -18.14 11.15 59.58
CA GLU D 46 -18.80 12.19 58.78
C GLU D 46 -20.20 11.81 58.33
N GLY D 47 -20.80 10.79 58.93
CA GLY D 47 -22.15 10.39 58.57
C GLY D 47 -22.32 9.90 57.15
N LYS D 48 -21.20 9.61 56.47
CA LYS D 48 -21.28 9.08 55.11
C LYS D 48 -21.76 7.64 55.12
N ILE D 49 -21.42 6.88 56.17
CA ILE D 49 -21.85 5.49 56.33
C ILE D 49 -22.25 5.30 57.78
N SER D 50 -23.23 4.43 57.99
CA SER D 50 -23.70 4.07 59.31
C SER D 50 -23.47 2.59 59.55
N LYS D 51 -23.51 2.19 60.82
CA LYS D 51 -23.41 0.80 61.20
C LYS D 51 -24.79 0.15 61.22
N ILE D 52 -24.81 -1.15 60.90
CA ILE D 52 -26.04 -1.93 60.78
C ILE D 52 -25.87 -3.24 61.54
N GLY D 53 -26.97 -3.70 62.14
CA GLY D 53 -26.97 -4.93 62.89
C GLY D 53 -27.45 -6.10 62.05
N PRO D 54 -28.01 -7.12 62.71
CA PRO D 54 -28.49 -8.30 61.98
C PRO D 54 -29.81 -8.10 61.26
N GLU D 55 -30.55 -7.03 61.56
CA GLU D 55 -31.81 -6.75 60.87
C GLU D 55 -31.61 -6.56 59.37
N ASN D 56 -30.41 -6.15 58.95
CA ASN D 56 -30.11 -5.99 57.53
C ASN D 56 -29.67 -7.34 56.95
N PRO D 57 -30.42 -7.93 56.03
CA PRO D 57 -30.02 -9.20 55.41
C PRO D 57 -29.16 -9.05 54.16
N TYR D 58 -28.82 -7.83 53.76
CA TYR D 58 -28.12 -7.59 52.51
C TYR D 58 -26.62 -7.44 52.76
N ASN D 59 -25.85 -7.67 51.69
CA ASN D 59 -24.40 -7.48 51.74
C ASN D 59 -23.86 -7.43 50.33
N THR D 60 -22.65 -6.84 50.20
CA THR D 60 -21.97 -6.70 48.91
C THR D 60 -20.48 -6.56 49.16
N PRO D 61 -19.63 -7.23 48.37
CA PRO D 61 -18.17 -7.14 48.61
C PRO D 61 -17.56 -5.81 48.19
N VAL D 62 -16.49 -5.43 48.91
CA VAL D 62 -15.79 -4.16 48.73
C VAL D 62 -14.30 -4.41 48.57
N PHE D 63 -13.64 -3.62 47.73
CA PHE D 63 -12.19 -3.64 47.62
C PHE D 63 -11.69 -2.20 47.51
N ALA D 64 -10.42 -2.03 47.14
CA ALA D 64 -9.81 -0.70 47.09
C ALA D 64 -8.79 -0.60 45.95
N ILE D 65 -8.84 0.51 45.21
CA ILE D 65 -7.95 0.81 44.11
C ILE D 65 -7.14 2.06 44.46
N LYS D 66 -5.89 2.11 44.00
CA LYS D 66 -5.01 3.23 44.26
C LYS D 66 -5.09 4.25 43.13
N LYS D 67 -4.92 5.53 43.46
CA LYS D 67 -5.33 6.64 42.60
C LYS D 67 -4.17 7.14 41.73
N LYS D 68 -4.32 8.37 41.21
CA LYS D 68 -3.22 9.09 40.56
C LYS D 68 -2.04 9.28 41.49
N ASP D 69 -2.31 9.55 42.75
CA ASP D 69 -1.33 10.12 43.65
C ASP D 69 -0.21 9.15 43.99
N SER D 70 -0.56 7.87 44.21
CA SER D 70 0.21 6.77 44.80
C SER D 70 0.09 6.73 46.34
N THR D 71 -0.58 7.71 46.97
CA THR D 71 -0.75 7.73 48.42
C THR D 71 -2.16 7.43 48.90
N LYS D 72 -3.18 7.68 48.08
CA LYS D 72 -4.58 7.48 48.43
C LYS D 72 -5.09 6.16 47.85
N TRP D 73 -6.00 5.53 48.58
CA TRP D 73 -6.84 4.47 48.05
C TRP D 73 -8.20 5.06 47.68
N ARG D 74 -8.96 4.30 46.89
CA ARG D 74 -10.35 4.62 46.57
C ARG D 74 -11.19 3.43 46.97
N LYS D 75 -12.15 3.63 47.87
CA LYS D 75 -13.02 2.54 48.29
C LYS D 75 -14.03 2.25 47.19
N VAL D 76 -14.06 1.00 46.73
CA VAL D 76 -14.89 0.57 45.62
C VAL D 76 -15.63 -0.69 46.01
N VAL D 77 -16.86 -0.82 45.51
CA VAL D 77 -17.78 -1.88 45.90
C VAL D 77 -18.26 -2.63 44.66
N ASP D 78 -18.27 -3.96 44.74
CA ASP D 78 -18.72 -4.81 43.62
C ASP D 78 -20.26 -4.87 43.60
N PHE D 79 -20.86 -3.74 43.23
CA PHE D 79 -22.30 -3.59 43.16
C PHE D 79 -22.90 -4.15 41.86
N ARG D 80 -22.24 -5.08 41.19
CA ARG D 80 -22.74 -5.57 39.90
C ARG D 80 -24.12 -6.23 40.00
N GLU D 81 -24.44 -6.84 41.14
CA GLU D 81 -25.75 -7.47 41.25
C GLU D 81 -26.80 -6.51 41.83
N LEU D 82 -26.42 -5.61 42.73
CA LEU D 82 -27.33 -4.52 43.07
C LEU D 82 -27.63 -3.67 41.84
N ASN D 83 -26.61 -3.42 41.02
CA ASN D 83 -26.82 -2.62 39.80
C ASN D 83 -27.83 -3.29 38.87
N LYS D 84 -27.78 -4.62 38.77
CA LYS D 84 -28.70 -5.29 37.86
C LYS D 84 -30.13 -5.32 38.38
N ARG D 85 -30.31 -5.15 39.69
CA ARG D 85 -31.65 -5.11 40.27
C ARG D 85 -32.13 -3.68 40.51
N THR D 86 -31.33 -2.69 40.16
CA THR D 86 -31.69 -1.28 40.31
C THR D 86 -32.43 -0.79 39.07
N GLN D 87 -33.35 0.15 39.28
CA GLN D 87 -34.11 0.76 38.19
C GLN D 87 -33.19 1.31 37.11
N ASP D 88 -33.71 1.43 35.89
CA ASP D 88 -32.94 2.08 34.83
C ASP D 88 -32.98 3.59 35.04
N PHE D 89 -31.92 4.25 34.58
CA PHE D 89 -31.85 5.71 34.58
C PHE D 89 -31.69 6.20 33.15
N TRP D 90 -32.15 7.42 32.89
CA TRP D 90 -31.81 8.10 31.65
C TRP D 90 -30.55 8.93 31.90
N GLU D 91 -29.44 8.52 31.30
CA GLU D 91 -28.18 9.22 31.51
C GLU D 91 -28.22 10.61 30.87
N VAL D 92 -27.82 11.62 31.64
CA VAL D 92 -27.87 13.01 31.17
C VAL D 92 -26.54 13.47 30.57
N GLN D 93 -25.45 12.76 30.81
CA GLN D 93 -24.19 13.03 30.12
C GLN D 93 -24.35 12.61 28.67
N LEU D 94 -24.53 13.57 27.78
CA LEU D 94 -24.80 13.26 26.37
C LEU D 94 -23.54 13.16 25.53
N GLY D 95 -22.45 13.77 25.96
CA GLY D 95 -21.24 13.73 25.16
C GLY D 95 -20.08 14.34 25.92
N ILE D 96 -18.93 14.34 25.28
CA ILE D 96 -17.67 14.79 25.87
C ILE D 96 -17.35 16.17 25.28
N PRO D 97 -17.14 17.20 26.10
CA PRO D 97 -16.73 18.50 25.57
C PRO D 97 -15.34 18.42 24.95
N HIS D 98 -15.10 19.31 23.99
CA HIS D 98 -13.85 19.27 23.22
C HIS D 98 -13.22 20.66 23.15
N PRO D 99 -11.89 20.76 23.31
CA PRO D 99 -11.26 22.08 23.35
C PRO D 99 -11.48 22.90 22.09
N ALA D 100 -11.58 22.27 20.92
CA ALA D 100 -11.86 23.03 19.70
C ALA D 100 -13.18 23.80 19.79
N GLY D 101 -14.11 23.36 20.64
CA GLY D 101 -15.30 24.14 20.90
C GLY D 101 -15.16 25.29 21.86
N LEU D 102 -14.00 25.45 22.52
CA LEU D 102 -13.77 26.57 23.43
C LEU D 102 -13.48 27.86 22.68
N LYS D 103 -13.99 28.98 23.22
CA LYS D 103 -13.61 30.29 22.72
C LYS D 103 -12.44 30.84 23.53
N GLN D 104 -11.64 31.69 22.88
CA GLN D 104 -10.52 32.32 23.57
C GLN D 104 -11.05 33.28 24.62
N LYS D 105 -10.51 33.16 25.85
CA LYS D 105 -10.96 33.94 26.98
C LYS D 105 -9.78 34.64 27.63
N LYS D 106 -10.06 35.78 28.24
CA LYS D 106 -9.04 36.57 28.93
C LYS D 106 -8.60 35.96 30.25
N SER D 107 -9.52 35.40 31.03
CA SER D 107 -9.20 34.77 32.30
C SER D 107 -9.89 33.41 32.40
N VAL D 108 -9.20 32.44 32.98
CA VAL D 108 -9.64 31.05 32.96
C VAL D 108 -9.30 30.39 34.28
N THR D 109 -10.21 29.56 34.79
CA THR D 109 -9.98 28.79 36.01
C THR D 109 -10.52 27.38 35.81
N VAL D 110 -9.85 26.39 36.41
CA VAL D 110 -10.33 25.01 36.42
C VAL D 110 -10.37 24.52 37.87
N LEU D 111 -11.58 24.24 38.36
CA LEU D 111 -11.85 23.76 39.71
C LEU D 111 -12.30 22.30 39.67
N ASP D 112 -12.12 21.62 40.81
CA ASP D 112 -12.61 20.27 41.00
CA ASP D 112 -12.64 20.27 40.99
C ASP D 112 -13.22 20.17 42.39
N VAL D 113 -14.25 19.32 42.52
CA VAL D 113 -14.95 19.14 43.78
C VAL D 113 -14.32 17.99 44.53
N GLY D 114 -14.06 18.19 45.83
CA GLY D 114 -13.55 17.11 46.65
C GLY D 114 -14.67 16.20 47.14
N ASP D 115 -14.38 14.89 47.15
CA ASP D 115 -15.31 13.87 47.64
C ASP D 115 -16.71 14.09 47.08
N ALA D 116 -16.78 14.28 45.76
CA ALA D 116 -18.01 14.76 45.14
C ALA D 116 -19.15 13.76 45.34
N PHE D 117 -18.93 12.49 44.99
CA PHE D 117 -19.94 11.47 45.24
C PHE D 117 -20.35 11.45 46.71
N TYR D 118 -19.39 11.64 47.62
CA TYR D 118 -19.63 11.56 49.06
C TYR D 118 -20.18 12.85 49.64
N SER D 119 -20.71 13.76 48.82
CA SER D 119 -21.35 14.96 49.33
C SER D 119 -22.81 15.06 48.93
N VAL D 120 -23.31 14.13 48.13
CA VAL D 120 -24.72 14.04 47.76
C VAL D 120 -25.36 12.94 48.59
N PRO D 121 -26.43 13.22 49.33
CA PRO D 121 -27.08 12.17 50.12
C PRO D 121 -27.82 11.18 49.23
N LEU D 122 -28.04 9.99 49.77
CA LEU D 122 -28.75 8.92 49.09
C LEU D 122 -30.11 8.73 49.75
N ASP D 123 -31.15 8.58 48.92
CA ASP D 123 -32.49 8.27 49.38
C ASP D 123 -32.46 7.13 50.38
N LYS D 124 -32.86 7.41 51.61
CA LYS D 124 -32.55 6.41 52.62
C LYS D 124 -33.57 5.30 52.72
N ASP D 125 -34.66 5.35 51.95
CA ASP D 125 -35.39 4.12 51.72
C ASP D 125 -34.56 3.10 50.95
N PHE D 126 -33.52 3.57 50.25
CA PHE D 126 -32.65 2.72 49.43
C PHE D 126 -31.36 2.33 50.13
N ARG D 127 -31.03 2.96 51.26
CA ARG D 127 -29.74 2.71 51.89
C ARG D 127 -29.62 1.29 52.45
N LYS D 128 -30.73 0.61 52.71
CA LYS D 128 -30.62 -0.76 53.22
C LYS D 128 -29.87 -1.66 52.25
N TYR D 129 -29.95 -1.37 50.95
CA TYR D 129 -29.35 -2.23 49.94
C TYR D 129 -27.85 -2.02 49.77
N THR D 130 -27.28 -0.98 50.40
CA THR D 130 -25.87 -0.67 50.24
C THR D 130 -24.98 -1.35 51.27
N ALA D 131 -25.50 -2.36 51.97
CA ALA D 131 -24.79 -2.99 53.08
C ALA D 131 -23.50 -3.69 52.63
N PHE D 132 -22.49 -3.63 53.49
CA PHE D 132 -21.24 -4.34 53.25
C PHE D 132 -20.62 -4.73 54.59
N THR D 133 -19.48 -5.43 54.53
CA THR D 133 -18.78 -5.98 55.68
C THR D 133 -17.28 -5.93 55.44
N ILE D 134 -16.52 -5.70 56.52
CA ILE D 134 -15.06 -5.72 56.44
C ILE D 134 -14.50 -6.67 57.49
N PRO D 135 -13.50 -7.50 57.16
CA PRO D 135 -13.04 -8.50 58.13
C PRO D 135 -11.81 -8.10 58.93
N SER D 136 -11.27 -9.10 59.66
CA SER D 136 -9.99 -8.93 60.40
C SER D 136 -9.33 -10.30 60.36
N ILE D 137 -9.83 -11.24 61.17
CA ILE D 137 -9.30 -12.65 61.24
C ILE D 137 -10.47 -13.57 60.91
N ASN D 138 -10.50 -14.13 59.69
CA ASN D 138 -11.62 -14.96 59.16
C ASN D 138 -12.63 -15.53 60.16
N ASN D 139 -13.85 -14.99 60.23
CA ASN D 139 -15.00 -15.54 60.94
C ASN D 139 -14.83 -15.62 62.45
N GLU D 140 -13.62 -15.85 62.95
CA GLU D 140 -13.40 -15.79 64.38
C GLU D 140 -13.81 -14.41 64.92
N THR D 141 -13.29 -13.39 64.30
CA THR D 141 -13.82 -12.04 64.45
C THR D 141 -15.04 -11.88 63.55
N PRO D 142 -16.22 -11.57 64.09
CA PRO D 142 -17.32 -11.13 63.22
C PRO D 142 -17.01 -9.77 62.62
N GLY D 143 -17.19 -9.65 61.30
CA GLY D 143 -16.83 -8.43 60.62
C GLY D 143 -17.72 -7.25 60.97
N ILE D 144 -17.23 -6.06 60.66
CA ILE D 144 -17.97 -4.81 60.90
C ILE D 144 -18.81 -4.49 59.67
N ARG D 145 -20.09 -4.24 59.88
CA ARG D 145 -21.04 -3.99 58.80
C ARG D 145 -21.41 -2.52 58.73
N TYR D 146 -21.55 -2.00 57.51
CA TYR D 146 -21.94 -0.61 57.28
C TYR D 146 -22.96 -0.54 56.15
N GLN D 147 -23.68 0.58 56.11
CA GLN D 147 -24.51 0.94 54.97
C GLN D 147 -24.27 2.40 54.61
N TYR D 148 -24.40 2.69 53.32
CA TYR D 148 -24.08 4.02 52.79
C TYR D 148 -25.18 5.02 53.08
N ASN D 149 -24.79 6.26 53.42
CA ASN D 149 -25.72 7.37 53.49
C ASN D 149 -25.58 8.31 52.30
N VAL D 150 -24.46 8.25 51.59
CA VAL D 150 -24.20 9.07 50.40
C VAL D 150 -24.06 8.15 49.19
N LEU D 151 -23.85 8.72 48.00
CA LEU D 151 -23.70 7.92 46.78
C LEU D 151 -22.44 7.08 46.84
N PRO D 152 -22.53 5.75 46.74
CA PRO D 152 -21.32 4.93 46.76
C PRO D 152 -20.69 4.85 45.38
N MET D 153 -19.36 4.70 45.37
CA MET D 153 -18.63 4.49 44.12
C MET D 153 -18.76 3.03 43.70
N GLY D 154 -19.32 2.81 42.50
CA GLY D 154 -19.59 1.48 42.00
C GLY D 154 -21.07 1.20 41.80
N TRP D 155 -21.95 2.03 42.37
CA TRP D 155 -23.38 1.91 42.12
C TRP D 155 -23.73 2.53 40.77
N LYS D 156 -24.68 1.88 40.08
CA LYS D 156 -25.09 2.30 38.75
C LYS D 156 -25.69 3.71 38.75
N GLY D 157 -26.47 4.04 39.78
CA GLY D 157 -27.15 5.32 39.80
C GLY D 157 -26.35 6.51 40.26
N SER D 158 -25.11 6.32 40.70
CA SER D 158 -24.38 7.41 41.33
C SER D 158 -24.01 8.52 40.35
N PRO D 159 -23.40 8.24 39.19
CA PRO D 159 -23.01 9.36 38.31
C PRO D 159 -24.18 10.24 37.90
N ALA D 160 -25.31 9.66 37.51
CA ALA D 160 -26.42 10.47 37.00
C ALA D 160 -27.06 11.30 38.11
N ILE D 161 -27.18 10.73 39.30
CA ILE D 161 -27.76 11.50 40.39
C ILE D 161 -26.81 12.63 40.80
N PHE D 162 -25.50 12.41 40.73
CA PHE D 162 -24.58 13.48 41.08
C PHE D 162 -24.66 14.64 40.09
N GLN D 163 -24.55 14.34 38.78
CA GLN D 163 -24.57 15.39 37.78
C GLN D 163 -25.89 16.14 37.77
N SER D 164 -27.00 15.42 37.93
CA SER D 164 -28.27 16.08 38.10
C SER D 164 -28.21 17.08 39.26
N SER D 165 -27.69 16.64 40.41
CA SER D 165 -27.63 17.55 41.55
C SER D 165 -26.65 18.69 41.30
N MET D 166 -25.51 18.40 40.68
CA MET D 166 -24.58 19.46 40.32
C MET D 166 -25.22 20.48 39.37
N THR D 167 -26.08 20.02 38.46
CA THR D 167 -26.72 20.92 37.51
C THR D 167 -27.69 21.86 38.23
N LYS D 168 -28.53 21.31 39.11
CA LYS D 168 -29.48 22.15 39.83
C LYS D 168 -28.79 23.15 40.73
N ILE D 169 -27.63 22.79 41.28
CA ILE D 169 -26.88 23.70 42.14
C ILE D 169 -26.28 24.84 41.32
N LEU D 170 -25.83 24.54 40.09
CA LEU D 170 -25.16 25.52 39.26
C LEU D 170 -26.13 26.43 38.50
N GLU D 171 -27.40 26.03 38.35
CA GLU D 171 -28.32 26.82 37.55
C GLU D 171 -28.48 28.25 38.06
N PRO D 172 -28.81 28.51 39.33
CA PRO D 172 -28.96 29.91 39.75
C PRO D 172 -27.70 30.75 39.48
N PHE D 173 -26.51 30.16 39.65
CA PHE D 173 -25.28 30.92 39.39
C PHE D 173 -25.11 31.18 37.89
N ARG D 174 -25.44 30.19 37.05
CA ARG D 174 -25.44 30.41 35.61
C ARG D 174 -26.36 31.56 35.22
N LYS D 175 -27.61 31.52 35.71
CA LYS D 175 -28.58 32.54 35.34
C LYS D 175 -28.11 33.94 35.73
N GLN D 176 -27.53 34.07 36.93
CA GLN D 176 -27.09 35.37 37.40
C GLN D 176 -25.85 35.87 36.67
N ASN D 177 -25.04 34.98 36.11
CA ASN D 177 -23.75 35.35 35.52
C ASN D 177 -23.74 34.91 34.06
N PRO D 178 -24.59 35.51 33.22
CA PRO D 178 -24.81 34.94 31.88
C PRO D 178 -23.59 34.92 30.99
N ASP D 179 -22.67 35.88 31.15
CA ASP D 179 -21.46 35.92 30.34
C ASP D 179 -20.26 35.30 31.06
N ILE D 180 -20.50 34.30 31.89
CA ILE D 180 -19.47 33.44 32.46
C ILE D 180 -19.76 32.04 31.96
N VAL D 181 -18.78 31.45 31.26
CA VAL D 181 -18.96 30.10 30.71
C VAL D 181 -18.49 29.09 31.73
N ILE D 182 -19.28 28.04 31.91
CA ILE D 182 -18.95 27.00 32.86
C ILE D 182 -19.12 25.65 32.19
N TYR D 183 -18.01 25.00 31.81
CA TYR D 183 -18.06 23.62 31.36
C TYR D 183 -18.08 22.71 32.58
N GLN D 184 -19.13 21.90 32.71
CA GLN D 184 -19.33 21.06 33.88
C GLN D 184 -19.32 19.59 33.45
N TYR D 185 -18.18 18.94 33.62
CA TYR D 185 -18.04 17.53 33.31
C TYR D 185 -17.83 16.79 34.63
N MET D 186 -18.88 16.11 35.08
CA MET D 186 -18.86 15.44 36.40
C MET D 186 -18.59 16.51 37.46
N ASP D 187 -17.53 16.32 38.25
CA ASP D 187 -17.18 17.29 39.28
C ASP D 187 -16.12 18.28 38.81
N ASP D 188 -15.86 18.34 37.52
CA ASP D 188 -14.82 19.20 36.97
C ASP D 188 -15.43 20.45 36.33
N LEU D 189 -14.96 21.62 36.76
CA LEU D 189 -15.50 22.91 36.32
C LEU D 189 -14.41 23.72 35.64
N TYR D 190 -14.52 23.90 34.33
CA TYR D 190 -13.80 24.94 33.60
C TYR D 190 -14.68 26.19 33.63
N VAL D 191 -14.12 27.30 34.07
CA VAL D 191 -14.85 28.56 34.19
C VAL D 191 -14.02 29.65 33.52
N GLY D 192 -14.57 30.26 32.47
CA GLY D 192 -13.87 31.27 31.71
C GLY D 192 -14.66 32.55 31.63
N SER D 193 -13.94 33.67 31.51
CA SER D 193 -14.56 34.98 31.43
C SER D 193 -13.65 35.91 30.66
N ASP D 194 -14.23 37.03 30.22
CA ASP D 194 -13.49 38.15 29.67
C ASP D 194 -13.34 39.28 30.68
N LEU D 195 -13.39 38.94 31.96
CA LEU D 195 -13.22 39.92 33.02
C LEU D 195 -11.73 40.07 33.32
N GLU D 196 -11.37 41.18 33.95
CA GLU D 196 -10.03 41.32 34.49
C GLU D 196 -9.84 40.34 35.65
N ILE D 197 -8.59 39.94 35.87
CA ILE D 197 -8.32 38.81 36.76
C ILE D 197 -8.90 39.05 38.15
N GLY D 198 -8.92 40.30 38.60
CA GLY D 198 -9.55 40.63 39.87
C GLY D 198 -11.03 40.31 39.91
N GLN D 199 -11.80 40.88 38.96
CA GLN D 199 -13.22 40.56 38.87
C GLN D 199 -13.45 39.10 38.55
N HIS D 200 -12.53 38.48 37.79
CA HIS D 200 -12.63 37.04 37.56
C HIS D 200 -12.52 36.26 38.85
N ARG D 201 -11.48 36.54 39.64
CA ARG D 201 -11.29 35.84 40.90
C ARG D 201 -12.42 36.11 41.89
N THR D 202 -13.05 37.29 41.80
CA THR D 202 -14.25 37.53 42.59
C THR D 202 -15.38 36.59 42.18
N LYS D 203 -15.55 36.39 40.88
CA LYS D 203 -16.60 35.49 40.40
C LYS D 203 -16.34 34.05 40.82
N ILE D 204 -15.06 33.64 40.84
CA ILE D 204 -14.72 32.27 41.22
C ILE D 204 -15.06 32.03 42.68
N GLU D 205 -14.72 32.98 43.56
CA GLU D 205 -14.98 32.79 44.99
C GLU D 205 -16.47 32.87 45.32
N GLU D 206 -17.23 33.71 44.60
CA GLU D 206 -18.68 33.62 44.67
C GLU D 206 -19.13 32.19 44.39
N LEU D 207 -18.63 31.60 43.30
CA LEU D 207 -18.98 30.24 42.93
C LEU D 207 -18.50 29.25 43.99
N ARG D 208 -17.25 29.40 44.45
CA ARG D 208 -16.74 28.49 45.46
C ARG D 208 -17.62 28.48 46.70
N GLN D 209 -18.03 29.66 47.17
CA GLN D 209 -18.86 29.67 48.37
C GLN D 209 -20.31 29.30 48.06
N HIS D 210 -20.82 29.61 46.87
CA HIS D 210 -22.14 29.09 46.50
C HIS D 210 -22.17 27.57 46.57
N LEU D 211 -21.11 26.92 46.06
CA LEU D 211 -21.01 25.46 46.14
C LEU D 211 -20.74 25.00 47.57
N LEU D 212 -19.97 25.76 48.35
CA LEU D 212 -19.69 25.33 49.72
C LEU D 212 -20.94 25.39 50.56
N ARG D 213 -21.74 26.44 50.38
CA ARG D 213 -23.05 26.50 51.02
C ARG D 213 -23.93 25.34 50.57
N TRP D 214 -23.62 24.72 49.45
CA TRP D 214 -24.26 23.48 49.01
C TRP D 214 -23.33 22.29 49.19
N GLY D 215 -22.58 22.26 50.28
CA GLY D 215 -21.87 21.06 50.69
C GLY D 215 -20.78 20.52 49.77
N PHE D 216 -20.37 21.30 48.76
CA PHE D 216 -19.34 20.87 47.82
C PHE D 216 -18.10 21.73 48.05
N THR D 217 -17.04 21.12 48.59
CA THR D 217 -15.80 21.85 48.73
C THR D 217 -15.00 21.82 47.43
N THR D 218 -14.09 22.78 47.28
CA THR D 218 -13.14 22.82 46.18
C THR D 218 -11.74 23.04 46.75
N PRO D 219 -11.04 21.96 47.07
CA PRO D 219 -9.70 22.10 47.69
C PRO D 219 -8.71 22.78 46.75
N ASP D 220 -7.67 23.34 47.35
CA ASP D 220 -6.75 24.20 46.62
C ASP D 220 -5.86 23.40 45.67
N LYS D 221 -5.43 22.21 46.07
CA LYS D 221 -4.53 21.43 45.21
C LYS D 221 -5.13 21.09 43.86
N LYS D 222 -6.46 21.00 43.77
CA LYS D 222 -7.12 20.79 42.49
C LYS D 222 -7.75 22.07 41.94
N HIS D 223 -7.23 23.22 42.34
CA HIS D 223 -7.70 24.53 41.91
C HIS D 223 -6.60 25.15 41.06
N GLN D 224 -6.85 25.26 39.75
CA GLN D 224 -5.83 25.71 38.80
C GLN D 224 -6.06 27.19 38.48
N LYS D 225 -5.02 28.00 38.69
CA LYS D 225 -5.11 29.43 38.46
C LYS D 225 -4.20 29.93 37.34
N GLU D 226 -3.20 29.15 36.94
CA GLU D 226 -2.22 29.58 35.96
C GLU D 226 -2.14 28.58 34.81
N PRO D 227 -1.97 29.06 33.58
CA PRO D 227 -1.74 28.14 32.44
C PRO D 227 -0.35 27.53 32.50
N PRO D 228 -0.15 26.37 31.87
CA PRO D 228 -1.15 25.61 31.11
C PRO D 228 -2.15 24.89 32.01
N PHE D 229 -3.42 24.90 31.62
CA PHE D 229 -4.49 24.26 32.39
C PHE D 229 -4.67 22.83 31.92
N LEU D 230 -4.59 21.89 32.87
CA LEU D 230 -4.86 20.49 32.58
C LEU D 230 -6.36 20.26 32.63
N TRP D 231 -6.94 19.85 31.50
CA TRP D 231 -8.38 19.78 31.34
C TRP D 231 -8.74 18.67 30.35
N MET D 232 -9.47 17.67 30.84
CA MET D 232 -10.11 16.66 30.01
C MET D 232 -9.11 15.87 29.14
N GLY D 233 -7.84 15.83 29.56
CA GLY D 233 -6.81 15.18 28.79
C GLY D 233 -5.98 16.10 27.93
N TYR D 234 -6.22 17.40 28.00
CA TYR D 234 -5.48 18.36 27.20
C TYR D 234 -4.70 19.31 28.10
N GLU D 235 -3.90 20.16 27.47
CA GLU D 235 -3.25 21.29 28.13
C GLU D 235 -3.70 22.56 27.42
N LEU D 236 -4.48 23.38 28.12
CA LEU D 236 -5.00 24.63 27.57
C LEU D 236 -3.98 25.74 27.77
N HIS D 237 -3.56 26.34 26.67
CA HIS D 237 -2.72 27.54 26.68
C HIS D 237 -3.55 28.73 26.27
N PRO D 238 -3.05 29.95 26.48
CA PRO D 238 -3.86 31.13 26.17
C PRO D 238 -4.43 31.17 24.75
N ASP D 239 -3.62 30.91 23.74
CA ASP D 239 -4.08 30.94 22.36
C ASP D 239 -3.99 29.60 21.65
N LYS D 240 -3.58 28.54 22.34
CA LYS D 240 -3.37 27.23 21.74
C LYS D 240 -3.78 26.15 22.73
N TRP D 241 -4.10 24.97 22.21
CA TRP D 241 -4.35 23.83 23.06
C TRP D 241 -3.64 22.61 22.47
N THR D 242 -3.17 21.73 23.35
CA THR D 242 -2.48 20.52 22.97
C THR D 242 -3.07 19.34 23.73
N VAL D 243 -2.78 18.12 23.23
CA VAL D 243 -3.15 16.92 23.98
C VAL D 243 -1.99 16.53 24.87
N GLN D 244 -2.33 15.88 25.98
CA GLN D 244 -1.29 15.40 26.88
C GLN D 244 -0.48 14.31 26.18
N PRO D 245 0.79 14.17 26.53
CA PRO D 245 1.68 13.29 25.76
C PRO D 245 1.10 11.90 25.55
N ILE D 246 1.07 11.47 24.29
CA ILE D 246 0.62 10.13 23.92
C ILE D 246 1.84 9.24 23.79
N VAL D 247 1.79 8.07 24.42
CA VAL D 247 2.91 7.13 24.44
C VAL D 247 2.45 5.82 23.81
N LEU D 248 3.05 5.48 22.69
CA LEU D 248 2.72 4.21 22.06
C LEU D 248 3.59 3.08 22.61
N PRO D 249 3.05 1.87 22.68
CA PRO D 249 3.89 0.72 23.05
C PRO D 249 4.92 0.43 21.99
N GLU D 250 6.10 0.01 22.44
CA GLU D 250 7.16 -0.48 21.56
C GLU D 250 7.49 -1.91 21.97
N LYS D 251 7.33 -2.86 21.04
CA LYS D 251 7.52 -4.27 21.34
C LYS D 251 8.25 -4.94 20.19
N ASP D 252 8.95 -6.03 20.51
CA ASP D 252 9.48 -6.89 19.47
C ASP D 252 8.43 -7.89 19.00
N SER D 253 7.69 -8.48 19.94
CA SER D 253 6.59 -9.38 19.63
C SER D 253 5.28 -8.73 20.07
N TRP D 254 4.24 -8.90 19.25
CA TRP D 254 2.96 -8.23 19.44
C TRP D 254 1.85 -9.25 19.64
N THR D 255 0.96 -8.95 20.57
CA THR D 255 -0.24 -9.74 20.79
C THR D 255 -1.43 -9.00 20.23
N VAL D 256 -2.52 -9.74 20.01
CA VAL D 256 -3.79 -9.12 19.63
C VAL D 256 -4.08 -7.93 20.54
N ASN D 257 -3.94 -8.14 21.85
CA ASN D 257 -4.27 -7.10 22.81
C ASN D 257 -3.36 -5.88 22.64
N ASP D 258 -2.06 -6.12 22.48
CA ASP D 258 -1.10 -5.05 22.19
C ASP D 258 -1.56 -4.20 21.01
N ILE D 259 -1.87 -4.85 19.87
CA ILE D 259 -2.32 -4.12 18.70
C ILE D 259 -3.59 -3.32 19.00
N GLN D 260 -4.53 -3.94 19.73
CA GLN D 260 -5.78 -3.26 20.05
C GLN D 260 -5.52 -1.96 20.80
N LYS D 261 -4.63 -2.01 21.81
CA LYS D 261 -4.31 -0.78 22.54
C LYS D 261 -3.68 0.26 21.62
N LEU D 262 -2.77 -0.19 20.75
CA LEU D 262 -2.09 0.70 19.82
C LEU D 262 -3.07 1.43 18.92
N VAL D 263 -3.98 0.69 18.29
CA VAL D 263 -4.96 1.32 17.41
C VAL D 263 -5.83 2.28 18.20
N GLY D 264 -6.11 1.96 19.46
CA GLY D 264 -6.92 2.84 20.27
C GLY D 264 -6.23 4.16 20.55
N LYS D 265 -4.93 4.11 20.88
CA LYS D 265 -4.17 5.32 21.13
C LYS D 265 -3.99 6.15 19.85
N LEU D 266 -3.90 5.49 18.70
CA LEU D 266 -3.78 6.22 17.43
C LEU D 266 -5.10 6.90 17.08
N ASN D 267 -6.23 6.21 17.29
CA ASN D 267 -7.52 6.87 17.10
C ASN D 267 -7.63 8.10 18.00
N TRP D 268 -7.16 7.99 19.25
CA TRP D 268 -7.16 9.15 20.14
C TRP D 268 -6.27 10.27 19.59
N ALA D 269 -5.11 9.93 19.04
CA ALA D 269 -4.22 10.96 18.50
C ALA D 269 -4.79 11.65 17.27
N SER D 270 -5.66 10.97 16.53
CA SER D 270 -6.08 11.49 15.23
C SER D 270 -6.90 12.77 15.35
N GLN D 271 -7.31 13.15 16.56
CA GLN D 271 -8.12 14.33 16.72
C GLN D 271 -7.33 15.63 16.56
N ILE D 272 -5.99 15.57 16.57
CA ILE D 272 -5.18 16.77 16.43
C ILE D 272 -4.01 16.48 15.49
N TYR D 273 -3.62 15.22 15.42
CA TYR D 273 -2.54 14.80 14.52
C TYR D 273 -3.15 14.42 13.17
N ALA D 274 -2.96 15.28 12.17
CA ALA D 274 -3.46 15.01 10.82
C ALA D 274 -2.69 13.85 10.19
N GLY D 275 -3.42 13.03 9.41
CA GLY D 275 -2.81 11.96 8.64
C GLY D 275 -2.70 10.59 9.28
N ILE D 276 -3.27 10.39 10.48
CA ILE D 276 -3.13 9.11 11.17
C ILE D 276 -3.90 8.01 10.41
N LYS D 277 -3.26 6.86 10.23
CA LYS D 277 -3.89 5.73 9.56
C LYS D 277 -3.80 4.50 10.43
N VAL D 278 -4.90 3.74 10.52
CA VAL D 278 -4.92 2.51 11.32
C VAL D 278 -5.44 1.30 10.57
N ARG D 279 -5.65 1.42 9.25
CA ARG D 279 -6.23 0.32 8.49
C ARG D 279 -5.35 -0.93 8.52
N GLN D 280 -4.06 -0.78 8.21
CA GLN D 280 -3.22 -1.96 8.10
C GLN D 280 -2.99 -2.63 9.46
N LEU D 281 -3.02 -1.85 10.55
CA LEU D 281 -2.83 -2.43 11.89
C LEU D 281 -4.09 -3.15 12.36
N SER D 282 -5.26 -2.51 12.21
CA SER D 282 -6.51 -3.17 12.54
C SER D 282 -6.73 -4.43 11.70
N LYS D 283 -6.24 -4.43 10.46
CA LYS D 283 -6.35 -5.62 9.62
C LYS D 283 -5.76 -6.85 10.31
N LEU D 284 -4.69 -6.65 11.10
CA LEU D 284 -4.11 -7.76 11.86
C LEU D 284 -5.06 -8.34 12.90
N LEU D 285 -6.06 -7.56 13.33
CA LEU D 285 -7.01 -8.06 14.31
C LEU D 285 -8.03 -9.03 13.73
N ARG D 286 -8.19 -9.04 12.41
CA ARG D 286 -9.22 -9.87 11.80
C ARG D 286 -8.84 -11.35 11.85
N GLY D 287 -9.83 -12.19 12.15
CA GLY D 287 -9.64 -13.62 12.17
C GLY D 287 -8.89 -14.15 13.37
N THR D 288 -8.31 -13.29 14.19
CA THR D 288 -7.67 -13.74 15.42
C THR D 288 -8.74 -14.24 16.39
N LYS D 289 -8.29 -14.94 17.43
CA LYS D 289 -9.25 -15.55 18.33
C LYS D 289 -8.85 -15.50 19.80
N ALA D 290 -7.76 -14.86 20.18
CA ALA D 290 -7.42 -14.75 21.59
C ALA D 290 -6.62 -13.49 21.82
N LEU D 291 -6.96 -12.75 22.89
CA LEU D 291 -6.23 -11.54 23.22
C LEU D 291 -4.74 -11.83 23.41
N THR D 292 -4.40 -13.02 23.86
CA THR D 292 -3.02 -13.42 24.10
C THR D 292 -2.33 -13.95 22.84
N GLU D 293 -3.04 -14.04 21.72
CA GLU D 293 -2.45 -14.60 20.52
C GLU D 293 -1.38 -13.67 19.97
N VAL D 294 -0.17 -14.19 19.78
CA VAL D 294 0.89 -13.41 19.16
C VAL D 294 0.60 -13.27 17.67
N VAL D 295 0.70 -12.04 17.18
CA VAL D 295 0.40 -11.69 15.79
C VAL D 295 1.62 -11.01 15.20
N PRO D 296 2.19 -11.52 14.10
CA PRO D 296 3.33 -10.84 13.48
C PRO D 296 2.87 -9.62 12.68
N LEU D 297 3.64 -8.54 12.79
CA LEU D 297 3.34 -7.33 12.04
C LEU D 297 3.71 -7.50 10.57
N THR D 298 2.71 -7.45 9.68
CA THR D 298 3.00 -7.43 8.26
C THR D 298 3.79 -6.17 7.89
N GLU D 299 4.37 -6.20 6.69
CA GLU D 299 5.19 -5.09 6.20
C GLU D 299 4.41 -3.78 6.13
N GLU D 300 3.19 -3.82 5.57
CA GLU D 300 2.40 -2.61 5.49
C GLU D 300 1.99 -2.12 6.87
N ALA D 301 1.65 -3.04 7.77
CA ALA D 301 1.43 -2.64 9.15
C ALA D 301 2.67 -1.96 9.71
N GLU D 302 3.85 -2.53 9.44
CA GLU D 302 5.10 -1.92 9.88
C GLU D 302 5.29 -0.54 9.27
N LEU D 303 5.04 -0.39 7.96
CA LEU D 303 5.17 0.92 7.33
C LEU D 303 4.16 1.89 7.89
N GLU D 304 2.91 1.45 8.06
CA GLU D 304 1.86 2.30 8.60
C GLU D 304 2.25 2.81 9.97
N LEU D 305 2.71 1.90 10.84
CA LEU D 305 3.12 2.30 12.18
C LEU D 305 4.26 3.29 12.12
N ALA D 306 5.25 3.04 11.26
CA ALA D 306 6.41 3.93 11.17
C ALA D 306 6.02 5.33 10.73
N GLU D 307 5.09 5.45 9.77
CA GLU D 307 4.55 6.76 9.39
C GLU D 307 3.86 7.44 10.56
N ASN D 308 3.02 6.71 11.30
CA ASN D 308 2.33 7.30 12.45
C ASN D 308 3.33 7.85 13.47
N ARG D 309 4.39 7.08 13.76
CA ARG D 309 5.39 7.54 14.72
C ARG D 309 6.06 8.83 14.26
N GLU D 310 6.29 8.97 12.95
CA GLU D 310 6.90 10.21 12.47
C GLU D 310 5.94 11.38 12.60
N ILE D 311 4.64 11.13 12.44
CA ILE D 311 3.64 12.18 12.66
C ILE D 311 3.63 12.61 14.12
N LEU D 312 3.77 11.65 15.04
CA LEU D 312 3.78 11.93 16.47
C LEU D 312 5.11 12.52 16.95
N LYS D 313 6.17 12.44 16.17
CA LYS D 313 7.41 13.11 16.55
C LYS D 313 7.24 14.62 16.57
N GLU D 314 6.44 15.15 15.64
CA GLU D 314 6.34 16.59 15.44
C GLU D 314 5.44 17.21 16.50
N PRO D 315 5.75 18.44 16.90
CA PRO D 315 4.86 19.16 17.83
C PRO D 315 3.67 19.74 17.07
N VAL D 316 2.48 19.46 17.56
CA VAL D 316 1.24 19.92 16.94
C VAL D 316 0.41 20.63 18.01
N HIS D 317 -0.50 21.49 17.56
CA HIS D 317 -1.44 22.12 18.49
C HIS D 317 -2.71 22.49 17.76
N GLY D 318 -3.82 22.55 18.52
CA GLY D 318 -5.05 23.13 18.05
C GLY D 318 -5.21 24.59 18.48
N VAL D 319 -6.21 25.25 17.88
CA VAL D 319 -6.56 26.61 18.29
C VAL D 319 -8.00 26.63 18.77
N TYR D 320 -8.47 27.80 19.20
CA TYR D 320 -9.79 27.96 19.77
C TYR D 320 -10.75 28.53 18.72
N TYR D 321 -12.03 28.49 19.06
CA TYR D 321 -13.11 28.78 18.12
C TYR D 321 -13.43 30.27 18.10
N ASP D 322 -13.32 30.88 16.91
CA ASP D 322 -13.76 32.25 16.68
C ASP D 322 -15.16 32.20 16.06
N PRO D 323 -16.23 32.45 16.82
CA PRO D 323 -17.58 32.39 16.23
C PRO D 323 -17.86 33.50 15.22
N SER D 324 -17.01 34.53 15.16
CA SER D 324 -17.11 35.57 14.15
C SER D 324 -16.61 35.12 12.77
N LYS D 325 -16.09 33.91 12.64
CA LYS D 325 -15.58 33.42 11.37
C LYS D 325 -16.28 32.13 11.00
N ASP D 326 -16.10 31.71 9.76
CA ASP D 326 -16.79 30.54 9.25
C ASP D 326 -15.95 29.29 9.47
N LEU D 327 -16.65 28.17 9.63
CA LEU D 327 -15.99 26.89 9.82
C LEU D 327 -15.70 26.25 8.48
N ILE D 328 -14.47 25.73 8.32
CA ILE D 328 -14.03 25.11 7.08
C ILE D 328 -13.47 23.73 7.38
N ALA D 329 -13.95 22.72 6.66
CA ALA D 329 -13.44 21.37 6.76
C ALA D 329 -12.90 20.95 5.40
N GLU D 330 -11.71 20.39 5.41
CA GLU D 330 -11.06 19.91 4.20
C GLU D 330 -10.77 18.43 4.38
N ILE D 331 -11.03 17.65 3.34
CA ILE D 331 -10.90 16.20 3.39
C ILE D 331 -9.86 15.78 2.36
N GLN D 332 -9.03 14.81 2.71
CA GLN D 332 -8.12 14.21 1.75
C GLN D 332 -8.39 12.71 1.67
N LYS D 333 -8.18 12.15 0.49
CA LYS D 333 -8.25 10.72 0.26
C LYS D 333 -6.89 10.11 0.59
N GLN D 334 -6.89 8.96 1.27
CA GLN D 334 -5.64 8.31 1.66
C GLN D 334 -5.50 6.88 1.14
N GLY D 335 -6.51 6.31 0.53
CA GLY D 335 -6.39 4.96 0.00
C GLY D 335 -7.04 3.93 0.91
N GLN D 336 -7.52 2.84 0.31
CA GLN D 336 -8.10 1.71 1.03
C GLN D 336 -9.25 2.15 1.94
N GLY D 337 -10.11 3.02 1.45
CA GLY D 337 -11.25 3.48 2.22
C GLY D 337 -10.94 4.41 3.38
N GLN D 338 -9.74 4.98 3.42
CA GLN D 338 -9.30 5.83 4.53
C GLN D 338 -9.37 7.30 4.13
N TRP D 339 -9.90 8.13 5.04
CA TRP D 339 -10.04 9.55 4.83
C TRP D 339 -9.62 10.29 6.09
N THR D 340 -8.76 11.30 5.96
CA THR D 340 -8.55 12.24 7.05
C THR D 340 -9.07 13.61 6.66
N TYR D 341 -9.38 14.41 7.67
CA TYR D 341 -9.88 15.74 7.43
C TYR D 341 -9.28 16.70 8.44
N GLN D 342 -9.39 18.00 8.14
CA GLN D 342 -9.01 19.07 9.04
C GLN D 342 -10.13 20.11 9.08
N ILE D 343 -10.35 20.68 10.26
CA ILE D 343 -11.32 21.77 10.42
C ILE D 343 -10.60 23.00 10.93
N TYR D 344 -10.76 24.13 10.21
CA TYR D 344 -10.08 25.36 10.57
C TYR D 344 -10.94 26.56 10.21
N GLN D 345 -10.45 27.73 10.59
CA GLN D 345 -11.09 28.99 10.22
C GLN D 345 -10.18 29.92 9.44
N GLU D 346 -8.91 30.05 9.86
CA GLU D 346 -7.87 30.69 9.08
C GLU D 346 -6.85 29.63 8.65
N PRO D 347 -6.20 29.79 7.50
CA PRO D 347 -5.48 28.66 6.91
C PRO D 347 -4.26 28.26 7.72
N PHE D 348 -4.06 26.93 7.84
CA PHE D 348 -2.97 26.31 8.57
C PHE D 348 -3.07 26.51 10.08
N LYS D 349 -4.26 26.85 10.57
CA LYS D 349 -4.53 26.94 12.00
C LYS D 349 -5.71 26.01 12.31
N ASN D 350 -5.42 24.72 12.49
CA ASN D 350 -6.49 23.75 12.71
C ASN D 350 -7.16 23.95 14.07
N LEU D 351 -8.48 23.83 14.08
CA LEU D 351 -9.19 23.64 15.34
C LEU D 351 -9.04 22.20 15.83
N LYS D 352 -9.30 21.23 14.96
CA LYS D 352 -9.04 19.83 15.24
C LYS D 352 -8.92 19.11 13.91
N THR D 353 -8.50 17.85 13.98
CA THR D 353 -8.42 16.96 12.85
C THR D 353 -9.26 15.72 13.12
N GLY D 354 -9.24 14.78 12.18
CA GLY D 354 -10.06 13.60 12.31
C GLY D 354 -9.82 12.65 11.16
N LYS D 355 -10.42 11.47 11.27
CA LYS D 355 -10.33 10.49 10.20
C LYS D 355 -11.65 9.73 10.10
N TYR D 356 -11.99 9.31 8.88
CA TYR D 356 -13.10 8.41 8.61
C TYR D 356 -12.57 7.21 7.83
N ALA D 357 -12.93 6.01 8.27
CA ALA D 357 -12.37 4.82 7.63
C ALA D 357 -13.29 3.61 7.74
N ARG D 358 -14.56 3.80 8.07
CA ARG D 358 -15.48 2.67 8.16
C ARG D 358 -15.76 2.11 6.77
N MET D 359 -15.80 0.79 6.67
CA MET D 359 -16.20 0.11 5.43
C MET D 359 -17.67 -0.27 5.57
N LYS D 360 -18.54 0.56 5.00
CA LYS D 360 -19.98 0.35 5.05
C LYS D 360 -20.46 -0.34 3.78
N GLY D 361 -21.17 -1.45 3.94
CA GLY D 361 -21.63 -2.21 2.80
C GLY D 361 -20.58 -3.15 2.25
N ALA D 362 -21.03 -4.13 1.48
CA ALA D 362 -20.15 -5.08 0.82
C ALA D 362 -19.61 -4.57 -0.49
N HIS D 363 -20.35 -3.68 -1.16
CA HIS D 363 -19.92 -3.06 -2.42
C HIS D 363 -20.18 -1.57 -2.32
N THR D 364 -19.18 -0.76 -2.64
CA THR D 364 -19.29 0.69 -2.50
C THR D 364 -18.37 1.35 -3.51
N ASN D 365 -18.32 2.68 -3.48
CA ASN D 365 -17.35 3.42 -4.27
C ASN D 365 -16.87 4.65 -3.49
N ASP D 366 -15.87 5.32 -4.06
CA ASP D 366 -15.26 6.48 -3.41
C ASP D 366 -16.26 7.60 -3.16
N VAL D 367 -17.19 7.84 -4.09
CA VAL D 367 -18.12 8.95 -3.93
C VAL D 367 -19.07 8.69 -2.76
N LYS D 368 -19.59 7.47 -2.66
CA LYS D 368 -20.36 7.10 -1.47
C LYS D 368 -19.55 7.32 -0.21
N GLN D 369 -18.28 6.92 -0.21
CA GLN D 369 -17.47 7.06 0.99
C GLN D 369 -17.22 8.52 1.33
N LEU D 370 -16.99 9.36 0.32
CA LEU D 370 -16.85 10.80 0.56
C LEU D 370 -18.13 11.37 1.15
N THR D 371 -19.28 10.96 0.63
CA THR D 371 -20.55 11.40 1.18
C THR D 371 -20.67 11.03 2.66
N GLU D 372 -20.22 9.83 3.03
CA GLU D 372 -20.28 9.39 4.42
C GLU D 372 -19.33 10.21 5.30
N ALA D 373 -18.07 10.35 4.87
CA ALA D 373 -17.14 11.23 5.58
C ALA D 373 -17.74 12.61 5.79
N VAL D 374 -18.39 13.17 4.76
CA VAL D 374 -18.98 14.50 4.90
C VAL D 374 -20.05 14.47 5.99
N GLN D 375 -20.85 13.40 6.02
CA GLN D 375 -21.93 13.34 7.00
C GLN D 375 -21.38 13.25 8.41
N LYS D 376 -20.26 12.54 8.60
CA LYS D 376 -19.67 12.43 9.92
C LYS D 376 -19.17 13.78 10.42
N ILE D 377 -18.38 14.47 9.59
CA ILE D 377 -17.89 15.80 9.94
C ILE D 377 -19.05 16.75 10.19
N ALA D 378 -20.12 16.65 9.42
CA ALA D 378 -21.27 17.51 9.66
C ALA D 378 -21.83 17.25 11.06
N THR D 379 -21.98 15.98 11.43
CA THR D 379 -22.54 15.63 12.73
C THR D 379 -21.61 16.09 13.86
N GLU D 380 -20.31 15.84 13.71
CA GLU D 380 -19.35 16.30 14.70
C GLU D 380 -19.38 17.82 14.85
N SER D 381 -19.59 18.54 13.74
CA SER D 381 -19.60 20.01 13.80
C SER D 381 -20.80 20.52 14.58
N ILE D 382 -21.96 19.89 14.40
CA ILE D 382 -23.12 20.26 15.20
C ILE D 382 -22.85 20.05 16.67
N VAL D 383 -22.18 18.94 17.02
CA VAL D 383 -21.94 18.62 18.42
C VAL D 383 -21.05 19.68 19.07
N ILE D 384 -19.98 20.07 18.39
CA ILE D 384 -18.94 20.91 19.00
C ILE D 384 -19.27 22.40 18.88
N TRP D 385 -19.66 22.89 17.70
CA TRP D 385 -19.93 24.31 17.50
C TRP D 385 -21.38 24.64 17.20
N GLY D 386 -22.23 23.65 17.02
CA GLY D 386 -23.63 23.94 16.76
C GLY D 386 -23.95 24.40 15.36
N LYS D 387 -23.04 24.20 14.40
CA LYS D 387 -23.28 24.58 13.02
C LYS D 387 -22.45 23.66 12.14
N THR D 388 -22.89 23.53 10.83
CA THR D 388 -22.09 22.73 9.92
C THR D 388 -21.05 23.59 9.22
N PRO D 389 -19.96 23.02 8.74
CA PRO D 389 -18.91 23.82 8.10
C PRO D 389 -19.15 24.00 6.61
N LYS D 390 -18.35 24.89 6.03
CA LYS D 390 -18.19 24.92 4.59
C LYS D 390 -17.11 23.91 4.21
N PHE D 391 -17.34 23.20 3.12
CA PHE D 391 -16.50 22.06 2.77
C PHE D 391 -15.59 22.36 1.60
N LYS D 392 -14.34 21.90 1.70
CA LYS D 392 -13.38 21.93 0.60
C LYS D 392 -13.00 20.49 0.28
N LEU D 393 -13.52 19.96 -0.83
CA LEU D 393 -13.39 18.55 -1.14
C LEU D 393 -12.55 18.33 -2.41
N PRO D 394 -11.84 17.22 -2.49
CA PRO D 394 -11.10 16.89 -3.73
C PRO D 394 -11.95 16.12 -4.74
N ILE D 395 -13.04 16.73 -5.18
CA ILE D 395 -13.95 16.12 -6.15
C ILE D 395 -14.46 17.21 -7.10
N GLN D 396 -14.49 16.92 -8.39
CA GLN D 396 -14.95 17.90 -9.36
C GLN D 396 -16.48 17.96 -9.35
N LYS D 397 -17.01 19.17 -9.53
CA LYS D 397 -18.46 19.30 -9.63
C LYS D 397 -19.02 18.40 -10.73
N GLU D 398 -18.29 18.31 -11.85
CA GLU D 398 -18.69 17.42 -12.93
C GLU D 398 -18.84 16.00 -12.43
N THR D 399 -17.87 15.52 -11.63
CA THR D 399 -17.91 14.16 -11.13
C THR D 399 -19.13 13.95 -10.25
N TRP D 400 -19.38 14.87 -9.31
CA TRP D 400 -20.54 14.72 -8.43
C TRP D 400 -21.84 14.73 -9.21
N GLU D 401 -21.98 15.66 -10.17
CA GLU D 401 -23.21 15.75 -10.95
C GLU D 401 -23.44 14.49 -11.77
N ALA D 402 -22.40 13.94 -12.39
CA ALA D 402 -22.53 12.63 -13.03
C ALA D 402 -23.06 11.61 -12.05
N TRP D 403 -22.47 11.54 -10.85
CA TRP D 403 -22.92 10.59 -9.83
C TRP D 403 -24.38 10.85 -9.47
N TRP D 404 -24.73 12.11 -9.16
CA TRP D 404 -26.08 12.42 -8.70
C TRP D 404 -27.15 12.07 -9.74
N THR D 405 -26.85 12.19 -11.04
CA THR D 405 -27.84 11.83 -12.06
C THR D 405 -28.01 10.31 -12.16
N GLU D 406 -26.92 9.56 -12.28
CA GLU D 406 -27.02 8.13 -12.58
C GLU D 406 -27.20 7.26 -11.34
N TYR D 407 -27.29 7.83 -10.15
CA TYR D 407 -27.61 7.09 -8.94
C TYR D 407 -29.09 7.31 -8.60
N TRP D 408 -29.83 6.22 -8.43
CA TRP D 408 -31.28 6.26 -8.30
C TRP D 408 -31.76 6.66 -6.91
N GLN D 409 -30.88 6.77 -5.92
CA GLN D 409 -31.26 7.19 -4.58
C GLN D 409 -30.99 8.67 -4.40
N ALA D 410 -31.73 9.29 -3.48
CA ALA D 410 -31.47 10.68 -3.17
C ALA D 410 -30.13 10.81 -2.49
N THR D 411 -29.34 11.81 -2.89
CA THR D 411 -28.04 12.05 -2.27
C THR D 411 -27.68 13.52 -2.41
N TRP D 412 -26.78 13.97 -1.55
CA TRP D 412 -26.48 15.39 -1.43
C TRP D 412 -25.28 15.59 -0.52
N ILE D 413 -24.57 16.70 -0.74
CA ILE D 413 -23.65 17.26 0.24
C ILE D 413 -23.71 18.77 0.16
N PRO D 414 -23.42 19.46 1.27
CA PRO D 414 -23.66 20.91 1.34
C PRO D 414 -22.82 21.73 0.38
N GLU D 415 -22.87 23.06 0.58
CA GLU D 415 -21.94 24.00 -0.03
C GLU D 415 -20.51 23.43 -0.01
N TRP D 416 -19.88 23.34 -1.17
CA TRP D 416 -18.48 22.95 -1.21
C TRP D 416 -17.77 23.52 -2.42
N GLU D 417 -16.49 23.84 -2.23
CA GLU D 417 -15.61 24.30 -3.30
C GLU D 417 -14.55 23.25 -3.57
N PHE D 418 -14.20 23.10 -4.85
CA PHE D 418 -13.25 22.09 -5.28
C PHE D 418 -11.83 22.49 -4.89
N VAL D 419 -11.10 21.58 -4.27
CA VAL D 419 -9.70 21.78 -3.95
C VAL D 419 -8.91 20.66 -4.62
N ASN D 420 -7.91 21.04 -5.43
CA ASN D 420 -7.18 20.04 -6.22
C ASN D 420 -5.99 19.52 -5.41
N THR D 421 -6.29 18.58 -4.53
CA THR D 421 -5.26 17.89 -3.75
C THR D 421 -5.37 16.41 -4.10
N PRO D 422 -4.61 15.94 -5.09
CA PRO D 422 -4.74 14.55 -5.53
C PRO D 422 -4.33 13.58 -4.43
N PRO D 423 -4.79 12.33 -4.50
CA PRO D 423 -5.73 11.75 -5.45
C PRO D 423 -7.16 12.29 -5.32
N LEU D 424 -7.79 12.63 -6.45
CA LEU D 424 -9.15 13.13 -6.43
C LEU D 424 -10.16 11.97 -6.39
N VAL D 425 -11.37 12.28 -5.93
CA VAL D 425 -12.48 11.34 -5.93
C VAL D 425 -13.10 11.34 -7.32
N LYS D 426 -13.12 10.16 -7.97
CA LYS D 426 -13.59 10.09 -9.34
C LYS D 426 -14.50 8.88 -9.49
N LEU D 427 -15.27 8.87 -10.56
CA LEU D 427 -16.02 7.70 -10.96
C LEU D 427 -15.13 6.88 -11.88
N TRP D 428 -14.85 5.63 -11.47
CA TRP D 428 -13.88 4.81 -12.17
C TRP D 428 -14.42 4.16 -13.44
N TYR D 429 -15.73 4.25 -13.70
CA TYR D 429 -16.33 3.87 -14.96
C TYR D 429 -17.75 4.40 -14.92
N GLN D 430 -18.37 4.50 -16.09
CA GLN D 430 -19.75 4.95 -16.18
C GLN D 430 -20.46 4.07 -17.18
N LEU D 431 -21.49 3.37 -16.72
CA LEU D 431 -22.30 2.57 -17.62
C LEU D 431 -22.96 3.47 -18.65
N GLU D 432 -23.01 3.01 -19.90
CA GLU D 432 -23.77 3.75 -20.89
C GLU D 432 -25.24 3.69 -20.53
N LYS D 433 -25.97 4.75 -20.82
CA LYS D 433 -27.39 4.77 -20.54
C LYS D 433 -28.24 4.38 -21.73
N GLU D 434 -27.63 4.15 -22.89
CA GLU D 434 -28.32 3.65 -24.08
C GLU D 434 -27.49 2.54 -24.72
N PRO D 435 -28.12 1.58 -25.38
CA PRO D 435 -27.36 0.49 -26.00
C PRO D 435 -26.42 0.99 -27.09
N ILE D 436 -25.25 0.37 -27.18
CA ILE D 436 -24.17 0.87 -28.02
C ILE D 436 -24.37 0.39 -29.46
N ILE D 437 -24.43 1.36 -30.39
CA ILE D 437 -24.60 1.04 -31.80
C ILE D 437 -23.32 0.39 -32.33
N GLY D 438 -23.47 -0.77 -32.98
CA GLY D 438 -22.35 -1.49 -33.55
C GLY D 438 -21.50 -2.28 -32.59
N ALA D 439 -21.96 -2.50 -31.36
CA ALA D 439 -21.25 -3.34 -30.41
C ALA D 439 -22.00 -4.66 -30.22
N GLU D 440 -21.25 -5.68 -29.82
CA GLU D 440 -21.81 -7.01 -29.69
C GLU D 440 -22.73 -7.12 -28.47
N THR D 441 -23.79 -7.92 -28.61
CA THR D 441 -24.79 -8.11 -27.57
C THR D 441 -24.63 -9.51 -26.99
N PHE D 442 -24.35 -9.58 -25.69
CA PHE D 442 -24.19 -10.84 -24.97
C PHE D 442 -25.43 -11.09 -24.11
N TYR D 443 -26.09 -12.22 -24.32
CA TYR D 443 -27.20 -12.67 -23.48
C TYR D 443 -26.63 -13.66 -22.47
N VAL D 444 -26.33 -13.19 -21.28
CA VAL D 444 -25.70 -14.05 -20.28
C VAL D 444 -26.77 -14.69 -19.42
N ASP D 445 -26.39 -15.79 -18.77
CA ASP D 445 -27.20 -16.43 -17.76
C ASP D 445 -26.33 -17.41 -16.98
N GLY D 446 -26.74 -17.68 -15.75
CA GLY D 446 -26.11 -18.71 -14.96
C GLY D 446 -27.14 -19.40 -14.10
N ALA D 447 -26.83 -20.65 -13.75
CA ALA D 447 -27.71 -21.45 -12.92
C ALA D 447 -26.88 -22.43 -12.12
N ALA D 448 -27.30 -22.70 -10.89
CA ALA D 448 -26.59 -23.62 -10.02
C ALA D 448 -27.57 -24.61 -9.43
N ASN D 449 -27.31 -25.90 -9.65
CA ASN D 449 -27.95 -26.94 -8.85
C ASN D 449 -27.65 -26.65 -7.39
N ARG D 450 -28.70 -26.48 -6.59
CA ARG D 450 -28.53 -25.80 -5.32
C ARG D 450 -27.95 -26.69 -4.23
N GLU D 451 -28.06 -28.01 -4.34
CA GLU D 451 -27.55 -28.88 -3.28
C GLU D 451 -26.37 -29.75 -3.68
N THR D 452 -26.03 -29.79 -4.97
CA THR D 452 -24.70 -30.29 -5.33
C THR D 452 -23.67 -29.18 -5.38
N LYS D 453 -24.12 -27.92 -5.48
CA LYS D 453 -23.28 -26.72 -5.59
C LYS D 453 -22.47 -26.69 -6.87
N LEU D 454 -22.83 -27.53 -7.84
CA LEU D 454 -22.27 -27.47 -9.18
C LEU D 454 -23.19 -26.63 -10.07
N GLY D 455 -22.59 -25.76 -10.87
CA GLY D 455 -23.36 -24.86 -11.71
C GLY D 455 -22.65 -24.52 -13.00
N LYS D 456 -23.32 -23.73 -13.83
CA LYS D 456 -22.78 -23.34 -15.12
C LYS D 456 -23.11 -21.89 -15.40
N ALA D 457 -22.29 -21.27 -16.25
CA ALA D 457 -22.50 -19.90 -16.70
C ALA D 457 -22.15 -19.81 -18.18
N GLY D 458 -22.94 -19.05 -18.93
CA GLY D 458 -22.74 -19.00 -20.35
C GLY D 458 -23.33 -17.76 -20.99
N TYR D 459 -23.26 -17.73 -22.32
CA TYR D 459 -23.78 -16.61 -23.09
C TYR D 459 -24.09 -17.06 -24.51
N VAL D 460 -25.04 -16.38 -25.14
CA VAL D 460 -25.19 -16.38 -26.58
C VAL D 460 -25.08 -14.94 -27.05
N THR D 461 -24.53 -14.74 -28.23
CA THR D 461 -24.32 -13.41 -28.77
C THR D 461 -25.02 -13.25 -30.11
N ASP D 462 -25.32 -11.99 -30.44
CA ASP D 462 -25.98 -11.69 -31.71
C ASP D 462 -25.11 -12.08 -32.89
N ARG D 463 -23.79 -12.09 -32.72
CA ARG D 463 -22.85 -12.46 -33.77
C ARG D 463 -22.60 -13.96 -33.85
N GLY D 464 -23.37 -14.76 -33.10
CA GLY D 464 -23.34 -16.20 -33.25
C GLY D 464 -22.52 -16.96 -32.22
N ARG D 465 -21.85 -16.24 -31.33
CA ARG D 465 -20.94 -16.91 -30.36
C ARG D 465 -21.70 -17.49 -29.16
N GLN D 466 -21.36 -18.71 -28.75
CA GLN D 466 -21.96 -19.38 -27.60
C GLN D 466 -20.85 -20.03 -26.79
N LYS D 467 -21.08 -20.15 -25.48
CA LYS D 467 -20.07 -20.72 -24.58
C LYS D 467 -20.71 -21.06 -23.25
N VAL D 468 -20.22 -22.12 -22.61
CA VAL D 468 -20.67 -22.55 -21.29
C VAL D 468 -19.44 -22.93 -20.47
N VAL D 469 -19.55 -22.78 -19.15
CA VAL D 469 -18.43 -23.05 -18.26
C VAL D 469 -18.93 -23.76 -17.00
N PRO D 470 -18.29 -24.84 -16.57
CA PRO D 470 -18.66 -25.46 -15.29
C PRO D 470 -18.00 -24.75 -14.10
N LEU D 471 -18.67 -24.84 -12.95
CA LEU D 471 -18.22 -24.16 -11.75
C LEU D 471 -18.55 -25.00 -10.52
N THR D 472 -17.64 -24.97 -9.54
CA THR D 472 -17.78 -25.76 -8.33
C THR D 472 -17.94 -24.83 -7.12
N ASP D 473 -18.71 -25.30 -6.15
CA ASP D 473 -18.96 -24.56 -4.91
C ASP D 473 -19.45 -23.14 -5.20
N THR D 474 -20.61 -23.06 -5.84
CA THR D 474 -21.17 -21.81 -6.32
C THR D 474 -22.66 -21.80 -6.02
N THR D 475 -23.29 -20.62 -6.16
CA THR D 475 -24.72 -20.45 -5.93
C THR D 475 -25.32 -19.79 -7.17
N ASN D 476 -26.65 -19.83 -7.25
CA ASN D 476 -27.34 -19.12 -8.32
C ASN D 476 -26.89 -17.66 -8.42
N GLN D 477 -26.78 -16.98 -7.27
CA GLN D 477 -26.39 -15.57 -7.32
C GLN D 477 -25.01 -15.38 -7.93
N LYS D 478 -24.05 -16.26 -7.61
CA LYS D 478 -22.73 -16.05 -8.18
C LYS D 478 -22.57 -16.66 -9.58
N THR D 479 -23.44 -17.60 -9.99
CA THR D 479 -23.47 -17.96 -11.40
C THR D 479 -23.83 -16.76 -12.25
N GLU D 480 -24.82 -15.99 -11.80
CA GLU D 480 -25.23 -14.81 -12.55
C GLU D 480 -24.12 -13.77 -12.58
N LEU D 481 -23.39 -13.61 -11.47
CA LEU D 481 -22.23 -12.74 -11.50
C LEU D 481 -21.11 -13.33 -12.37
N GLN D 482 -20.88 -14.64 -12.26
CA GLN D 482 -19.83 -15.26 -13.08
C GLN D 482 -20.16 -15.20 -14.56
N ALA D 483 -21.45 -15.25 -14.93
CA ALA D 483 -21.82 -15.13 -16.33
C ALA D 483 -21.55 -13.74 -16.88
N ILE D 484 -21.75 -12.69 -16.06
CA ILE D 484 -21.40 -11.34 -16.48
C ILE D 484 -19.89 -11.20 -16.63
N HIS D 485 -19.14 -11.65 -15.62
CA HIS D 485 -17.68 -11.67 -15.71
C HIS D 485 -17.21 -12.40 -16.95
N LEU D 486 -17.91 -13.47 -17.32
CA LEU D 486 -17.53 -14.27 -18.47
C LEU D 486 -17.72 -13.49 -19.77
N ALA D 487 -18.82 -12.72 -19.87
CA ALA D 487 -19.04 -11.91 -21.06
C ALA D 487 -18.09 -10.74 -21.12
N LEU D 488 -17.82 -10.10 -19.97
CA LEU D 488 -16.83 -9.04 -20.00
C LEU D 488 -15.45 -9.56 -20.41
N GLN D 489 -15.17 -10.84 -20.20
CA GLN D 489 -13.88 -11.41 -20.56
C GLN D 489 -13.73 -11.59 -22.06
N ASP D 490 -14.71 -12.22 -22.70
CA ASP D 490 -14.66 -12.53 -24.13
C ASP D 490 -15.24 -11.42 -24.99
N SER D 491 -15.17 -10.16 -24.54
CA SER D 491 -15.80 -9.05 -25.25
C SER D 491 -14.76 -8.07 -25.77
N GLY D 492 -15.16 -7.30 -26.77
CA GLY D 492 -14.39 -6.14 -27.16
C GLY D 492 -14.44 -5.05 -26.11
N LEU D 493 -13.88 -3.89 -26.48
CA LEU D 493 -13.84 -2.75 -25.57
C LEU D 493 -15.22 -2.13 -25.34
N GLU D 494 -16.17 -2.43 -26.22
CA GLU D 494 -17.56 -2.02 -26.08
C GLU D 494 -18.43 -3.27 -26.10
N VAL D 495 -19.48 -3.30 -25.28
CA VAL D 495 -20.29 -4.52 -25.17
C VAL D 495 -21.66 -4.19 -24.59
N ASN D 496 -22.68 -4.88 -25.10
CA ASN D 496 -24.02 -4.90 -24.54
C ASN D 496 -24.24 -6.23 -23.84
N ILE D 497 -24.69 -6.18 -22.58
CA ILE D 497 -24.91 -7.37 -21.78
C ILE D 497 -26.36 -7.38 -21.28
N VAL D 498 -27.05 -8.51 -21.49
CA VAL D 498 -28.44 -8.68 -21.07
C VAL D 498 -28.50 -9.85 -20.11
N THR D 499 -28.91 -9.58 -18.87
CA THR D 499 -29.10 -10.58 -17.82
C THR D 499 -30.53 -10.52 -17.31
N ASP D 500 -30.95 -11.59 -16.63
CA ASP D 500 -32.23 -11.59 -15.93
C ASP D 500 -32.07 -11.56 -14.42
N SER D 501 -30.85 -11.39 -13.93
CA SER D 501 -30.57 -11.39 -12.48
C SER D 501 -30.75 -9.98 -11.96
N GLN D 502 -31.84 -9.74 -11.25
CA GLN D 502 -31.96 -8.49 -10.50
C GLN D 502 -30.82 -8.33 -9.51
N TYR D 503 -30.36 -9.43 -8.92
CA TYR D 503 -29.26 -9.38 -7.95
C TYR D 503 -28.00 -8.82 -8.60
N ALA D 504 -27.55 -9.43 -9.70
CA ALA D 504 -26.35 -8.95 -10.36
C ALA D 504 -26.53 -7.51 -10.83
N LEU D 505 -27.71 -7.20 -11.40
CA LEU D 505 -27.95 -5.86 -11.93
C LEU D 505 -27.88 -4.81 -10.84
N GLY D 506 -28.44 -5.11 -9.67
CA GLY D 506 -28.45 -4.14 -8.59
C GLY D 506 -27.07 -3.83 -8.04
N ILE D 507 -26.20 -4.83 -8.00
CA ILE D 507 -24.82 -4.58 -7.59
C ILE D 507 -24.12 -3.69 -8.60
N ILE D 508 -24.25 -4.00 -9.89
CA ILE D 508 -23.40 -3.37 -10.90
C ILE D 508 -23.92 -1.99 -11.28
N GLN D 509 -25.24 -1.78 -11.30
CA GLN D 509 -25.74 -0.49 -11.73
C GLN D 509 -25.42 0.61 -10.70
N ALA D 510 -25.10 0.24 -9.47
CA ALA D 510 -24.66 1.20 -8.47
C ALA D 510 -23.18 1.59 -8.61
N GLN D 511 -22.50 1.04 -9.63
CA GLN D 511 -21.15 1.44 -9.98
C GLN D 511 -20.16 1.38 -8.80
N PRO D 512 -19.96 0.20 -8.22
CA PRO D 512 -18.94 0.09 -7.16
C PRO D 512 -17.55 0.08 -7.75
N ASP D 513 -16.61 0.61 -6.97
CA ASP D 513 -15.20 0.55 -7.31
C ASP D 513 -14.38 -0.31 -6.36
N LYS D 514 -14.98 -0.78 -5.26
CA LYS D 514 -14.32 -1.71 -4.35
C LYS D 514 -15.36 -2.64 -3.76
N SER D 515 -14.93 -3.85 -3.40
CA SER D 515 -15.89 -4.81 -2.86
C SER D 515 -15.21 -5.92 -2.07
N GLU D 516 -15.88 -6.37 -1.01
CA GLU D 516 -15.42 -7.49 -0.19
C GLU D 516 -15.36 -8.80 -0.96
N SER D 517 -16.06 -8.91 -2.09
CA SER D 517 -16.11 -10.12 -2.89
C SER D 517 -15.07 -10.05 -4.00
N GLU D 518 -14.21 -11.07 -4.08
CA GLU D 518 -13.18 -11.10 -5.12
C GLU D 518 -13.80 -11.15 -6.51
N LEU D 519 -14.86 -11.94 -6.69
CA LEU D 519 -15.53 -11.99 -7.98
C LEU D 519 -16.06 -10.61 -8.40
N VAL D 520 -16.68 -9.88 -7.48
CA VAL D 520 -17.15 -8.55 -7.83
C VAL D 520 -15.97 -7.63 -8.12
N SER D 521 -14.84 -7.82 -7.41
CA SER D 521 -13.66 -7.00 -7.65
C SER D 521 -13.05 -7.28 -9.02
N GLN D 522 -13.14 -8.52 -9.49
CA GLN D 522 -12.70 -8.82 -10.85
C GLN D 522 -13.61 -8.15 -11.87
N ILE D 523 -14.92 -8.16 -11.62
CA ILE D 523 -15.85 -7.50 -12.52
C ILE D 523 -15.58 -6.01 -12.56
N ILE D 524 -15.31 -5.42 -11.39
CA ILE D 524 -14.99 -3.99 -11.35
C ILE D 524 -13.74 -3.70 -12.18
N GLU D 525 -12.74 -4.59 -12.11
CA GLU D 525 -11.54 -4.36 -12.89
C GLU D 525 -11.81 -4.46 -14.39
N GLN D 526 -12.66 -5.40 -14.80
CA GLN D 526 -13.02 -5.47 -16.22
C GLN D 526 -13.77 -4.22 -16.67
N LEU D 527 -14.73 -3.75 -15.87
CA LEU D 527 -15.53 -2.59 -16.27
C LEU D 527 -14.67 -1.34 -16.44
N ILE D 528 -13.74 -1.11 -15.51
CA ILE D 528 -12.81 0.02 -15.60
C ILE D 528 -12.04 0.02 -16.91
N LYS D 529 -11.59 -1.16 -17.35
CA LYS D 529 -10.79 -1.31 -18.57
C LYS D 529 -11.63 -1.36 -19.84
N LYS D 530 -12.96 -1.27 -19.74
CA LYS D 530 -13.76 -1.23 -20.94
C LYS D 530 -13.90 0.20 -21.42
N GLU D 531 -14.30 0.35 -22.69
CA GLU D 531 -14.59 1.69 -23.17
C GLU D 531 -16.06 2.04 -22.95
N LYS D 532 -16.97 1.15 -23.35
CA LYS D 532 -18.40 1.36 -23.18
C LYS D 532 -19.06 0.05 -22.78
N VAL D 533 -19.88 0.09 -21.74
CA VAL D 533 -20.66 -1.06 -21.30
C VAL D 533 -22.10 -0.62 -21.09
N TYR D 534 -23.04 -1.30 -21.75
CA TYR D 534 -24.46 -1.13 -21.50
C TYR D 534 -25.00 -2.39 -20.84
N LEU D 535 -25.74 -2.23 -19.74
CA LEU D 535 -26.30 -3.36 -18.99
C LEU D 535 -27.81 -3.27 -19.02
N ALA D 536 -28.45 -4.34 -19.52
CA ALA D 536 -29.90 -4.41 -19.68
C ALA D 536 -30.45 -5.64 -18.97
N TRP D 537 -31.70 -5.55 -18.51
CA TRP D 537 -32.36 -6.61 -17.78
C TRP D 537 -33.66 -7.00 -18.47
N VAL D 538 -33.97 -8.29 -18.50
CA VAL D 538 -35.27 -8.78 -18.94
C VAL D 538 -35.83 -9.76 -17.91
N PRO D 539 -37.14 -9.96 -17.84
CA PRO D 539 -37.67 -11.01 -16.96
C PRO D 539 -37.39 -12.39 -17.53
N ALA D 540 -37.10 -13.34 -16.64
CA ALA D 540 -36.77 -14.68 -17.05
C ALA D 540 -38.02 -15.48 -17.41
N HIS D 541 -37.81 -16.51 -18.24
CA HIS D 541 -38.82 -17.54 -18.50
C HIS D 541 -40.11 -16.95 -19.04
N LYS D 542 -39.99 -16.11 -20.08
CA LYS D 542 -41.15 -15.69 -20.84
C LYS D 542 -40.83 -15.59 -22.33
N GLY D 543 -39.91 -16.44 -22.79
CA GLY D 543 -39.65 -16.58 -24.22
C GLY D 543 -39.07 -15.37 -24.89
N ILE D 544 -38.29 -14.56 -24.17
CA ILE D 544 -37.66 -13.39 -24.78
C ILE D 544 -36.42 -13.85 -25.54
N GLY D 545 -36.43 -13.66 -26.86
CA GLY D 545 -35.36 -14.11 -27.72
C GLY D 545 -34.00 -13.75 -27.19
N GLY D 546 -33.05 -14.68 -27.29
CA GLY D 546 -31.73 -14.46 -26.74
C GLY D 546 -31.64 -14.93 -25.30
N ASN D 547 -32.50 -14.38 -24.44
CA ASN D 547 -32.54 -14.84 -23.05
C ASN D 547 -32.96 -16.30 -22.97
N GLU D 548 -34.00 -16.69 -23.71
CA GLU D 548 -34.47 -18.07 -23.59
C GLU D 548 -33.45 -19.06 -24.13
N GLN D 549 -32.69 -18.67 -25.15
CA GLN D 549 -31.71 -19.58 -25.72
C GLN D 549 -30.55 -19.82 -24.77
N VAL D 550 -29.98 -18.76 -24.19
CA VAL D 550 -28.92 -18.94 -23.23
C VAL D 550 -29.42 -19.61 -21.96
N ASP D 551 -30.73 -19.57 -21.70
CA ASP D 551 -31.23 -20.06 -20.42
C ASP D 551 -31.23 -21.59 -20.35
N LYS D 552 -31.47 -22.26 -21.48
CA LYS D 552 -31.47 -23.72 -21.48
C LYS D 552 -30.08 -24.32 -21.67
N LEU D 553 -29.17 -23.59 -22.32
CA LEU D 553 -27.80 -24.07 -22.42
C LEU D 553 -27.18 -24.23 -21.04
N VAL D 554 -27.42 -23.27 -20.13
CA VAL D 554 -26.84 -23.37 -18.80
C VAL D 554 -27.61 -24.32 -17.90
N SER D 555 -28.82 -24.73 -18.31
CA SER D 555 -29.60 -25.73 -17.60
C SER D 555 -30.85 -26.09 -18.41
N ILE E 21 -61.20 20.44 36.28
CA ILE E 21 -60.89 19.39 35.32
C ILE E 21 -60.11 18.26 35.99
N GLU E 22 -60.65 17.05 35.94
CA GLU E 22 -59.92 15.86 36.36
C GLU E 22 -59.42 15.10 35.13
N THR E 23 -58.46 14.21 35.36
CA THR E 23 -57.72 13.59 34.27
C THR E 23 -58.40 12.32 33.77
N VAL E 24 -58.46 12.19 32.45
CA VAL E 24 -58.85 10.96 31.76
C VAL E 24 -57.70 9.97 31.90
N PRO E 25 -57.87 8.84 32.57
CA PRO E 25 -56.77 7.89 32.72
C PRO E 25 -56.48 7.16 31.42
N VAL E 26 -55.20 7.04 31.09
CA VAL E 26 -54.78 6.40 29.86
C VAL E 26 -53.64 5.43 30.17
N LYS E 27 -53.48 4.45 29.28
CA LYS E 27 -52.51 3.37 29.46
C LYS E 27 -51.63 3.23 28.24
N LEU E 28 -50.57 2.45 28.39
CA LEU E 28 -49.84 1.92 27.25
C LEU E 28 -50.48 0.59 26.82
N LYS E 29 -50.19 0.21 25.58
CA LYS E 29 -50.64 -1.09 25.12
C LYS E 29 -50.04 -2.17 26.02
N PRO E 30 -50.75 -3.27 26.21
CA PRO E 30 -50.31 -4.26 27.20
C PRO E 30 -48.92 -4.80 26.91
N GLY E 31 -48.14 -4.98 27.97
CA GLY E 31 -46.78 -5.50 27.85
C GLY E 31 -45.81 -4.60 27.13
N MET E 32 -46.10 -3.31 27.02
CA MET E 32 -45.21 -2.37 26.35
C MET E 32 -44.75 -1.31 27.34
N ASP E 33 -43.47 -0.93 27.24
CA ASP E 33 -42.88 0.08 28.09
C ASP E 33 -42.80 1.42 27.35
N GLY E 34 -42.46 2.48 28.08
CA GLY E 34 -42.35 3.80 27.50
C GLY E 34 -41.15 3.99 26.56
N PRO E 35 -41.14 5.12 25.87
CA PRO E 35 -40.06 5.38 24.90
C PRO E 35 -38.72 5.58 25.60
N LYS E 36 -37.65 5.13 24.91
CA LYS E 36 -36.27 5.29 25.37
C LYS E 36 -35.41 5.60 24.14
N VAL E 37 -35.56 6.81 23.61
CA VAL E 37 -34.91 7.20 22.36
C VAL E 37 -33.91 8.29 22.66
N LYS E 38 -32.67 8.11 22.19
CA LYS E 38 -31.60 9.08 22.42
C LYS E 38 -31.90 10.42 21.76
N GLN E 39 -31.49 11.50 22.42
CA GLN E 39 -31.57 12.83 21.81
C GLN E 39 -30.44 12.99 20.80
N TRP E 40 -30.76 13.53 19.62
CA TRP E 40 -29.76 13.75 18.60
C TRP E 40 -29.23 15.18 18.66
N PRO E 41 -28.05 15.44 18.07
CA PRO E 41 -27.47 16.79 18.17
C PRO E 41 -28.34 17.86 17.52
N LEU E 42 -28.25 19.08 18.05
CA LEU E 42 -29.03 20.21 17.55
C LEU E 42 -28.11 21.40 17.26
N THR E 43 -28.47 22.14 16.23
CA THR E 43 -27.77 23.37 15.91
C THR E 43 -27.99 24.41 17.00
N GLU E 44 -27.11 25.41 17.02
CA GLU E 44 -27.18 26.44 18.06
C GLU E 44 -28.54 27.14 18.07
N GLU E 45 -29.08 27.49 16.90
CA GLU E 45 -30.31 28.28 16.92
C GLU E 45 -31.52 27.44 17.33
N LYS E 46 -31.48 26.14 17.12
CA LYS E 46 -32.58 25.31 17.62
C LYS E 46 -32.52 25.20 19.15
N ILE E 47 -31.31 25.10 19.71
CA ILE E 47 -31.18 24.98 21.16
C ILE E 47 -31.63 26.27 21.85
N LYS E 48 -31.20 27.43 21.34
CA LYS E 48 -31.63 28.70 21.94
C LYS E 48 -33.16 28.83 21.90
N ALA E 49 -33.78 28.35 20.83
CA ALA E 49 -35.23 28.42 20.74
C ALA E 49 -35.88 27.50 21.76
N LEU E 50 -35.46 26.23 21.80
CA LEU E 50 -36.02 25.30 22.77
C LEU E 50 -35.82 25.79 24.20
N VAL E 51 -34.67 26.42 24.47
CA VAL E 51 -34.42 26.90 25.82
C VAL E 51 -35.43 27.99 26.19
N GLU E 52 -35.61 28.99 25.33
CA GLU E 52 -36.62 30.01 25.58
C GLU E 52 -38.01 29.40 25.71
N ILE E 53 -38.39 28.54 24.76
CA ILE E 53 -39.75 28.02 24.71
C ILE E 53 -40.08 27.23 25.97
N CYS E 54 -39.17 26.35 26.40
CA CYS E 54 -39.47 25.46 27.52
C CYS E 54 -39.37 26.14 28.87
N THR E 55 -38.50 27.15 29.04
CA THR E 55 -38.51 27.88 30.30
C THR E 55 -39.81 28.67 30.46
N GLU E 56 -40.33 29.23 29.37
CA GLU E 56 -41.62 29.91 29.45
C GLU E 56 -42.75 28.91 29.67
N MET E 57 -42.67 27.76 29.00
CA MET E 57 -43.60 26.68 29.27
C MET E 57 -43.51 26.22 30.71
N GLU E 58 -42.31 26.22 31.29
CA GLU E 58 -42.14 25.74 32.66
C GLU E 58 -42.79 26.69 33.66
N LYS E 59 -42.53 27.99 33.54
CA LYS E 59 -43.13 28.95 34.45
C LYS E 59 -44.64 29.05 34.28
N GLU E 60 -45.17 28.63 33.13
CA GLU E 60 -46.61 28.52 32.95
C GLU E 60 -47.18 27.21 33.48
N GLY E 61 -46.34 26.34 34.04
CA GLY E 61 -46.77 25.08 34.59
C GLY E 61 -47.05 23.97 33.58
N LYS E 62 -46.80 24.20 32.30
CA LYS E 62 -47.16 23.19 31.31
C LYS E 62 -46.18 22.02 31.25
N ILE E 63 -44.93 22.23 31.68
CA ILE E 63 -43.93 21.18 31.80
C ILE E 63 -43.17 21.42 33.09
N SER E 64 -42.45 20.39 33.54
CA SER E 64 -41.68 20.46 34.77
C SER E 64 -40.31 19.84 34.54
N LYS E 65 -39.32 20.31 35.31
CA LYS E 65 -37.98 19.74 35.26
C LYS E 65 -37.93 18.44 36.04
N ILE E 66 -37.30 17.43 35.45
CA ILE E 66 -37.14 16.12 36.07
C ILE E 66 -35.67 15.73 36.03
N GLY E 67 -35.36 14.59 36.64
CA GLY E 67 -34.02 14.06 36.69
C GLY E 67 -33.86 12.69 36.04
N PRO E 68 -32.69 12.08 36.22
CA PRO E 68 -32.41 10.81 35.55
C PRO E 68 -33.13 9.61 36.14
N GLU E 69 -33.80 9.75 37.28
CA GLU E 69 -34.58 8.63 37.81
C GLU E 69 -35.76 8.30 36.92
N ASN E 70 -36.23 9.26 36.11
CA ASN E 70 -37.16 8.96 35.03
C ASN E 70 -36.40 8.29 33.89
N PRO E 71 -36.66 7.01 33.61
CA PRO E 71 -35.87 6.27 32.62
C PRO E 71 -36.31 6.43 31.17
N TYR E 72 -37.21 7.35 30.87
CA TYR E 72 -37.80 7.47 29.56
C TYR E 72 -37.27 8.71 28.84
N ASN E 73 -37.36 8.69 27.52
CA ASN E 73 -36.91 9.85 26.77
C ASN E 73 -37.44 9.80 25.34
N THR E 74 -37.54 10.99 24.75
CA THR E 74 -38.08 11.18 23.42
C THR E 74 -37.33 12.35 22.79
N PRO E 75 -36.91 12.25 21.53
CA PRO E 75 -36.17 13.35 20.91
C PRO E 75 -37.03 14.60 20.76
N VAL E 76 -36.40 15.75 20.94
CA VAL E 76 -37.01 17.03 20.68
C VAL E 76 -36.16 17.82 19.69
N PHE E 77 -36.83 18.66 18.90
CA PHE E 77 -36.14 19.64 18.07
C PHE E 77 -37.11 20.81 17.81
N ALA E 78 -36.88 21.54 16.74
CA ALA E 78 -37.67 22.73 16.48
C ALA E 78 -37.66 23.06 14.99
N ILE E 79 -38.78 23.59 14.51
CA ILE E 79 -38.93 23.97 13.10
C ILE E 79 -39.38 25.42 13.03
N LYS E 80 -39.15 26.03 11.87
CA LYS E 80 -39.67 27.35 11.53
C LYS E 80 -40.69 27.16 10.42
N LYS E 81 -41.92 27.56 10.69
CA LYS E 81 -43.02 27.21 9.79
C LYS E 81 -43.12 28.21 8.63
N LYS E 82 -43.93 27.82 7.63
CA LYS E 82 -44.32 28.72 6.56
C LYS E 82 -45.01 29.97 7.11
N ASP E 83 -45.82 29.79 8.16
CA ASP E 83 -46.71 30.84 8.65
C ASP E 83 -45.94 31.99 9.29
N SER E 84 -44.94 31.68 10.12
CA SER E 84 -44.27 32.64 10.95
C SER E 84 -42.76 32.39 10.84
N THR E 85 -41.97 33.44 10.96
CA THR E 85 -40.54 33.22 11.18
C THR E 85 -40.31 33.09 12.67
N LYS E 86 -41.12 32.22 13.29
CA LYS E 86 -41.13 31.93 14.71
C LYS E 86 -40.89 30.44 14.91
N TRP E 87 -40.05 30.08 15.87
CA TRP E 87 -39.75 28.68 16.10
C TRP E 87 -40.91 27.97 16.79
N ARG E 88 -41.02 26.66 16.54
CA ARG E 88 -42.07 25.83 17.11
C ARG E 88 -41.44 24.55 17.60
N LYS E 89 -41.50 24.32 18.90
CA LYS E 89 -40.98 23.08 19.45
C LYS E 89 -41.75 21.91 18.85
N LEU E 90 -41.01 20.89 18.42
CA LEU E 90 -41.59 19.64 17.96
C LEU E 90 -40.91 18.51 18.71
N VAL E 91 -41.70 17.68 19.40
CA VAL E 91 -41.21 16.49 20.07
C VAL E 91 -41.63 15.28 19.23
N ASP E 92 -40.69 14.38 18.94
CA ASP E 92 -40.94 13.24 18.05
C ASP E 92 -41.54 12.08 18.85
N PHE E 93 -42.85 12.15 19.10
CA PHE E 93 -43.59 11.16 19.88
C PHE E 93 -44.00 9.91 19.09
N ARG E 94 -43.40 9.67 17.92
CA ARG E 94 -43.76 8.51 17.10
C ARG E 94 -43.68 7.22 17.90
N GLU E 95 -42.59 7.05 18.65
CA GLU E 95 -42.43 5.83 19.44
C GLU E 95 -43.46 5.76 20.55
N LEU E 96 -43.71 6.89 21.22
CA LEU E 96 -44.71 6.89 22.27
C LEU E 96 -46.10 6.66 21.69
N ASN E 97 -46.37 7.23 20.51
CA ASN E 97 -47.68 7.06 19.89
C ASN E 97 -47.95 5.61 19.50
N LYS E 98 -46.92 4.88 19.03
CA LYS E 98 -47.09 3.46 18.72
C LYS E 98 -47.45 2.67 19.98
N ARG E 99 -46.86 3.03 21.12
CA ARG E 99 -47.03 2.28 22.34
C ARG E 99 -48.27 2.69 23.15
N THR E 100 -48.83 3.89 22.91
CA THR E 100 -49.99 4.32 23.65
C THR E 100 -51.24 3.56 23.19
N GLN E 101 -52.15 3.30 24.13
CA GLN E 101 -53.41 2.64 23.82
C GLN E 101 -54.13 3.34 22.67
N ASP E 102 -54.98 2.58 22.00
CA ASP E 102 -55.72 3.15 20.89
C ASP E 102 -56.98 3.86 21.39
N PHE E 103 -57.42 4.84 20.62
CA PHE E 103 -58.63 5.61 20.90
C PHE E 103 -59.55 5.45 19.69
N TRP E 104 -60.40 4.42 19.73
CA TRP E 104 -61.25 4.12 18.58
C TRP E 104 -62.39 5.13 18.41
N GLU E 105 -62.66 5.96 19.42
CA GLU E 105 -63.65 7.02 19.28
C GLU E 105 -63.20 8.10 18.29
N VAL E 106 -61.91 8.24 18.05
CA VAL E 106 -61.36 9.29 17.20
C VAL E 106 -60.89 8.72 15.86
N GLN E 107 -60.14 7.62 15.89
CA GLN E 107 -59.52 7.10 14.67
C GLN E 107 -60.55 6.47 13.75
N LEU E 108 -61.65 5.93 14.29
CA LEU E 108 -62.74 5.43 13.47
C LEU E 108 -64.11 5.94 13.87
N GLY E 109 -64.24 6.62 15.01
CA GLY E 109 -65.53 7.14 15.43
C GLY E 109 -65.95 8.41 14.73
N ILE E 110 -64.99 9.31 14.49
CA ILE E 110 -65.24 10.57 13.80
C ILE E 110 -65.18 10.33 12.30
N PRO E 111 -66.23 10.63 11.55
CA PRO E 111 -66.19 10.41 10.10
C PRO E 111 -65.17 11.32 9.42
N HIS E 112 -64.34 10.74 8.58
CA HIS E 112 -63.51 11.55 7.70
C HIS E 112 -64.37 12.13 6.60
N PRO E 113 -64.42 13.44 6.43
CA PRO E 113 -65.30 14.04 5.42
C PRO E 113 -64.82 13.74 4.01
N ALA E 114 -65.68 13.03 3.25
CA ALA E 114 -65.34 12.70 1.87
C ALA E 114 -65.30 13.94 0.98
N GLY E 115 -65.94 15.02 1.40
CA GLY E 115 -65.92 16.25 0.64
C GLY E 115 -64.66 17.07 0.79
N LEU E 116 -63.84 16.74 1.78
CA LEU E 116 -62.64 17.51 2.04
C LEU E 116 -61.76 17.61 0.79
N LYS E 117 -61.61 16.50 0.05
CA LYS E 117 -60.73 16.50 -1.11
C LYS E 117 -61.38 17.16 -2.33
N GLN E 118 -62.68 17.41 -2.31
CA GLN E 118 -63.36 18.05 -3.42
C GLN E 118 -63.52 19.56 -3.24
N LYS E 119 -62.85 20.14 -2.23
CA LYS E 119 -62.97 21.56 -1.96
C LYS E 119 -61.93 22.34 -2.75
N LYS E 120 -62.31 23.53 -3.23
CA LYS E 120 -61.41 24.33 -4.04
C LYS E 120 -60.18 24.79 -3.25
N SER E 121 -60.34 25.02 -1.94
CA SER E 121 -59.22 25.43 -1.10
C SER E 121 -59.34 24.75 0.25
N VAL E 122 -58.20 24.39 0.82
CA VAL E 122 -58.11 23.83 2.17
C VAL E 122 -56.93 24.52 2.86
N THR E 123 -57.17 25.12 4.01
CA THR E 123 -56.12 25.75 4.80
C THR E 123 -55.83 24.91 6.04
N VAL E 124 -54.57 24.83 6.43
CA VAL E 124 -54.14 24.03 7.57
C VAL E 124 -53.83 24.96 8.74
N LEU E 125 -54.41 24.66 9.90
CA LEU E 125 -54.26 25.49 11.10
C LEU E 125 -53.57 24.70 12.20
N ASP E 126 -52.49 25.26 12.75
CA ASP E 126 -51.82 24.66 13.91
C ASP E 126 -52.55 25.10 15.18
N VAL E 127 -53.22 24.16 15.85
CA VAL E 127 -53.86 24.51 17.10
C VAL E 127 -53.46 23.55 18.22
N GLY E 128 -52.21 23.05 18.16
CA GLY E 128 -51.67 22.27 19.27
C GLY E 128 -51.67 23.01 20.60
N ASP E 129 -51.68 24.35 20.57
CA ASP E 129 -51.71 25.13 21.80
C ASP E 129 -52.93 24.78 22.65
N ALA E 130 -54.07 24.53 22.00
CA ALA E 130 -55.32 24.28 22.71
C ALA E 130 -55.19 23.13 23.70
N TYR E 131 -54.33 22.15 23.40
CA TYR E 131 -54.16 21.01 24.28
C TYR E 131 -53.64 21.41 25.65
N PHE E 132 -53.01 22.59 25.76
CA PHE E 132 -52.30 22.98 26.97
C PHE E 132 -53.22 23.40 28.10
N SER E 133 -54.53 23.40 27.87
CA SER E 133 -55.47 23.79 28.93
C SER E 133 -56.02 22.59 29.68
N VAL E 134 -55.57 21.38 29.36
CA VAL E 134 -56.11 20.15 29.91
C VAL E 134 -54.95 19.38 30.53
N PRO E 135 -55.04 18.98 31.80
CA PRO E 135 -53.93 18.26 32.43
C PRO E 135 -53.85 16.80 31.99
N LEU E 136 -52.62 16.31 31.92
CA LEU E 136 -52.34 14.93 31.58
C LEU E 136 -52.39 14.05 32.83
N ASP E 137 -52.91 12.84 32.65
CA ASP E 137 -52.93 11.84 33.71
C ASP E 137 -51.58 11.76 34.39
N LYS E 138 -51.60 11.93 35.72
CA LYS E 138 -50.35 12.08 36.45
C LYS E 138 -49.47 10.84 36.32
N ASP E 139 -50.08 9.67 36.20
CA ASP E 139 -49.30 8.45 36.10
C ASP E 139 -48.72 8.23 34.72
N PHE E 140 -49.19 8.97 33.73
CA PHE E 140 -48.71 8.82 32.36
C PHE E 140 -47.60 9.82 32.01
N ARG E 141 -47.38 10.85 32.84
CA ARG E 141 -46.52 11.95 32.45
C ARG E 141 -45.08 11.53 32.23
N LYS E 142 -44.58 10.58 33.02
CA LYS E 142 -43.18 10.14 32.90
C LYS E 142 -42.85 9.68 31.47
N TYR E 143 -43.82 9.12 30.76
CA TYR E 143 -43.60 8.70 29.37
C TYR E 143 -43.41 9.88 28.41
N THR E 144 -43.58 11.12 28.86
CA THR E 144 -43.45 12.26 27.96
C THR E 144 -42.11 12.96 28.07
N ALA E 145 -41.14 12.34 28.76
CA ALA E 145 -39.88 13.01 29.06
C ALA E 145 -39.06 13.29 27.79
N PHE E 146 -38.38 14.43 27.78
CA PHE E 146 -37.44 14.78 26.73
C PHE E 146 -36.28 15.56 27.35
N THR E 147 -35.26 15.80 26.53
CA THR E 147 -33.98 16.33 27.01
C THR E 147 -33.43 17.36 26.04
N ILE E 148 -33.04 18.51 26.56
CA ILE E 148 -32.41 19.57 25.77
C ILE E 148 -30.90 19.37 25.83
N PRO E 149 -30.22 19.25 24.69
CA PRO E 149 -28.76 19.10 24.68
C PRO E 149 -28.08 20.47 24.78
N SER E 150 -26.75 20.44 24.88
CA SER E 150 -25.99 21.68 24.97
C SER E 150 -24.84 21.67 23.98
N ILE E 151 -24.51 22.87 23.46
CA ILE E 151 -23.40 23.01 22.53
C ILE E 151 -22.12 22.53 23.19
N ASN E 152 -21.37 21.67 22.48
CA ASN E 152 -20.08 21.17 22.94
C ASN E 152 -20.19 20.53 24.33
N ASN E 153 -21.39 20.04 24.66
CA ASN E 153 -21.67 19.37 25.92
C ASN E 153 -21.12 20.18 27.09
N GLU E 154 -21.37 21.49 27.03
CA GLU E 154 -20.95 22.40 28.09
C GLU E 154 -21.59 22.05 29.42
N THR E 155 -22.82 21.56 29.40
CA THR E 155 -23.54 21.08 30.57
C THR E 155 -24.17 19.75 30.22
N PRO E 156 -24.55 18.95 31.22
CA PRO E 156 -25.41 17.79 30.96
C PRO E 156 -26.73 18.18 30.33
N GLY E 157 -27.50 17.16 29.92
CA GLY E 157 -28.81 17.40 29.36
C GLY E 157 -29.80 17.89 30.41
N ILE E 158 -30.67 18.82 29.99
CA ILE E 158 -31.76 19.32 30.82
C ILE E 158 -33.04 18.58 30.45
N ARG E 159 -33.69 17.98 31.45
CA ARG E 159 -34.81 17.08 31.23
C ARG E 159 -36.12 17.68 31.69
N TYR E 160 -37.19 17.45 30.93
CA TYR E 160 -38.54 17.90 31.25
C TYR E 160 -39.55 16.80 30.96
N GLN E 161 -40.67 16.84 31.68
CA GLN E 161 -41.84 16.06 31.30
C GLN E 161 -43.06 16.99 31.27
N TYR E 162 -44.11 16.53 30.58
CA TYR E 162 -45.33 17.31 30.38
C TYR E 162 -46.29 17.13 31.56
N ASN E 163 -46.95 18.23 31.95
CA ASN E 163 -48.10 18.16 32.84
C ASN E 163 -49.43 18.24 32.08
N VAL E 164 -49.40 18.72 30.85
CA VAL E 164 -50.60 18.91 30.05
C VAL E 164 -50.56 17.95 28.87
N LEU E 165 -51.70 17.80 28.21
CA LEU E 165 -51.75 17.05 26.96
C LEU E 165 -50.69 17.60 26.00
N PRO E 166 -49.70 16.81 25.62
CA PRO E 166 -48.60 17.34 24.80
C PRO E 166 -49.01 17.55 23.35
N GLN E 167 -48.27 18.45 22.69
CA GLN E 167 -48.34 18.53 21.24
C GLN E 167 -47.76 17.26 20.60
N GLY E 168 -48.44 16.73 19.60
CA GLY E 168 -47.89 15.61 18.88
C GLY E 168 -48.20 14.25 19.45
N TRP E 169 -48.94 14.16 20.54
CA TRP E 169 -49.28 12.89 21.15
C TRP E 169 -50.68 12.48 20.69
N LYS E 170 -50.82 11.24 20.25
CA LYS E 170 -52.09 10.86 19.67
C LYS E 170 -53.23 10.86 20.69
N GLY E 171 -52.91 10.76 21.98
CA GLY E 171 -53.94 10.79 22.99
C GLY E 171 -54.58 12.16 23.18
N SER E 172 -53.91 13.24 22.75
CA SER E 172 -54.37 14.59 23.05
C SER E 172 -55.60 15.00 22.24
N PRO E 173 -55.62 14.76 20.92
CA PRO E 173 -56.88 14.94 20.19
C PRO E 173 -58.02 14.09 20.74
N ALA E 174 -57.70 12.91 21.29
CA ALA E 174 -58.72 12.01 21.82
C ALA E 174 -59.34 12.57 23.10
N ILE E 175 -58.51 12.99 24.05
CA ILE E 175 -59.06 13.50 25.29
C ILE E 175 -59.68 14.88 25.05
N PHE E 176 -59.17 15.65 24.07
CA PHE E 176 -59.64 17.00 23.83
C PHE E 176 -60.87 17.05 22.94
N GLN E 177 -61.29 15.92 22.38
CA GLN E 177 -62.32 15.92 21.33
C GLN E 177 -63.59 16.62 21.77
N SER E 178 -64.10 16.28 22.96
CA SER E 178 -65.35 16.89 23.41
C SER E 178 -65.22 18.41 23.50
N SER E 179 -64.06 18.90 23.94
CA SER E 179 -63.87 20.34 24.06
C SER E 179 -63.73 20.99 22.69
N MET E 180 -62.98 20.36 21.78
CA MET E 180 -62.88 20.87 20.42
C MET E 180 -64.23 20.96 19.76
N THR E 181 -65.08 19.94 19.95
CA THR E 181 -66.39 19.91 19.30
C THR E 181 -67.23 21.12 19.68
N LYS E 182 -67.12 21.59 20.92
CA LYS E 182 -67.91 22.72 21.36
C LYS E 182 -67.29 24.05 20.94
N ILE E 183 -65.96 24.14 20.92
CA ILE E 183 -65.31 25.32 20.37
C ILE E 183 -65.67 25.50 18.90
N LEU E 184 -65.82 24.40 18.17
CA LEU E 184 -66.06 24.47 16.73
C LEU E 184 -67.53 24.59 16.35
N GLU E 185 -68.47 24.24 17.24
CA GLU E 185 -69.84 24.06 16.75
C GLU E 185 -70.55 25.36 16.36
N PRO E 186 -70.33 26.49 17.05
CA PRO E 186 -70.93 27.73 16.52
C PRO E 186 -70.49 28.03 15.09
N PHE E 187 -69.19 27.98 14.82
CA PHE E 187 -68.66 28.24 13.49
C PHE E 187 -69.14 27.19 12.48
N ARG E 188 -69.42 25.97 12.94
CA ARG E 188 -69.89 24.91 12.05
C ARG E 188 -71.37 25.10 11.71
N LYS E 189 -72.15 25.52 12.69
CA LYS E 189 -73.56 25.85 12.51
C LYS E 189 -73.78 27.10 11.69
N GLN E 190 -72.90 28.08 11.85
CA GLN E 190 -73.04 29.35 11.14
C GLN E 190 -72.62 29.24 9.67
N ASN E 191 -71.66 28.35 9.39
CA ASN E 191 -71.07 28.19 8.05
C ASN E 191 -71.12 26.70 7.70
N PRO E 192 -72.31 26.20 7.36
CA PRO E 192 -72.49 24.73 7.28
C PRO E 192 -71.80 24.09 6.09
N ASP E 193 -71.56 24.82 5.01
CA ASP E 193 -70.92 24.25 3.83
C ASP E 193 -69.40 24.35 3.87
N ILE E 194 -68.83 24.60 5.04
CA ILE E 194 -67.40 24.51 5.29
C ILE E 194 -67.12 23.21 6.02
N VAL E 195 -65.94 22.65 5.80
CA VAL E 195 -65.57 21.33 6.30
C VAL E 195 -64.30 21.45 7.13
N ILE E 196 -64.33 20.92 8.35
CA ILE E 196 -63.20 20.97 9.28
C ILE E 196 -62.90 19.55 9.75
N TYR E 197 -61.69 19.07 9.45
CA TYR E 197 -61.22 17.77 9.90
C TYR E 197 -59.97 17.95 10.75
N GLN E 198 -59.97 17.32 11.92
CA GLN E 198 -58.85 17.42 12.84
C GLN E 198 -57.93 16.22 12.69
N TYR E 199 -56.64 16.49 12.71
CA TYR E 199 -55.60 15.47 12.67
C TYR E 199 -54.46 15.93 13.56
N MET E 200 -54.21 15.18 14.64
CA MET E 200 -53.17 15.51 15.61
C MET E 200 -53.28 16.97 16.03
N ASP E 201 -52.27 17.78 15.73
CA ASP E 201 -52.26 19.19 16.12
C ASP E 201 -52.93 20.11 15.10
N ASP E 202 -53.49 19.59 14.01
CA ASP E 202 -53.92 20.44 12.90
C ASP E 202 -55.42 20.33 12.67
N LEU E 203 -56.00 21.44 12.25
CA LEU E 203 -57.33 21.48 11.64
C LEU E 203 -57.17 21.66 10.14
N TYR E 204 -57.93 20.89 9.37
CA TYR E 204 -57.94 21.01 7.91
C TYR E 204 -59.29 21.59 7.48
N VAL E 205 -59.29 22.87 7.10
CA VAL E 205 -60.51 23.62 6.84
C VAL E 205 -60.64 23.86 5.35
N GLY E 206 -61.68 23.32 4.74
CA GLY E 206 -61.89 23.41 3.31
C GLY E 206 -63.21 24.06 2.95
N SER E 207 -63.20 24.81 1.85
CA SER E 207 -64.42 25.45 1.36
C SER E 207 -64.37 25.56 -0.15
N ASP E 208 -65.55 25.66 -0.74
CA ASP E 208 -65.69 25.98 -2.16
C ASP E 208 -65.87 27.46 -2.38
N LEU E 209 -65.68 28.23 -1.32
CA LEU E 209 -65.76 29.66 -1.45
C LEU E 209 -64.66 30.12 -2.36
N GLU E 210 -64.90 31.28 -2.84
CA GLU E 210 -63.92 31.97 -3.61
C GLU E 210 -62.77 32.41 -2.66
N ILE E 211 -61.52 32.50 -3.18
CA ILE E 211 -60.33 32.45 -2.30
C ILE E 211 -60.30 33.61 -1.29
N GLY E 212 -60.71 34.81 -1.70
CA GLY E 212 -60.65 35.93 -0.79
C GLY E 212 -61.64 35.80 0.36
N GLN E 213 -62.82 35.26 0.07
CA GLN E 213 -63.78 34.97 1.12
C GLN E 213 -63.33 33.77 1.95
N HIS E 214 -62.77 32.75 1.30
CA HIS E 214 -62.27 31.59 2.04
C HIS E 214 -61.21 32.00 3.05
N ARG E 215 -60.36 32.96 2.68
CA ARG E 215 -59.33 33.40 3.62
C ARG E 215 -59.94 34.18 4.76
N THR E 216 -60.90 35.05 4.46
CA THR E 216 -61.52 35.82 5.52
C THR E 216 -62.26 34.93 6.51
N LYS E 217 -62.90 33.86 6.02
CA LYS E 217 -63.57 32.92 6.91
C LYS E 217 -62.57 32.13 7.75
N ILE E 218 -61.38 31.89 7.21
CA ILE E 218 -60.35 31.20 7.98
C ILE E 218 -59.95 32.04 9.19
N GLU E 219 -59.92 33.37 9.05
CA GLU E 219 -59.43 34.15 10.17
C GLU E 219 -60.51 34.41 11.22
N GLU E 220 -61.80 34.32 10.88
CA GLU E 220 -62.78 34.22 11.97
C GLU E 220 -62.45 33.03 12.85
N LEU E 221 -62.52 31.84 12.24
CA LEU E 221 -62.24 30.62 12.99
C LEU E 221 -60.95 30.75 13.76
N ARG E 222 -59.94 31.37 13.15
CA ARG E 222 -58.68 31.56 13.86
C ARG E 222 -58.88 32.39 15.12
N GLN E 223 -59.33 33.63 14.97
CA GLN E 223 -59.49 34.50 16.14
C GLN E 223 -60.62 34.04 17.04
N HIS E 224 -61.51 33.15 16.58
CA HIS E 224 -62.39 32.46 17.51
C HIS E 224 -61.64 31.44 18.34
N LEU E 225 -60.57 30.85 17.78
CA LEU E 225 -59.75 29.92 18.55
C LEU E 225 -58.85 30.64 19.54
N LEU E 226 -58.39 31.84 19.20
CA LEU E 226 -57.58 32.60 20.14
C LEU E 226 -58.42 33.29 21.19
N ARG E 227 -59.73 33.43 20.94
CA ARG E 227 -60.66 33.90 21.96
C ARG E 227 -60.80 32.90 23.11
N TRP E 228 -60.48 31.62 22.88
CA TRP E 228 -60.49 30.58 23.91
C TRP E 228 -59.19 29.78 23.87
N GLY E 229 -58.05 30.48 23.86
CA GLY E 229 -56.74 29.84 23.81
C GLY E 229 -56.49 28.97 22.59
N GLY E 247 -51.53 28.31 8.15
CA GLY E 247 -50.61 27.38 7.51
C GLY E 247 -50.72 27.40 5.99
N TYR E 248 -50.27 26.33 5.33
CA TYR E 248 -50.27 26.31 3.88
C TYR E 248 -51.70 26.23 3.33
N GLU E 249 -51.82 26.55 2.05
CA GLU E 249 -53.12 26.72 1.37
C GLU E 249 -53.24 25.73 0.21
N LEU E 250 -53.85 24.58 0.47
CA LEU E 250 -53.97 23.51 -0.51
C LEU E 250 -55.17 23.72 -1.43
N HIS E 251 -55.19 22.94 -2.52
CA HIS E 251 -56.25 23.01 -3.52
C HIS E 251 -56.47 21.62 -4.10
N PRO E 252 -57.04 20.71 -3.31
CA PRO E 252 -57.04 19.30 -3.70
C PRO E 252 -57.89 19.01 -4.92
N ASP E 253 -58.88 19.84 -5.24
CA ASP E 253 -59.67 19.58 -6.45
C ASP E 253 -58.84 19.74 -7.71
N LYS E 254 -57.58 20.15 -7.60
CA LYS E 254 -56.63 20.20 -8.70
C LYS E 254 -55.62 19.07 -8.63
N TRP E 255 -55.80 18.11 -7.73
CA TRP E 255 -54.88 16.99 -7.61
C TRP E 255 -55.17 15.95 -8.68
N THR E 256 -54.11 15.44 -9.30
CA THR E 256 -54.22 14.52 -10.42
C THR E 256 -53.50 13.22 -10.09
N VAL E 257 -53.81 12.17 -10.85
CA VAL E 257 -53.14 10.87 -10.73
C VAL E 257 -52.20 10.68 -11.91
N GLN E 258 -51.10 9.99 -11.66
CA GLN E 258 -50.14 9.69 -12.72
C GLN E 258 -50.11 8.19 -12.97
N PRO E 259 -50.77 7.72 -14.02
CA PRO E 259 -50.74 6.28 -14.33
C PRO E 259 -49.43 5.90 -15.00
N ILE E 260 -49.20 4.59 -15.06
CA ILE E 260 -48.07 4.07 -15.83
C ILE E 260 -48.21 4.50 -17.28
N VAL E 261 -47.13 5.04 -17.85
CA VAL E 261 -47.18 5.58 -19.20
C VAL E 261 -46.48 4.60 -20.15
N LEU E 262 -47.16 4.26 -21.23
CA LEU E 262 -46.58 3.50 -22.31
C LEU E 262 -46.34 4.45 -23.47
N PRO E 263 -45.11 4.91 -23.69
CA PRO E 263 -44.87 5.87 -24.77
C PRO E 263 -45.17 5.28 -26.15
N GLU E 264 -45.58 6.16 -27.06
CA GLU E 264 -45.69 5.84 -28.48
C GLU E 264 -44.53 6.53 -29.17
N LYS E 265 -43.58 5.74 -29.68
CA LYS E 265 -42.38 6.27 -30.29
C LYS E 265 -42.43 6.08 -31.80
N ASP E 266 -41.68 6.93 -32.52
CA ASP E 266 -41.63 6.82 -33.98
C ASP E 266 -40.93 5.55 -34.42
N SER E 267 -39.87 5.16 -33.73
CA SER E 267 -39.09 3.98 -34.08
C SER E 267 -38.81 3.18 -32.81
N TRP E 268 -38.92 1.86 -32.93
CA TRP E 268 -38.79 0.94 -31.80
C TRP E 268 -37.56 0.06 -31.98
N THR E 269 -36.62 0.15 -31.05
CA THR E 269 -35.47 -0.73 -31.05
C THR E 269 -35.76 -1.97 -30.21
N VAL E 270 -34.94 -3.00 -30.41
CA VAL E 270 -35.06 -4.22 -29.61
C VAL E 270 -35.02 -3.89 -28.12
N ASN E 271 -34.09 -3.02 -27.73
CA ASN E 271 -34.02 -2.61 -26.33
C ASN E 271 -35.28 -1.88 -25.88
N ASP E 272 -35.90 -1.10 -26.78
CA ASP E 272 -37.15 -0.42 -26.42
C ASP E 272 -38.24 -1.44 -26.07
N ILE E 273 -38.31 -2.52 -26.84
CA ILE E 273 -39.36 -3.50 -26.63
C ILE E 273 -39.03 -4.40 -25.45
N GLN E 274 -37.75 -4.68 -25.21
CA GLN E 274 -37.34 -5.39 -24.01
C GLN E 274 -37.84 -4.67 -22.77
N LYS E 275 -37.52 -3.38 -22.64
CA LYS E 275 -38.02 -2.58 -21.53
C LYS E 275 -39.54 -2.51 -21.52
N LEU E 276 -40.15 -2.51 -22.71
CA LEU E 276 -41.61 -2.48 -22.80
C LEU E 276 -42.23 -3.76 -22.26
N VAL E 277 -41.67 -4.92 -22.61
CA VAL E 277 -42.17 -6.18 -22.08
C VAL E 277 -41.93 -6.26 -20.58
N GLY E 278 -40.75 -5.85 -20.12
CA GLY E 278 -40.47 -5.85 -18.70
C GLY E 278 -41.44 -4.99 -17.93
N LYS E 279 -41.80 -3.83 -18.49
CA LYS E 279 -42.75 -2.93 -17.81
C LYS E 279 -44.12 -3.57 -17.69
N LEU E 280 -44.64 -4.09 -18.80
CA LEU E 280 -45.99 -4.67 -18.78
C LEU E 280 -46.06 -5.92 -17.92
N ASN E 281 -45.03 -6.79 -18.00
CA ASN E 281 -45.01 -7.98 -17.16
C ASN E 281 -45.04 -7.61 -15.69
N TRP E 282 -44.40 -6.51 -15.33
CA TRP E 282 -44.48 -6.05 -13.95
C TRP E 282 -45.84 -5.44 -13.66
N ALA E 283 -46.42 -4.75 -14.64
CA ALA E 283 -47.75 -4.19 -14.44
C ALA E 283 -48.83 -5.27 -14.40
N SER E 284 -48.55 -6.45 -14.94
CA SER E 284 -49.55 -7.53 -14.88
C SER E 284 -49.86 -7.93 -13.44
N GLN E 285 -48.95 -7.67 -12.51
CA GLN E 285 -49.23 -7.96 -11.10
C GLN E 285 -50.35 -7.09 -10.55
N ILE E 286 -50.66 -5.98 -11.22
CA ILE E 286 -51.64 -5.01 -10.73
C ILE E 286 -52.91 -5.04 -11.55
N TYR E 287 -52.80 -5.10 -12.88
CA TYR E 287 -53.96 -5.01 -13.75
C TYR E 287 -54.23 -6.35 -14.41
N ALA E 288 -55.50 -6.60 -14.68
CA ALA E 288 -55.93 -7.83 -15.34
C ALA E 288 -56.01 -7.63 -16.85
N GLY E 289 -55.74 -8.69 -17.59
CA GLY E 289 -55.82 -8.66 -19.04
C GLY E 289 -54.66 -8.01 -19.76
N ILE E 290 -53.55 -7.76 -19.06
CA ILE E 290 -52.34 -7.25 -19.71
C ILE E 290 -51.70 -8.37 -20.51
N LYS E 291 -51.60 -8.18 -21.82
CA LYS E 291 -51.03 -9.16 -22.72
C LYS E 291 -49.69 -8.65 -23.27
N VAL E 292 -48.77 -9.58 -23.52
CA VAL E 292 -47.42 -9.21 -23.94
C VAL E 292 -46.94 -10.07 -25.10
N ARG E 293 -47.64 -11.18 -25.36
CA ARG E 293 -47.06 -12.19 -26.24
C ARG E 293 -46.96 -11.69 -27.69
N GLN E 294 -47.87 -10.83 -28.14
CA GLN E 294 -47.68 -10.25 -29.48
C GLN E 294 -46.42 -9.39 -29.53
N LEU E 295 -46.16 -8.64 -28.46
CA LEU E 295 -44.95 -7.82 -28.41
C LEU E 295 -43.69 -8.67 -28.28
N SER E 296 -43.80 -9.83 -27.63
CA SER E 296 -42.62 -10.66 -27.44
C SER E 296 -42.21 -11.36 -28.73
N LYS E 297 -43.16 -11.57 -29.64
CA LYS E 297 -42.85 -12.24 -30.88
C LYS E 297 -41.92 -11.40 -31.75
N LEU E 298 -42.02 -10.09 -31.64
CA LEU E 298 -41.04 -9.22 -32.31
C LEU E 298 -39.63 -9.44 -31.79
N LEU E 299 -39.50 -10.06 -30.61
CA LEU E 299 -38.21 -10.38 -30.00
C LEU E 299 -37.98 -11.88 -30.08
N ARG E 300 -37.47 -12.35 -31.20
CA ARG E 300 -37.18 -13.77 -31.36
C ARG E 300 -35.86 -13.93 -32.10
N GLY E 301 -35.01 -14.82 -31.60
CA GLY E 301 -33.64 -14.92 -32.06
C GLY E 301 -32.70 -14.22 -31.10
N THR E 302 -31.50 -13.92 -31.61
CA THR E 302 -30.47 -13.20 -30.85
C THR E 302 -30.21 -11.87 -31.55
N LYS E 303 -31.14 -10.94 -31.39
CA LYS E 303 -31.03 -9.65 -32.06
C LYS E 303 -30.16 -8.70 -31.27
N ALA E 304 -29.47 -7.81 -31.98
CA ALA E 304 -28.75 -6.73 -31.32
C ALA E 304 -29.75 -5.79 -30.64
N LEU E 305 -29.30 -5.12 -29.58
CA LEU E 305 -30.21 -4.20 -28.88
C LEU E 305 -30.52 -2.95 -29.70
N THR E 306 -29.61 -2.55 -30.60
CA THR E 306 -29.81 -1.33 -31.38
C THR E 306 -30.67 -1.55 -32.62
N GLU E 307 -30.96 -2.80 -32.98
CA GLU E 307 -31.74 -3.09 -34.17
C GLU E 307 -33.13 -2.47 -34.08
N VAL E 308 -33.55 -1.82 -35.16
CA VAL E 308 -34.90 -1.25 -35.28
C VAL E 308 -35.81 -2.35 -35.81
N VAL E 309 -36.92 -2.59 -35.11
CA VAL E 309 -37.90 -3.59 -35.49
C VAL E 309 -39.28 -2.95 -35.52
N PRO E 310 -39.97 -2.96 -36.66
CA PRO E 310 -41.29 -2.30 -36.71
C PRO E 310 -42.36 -3.12 -36.01
N LEU E 311 -43.25 -2.42 -35.31
CA LEU E 311 -44.40 -3.06 -34.70
C LEU E 311 -45.30 -3.66 -35.77
N THR E 312 -45.76 -4.89 -35.54
CA THR E 312 -46.88 -5.42 -36.29
C THR E 312 -48.17 -4.83 -35.73
N GLU E 313 -49.21 -4.76 -36.58
CA GLU E 313 -50.44 -4.14 -36.11
C GLU E 313 -51.08 -4.93 -34.97
N GLU E 314 -50.79 -6.23 -34.88
CA GLU E 314 -51.25 -7.00 -33.72
C GLU E 314 -50.65 -6.45 -32.43
N ALA E 315 -49.35 -6.12 -32.48
CA ALA E 315 -48.67 -5.60 -31.31
C ALA E 315 -49.13 -4.19 -30.97
N GLU E 316 -49.37 -3.37 -31.99
CA GLU E 316 -49.88 -2.02 -31.77
C GLU E 316 -51.27 -2.00 -31.16
N LEU E 317 -52.06 -3.03 -31.43
CA LEU E 317 -53.37 -3.13 -30.79
C LEU E 317 -53.22 -3.62 -29.35
N GLU E 318 -52.38 -4.64 -29.13
CA GLU E 318 -52.07 -5.09 -27.78
C GLU E 318 -51.57 -3.92 -26.93
N LEU E 319 -50.81 -3.01 -27.54
CA LEU E 319 -50.28 -1.85 -26.82
C LEU E 319 -51.39 -0.87 -26.46
N ALA E 320 -52.31 -0.62 -27.40
CA ALA E 320 -53.42 0.28 -27.11
C ALA E 320 -54.37 -0.33 -26.09
N GLU E 321 -54.62 -1.63 -26.19
CA GLU E 321 -55.44 -2.30 -25.19
C GLU E 321 -54.83 -2.19 -23.80
N ASN E 322 -53.51 -2.36 -23.70
CA ASN E 322 -52.87 -2.23 -22.40
C ASN E 322 -52.93 -0.80 -21.90
N ARG E 323 -52.85 0.18 -22.82
CA ARG E 323 -52.97 1.58 -22.40
C ARG E 323 -54.36 1.85 -21.84
N GLU E 324 -55.38 1.33 -22.50
CA GLU E 324 -56.74 1.45 -21.98
C GLU E 324 -56.85 0.85 -20.59
N ILE E 325 -56.26 -0.34 -20.39
CA ILE E 325 -56.31 -1.01 -19.09
C ILE E 325 -55.60 -0.17 -18.03
N LEU E 326 -54.42 0.36 -18.38
CA LEU E 326 -53.65 1.14 -17.42
C LEU E 326 -54.28 2.49 -17.10
N LYS E 327 -55.25 2.94 -17.91
CA LYS E 327 -55.98 4.17 -17.63
C LYS E 327 -57.18 3.92 -16.72
N GLU E 328 -57.92 2.85 -16.98
CA GLU E 328 -59.02 2.48 -16.12
C GLU E 328 -58.51 2.15 -14.72
N PRO E 329 -59.28 2.46 -13.67
CA PRO E 329 -58.88 2.07 -12.33
C PRO E 329 -59.02 0.56 -12.13
N VAL E 330 -58.25 0.05 -11.17
CA VAL E 330 -58.24 -1.39 -10.90
C VAL E 330 -59.47 -1.75 -10.09
N HIS E 331 -60.25 -2.70 -10.59
CA HIS E 331 -61.48 -3.10 -9.90
C HIS E 331 -61.15 -3.71 -8.54
N GLY E 332 -61.86 -3.25 -7.52
CA GLY E 332 -61.85 -3.90 -6.22
C GLY E 332 -60.73 -3.53 -5.26
N VAL E 333 -60.37 -2.26 -5.19
CA VAL E 333 -59.47 -1.77 -4.15
C VAL E 333 -60.13 -0.57 -3.49
N TYR E 334 -60.30 -0.65 -2.17
CA TYR E 334 -60.98 0.39 -1.42
C TYR E 334 -60.21 0.59 -0.13
N TYR E 335 -60.46 1.71 0.52
CA TYR E 335 -59.70 2.07 1.71
C TYR E 335 -60.31 1.43 2.94
N ASP E 336 -59.52 0.60 3.63
CA ASP E 336 -59.90 0.10 4.95
C ASP E 336 -59.28 1.04 5.98
N PRO E 337 -60.09 1.78 6.74
CA PRO E 337 -59.51 2.74 7.70
C PRO E 337 -58.78 2.08 8.85
N SER E 338 -58.97 0.78 9.09
CA SER E 338 -58.32 0.09 10.18
C SER E 338 -56.99 -0.55 9.79
N LYS E 339 -56.45 -0.24 8.61
CA LYS E 339 -55.15 -0.76 8.19
C LYS E 339 -54.23 0.38 7.80
N ASP E 340 -52.93 0.14 7.88
CA ASP E 340 -51.96 1.18 7.58
C ASP E 340 -51.93 1.50 6.08
N LEU E 341 -51.66 2.76 5.78
CA LEU E 341 -51.32 3.18 4.44
C LEU E 341 -49.81 3.10 4.30
N ILE E 342 -49.35 2.64 3.13
CA ILE E 342 -47.94 2.52 2.79
C ILE E 342 -47.68 3.41 1.59
N ALA E 343 -46.51 4.05 1.57
CA ALA E 343 -46.14 4.92 0.46
C ALA E 343 -44.72 4.62 0.04
N GLU E 344 -44.54 4.36 -1.26
CA GLU E 344 -43.23 4.21 -1.88
C GLU E 344 -42.97 5.40 -2.78
N ILE E 345 -41.70 5.79 -2.86
CA ILE E 345 -41.24 6.94 -3.62
C ILE E 345 -40.05 6.51 -4.46
N GLN E 346 -39.98 7.00 -5.70
CA GLN E 346 -38.83 6.78 -6.56
C GLN E 346 -38.29 8.14 -7.01
N LYS E 347 -36.98 8.28 -6.96
CA LYS E 347 -36.32 9.41 -7.60
C LYS E 347 -36.31 9.19 -9.10
N GLN E 348 -36.85 10.14 -9.86
CA GLN E 348 -36.94 10.03 -11.31
C GLN E 348 -35.97 10.92 -12.07
N GLY E 349 -35.38 11.91 -11.43
CA GLY E 349 -34.45 12.79 -12.09
C GLY E 349 -35.10 14.11 -12.49
N GLN E 350 -34.27 15.15 -12.57
CA GLN E 350 -34.70 16.49 -12.99
C GLN E 350 -35.81 17.03 -12.09
N GLY E 351 -35.71 16.72 -10.80
CA GLY E 351 -36.64 17.27 -9.83
C GLY E 351 -37.98 16.59 -9.78
N GLN E 352 -38.15 15.41 -10.37
CA GLN E 352 -39.44 14.72 -10.38
C GLN E 352 -39.38 13.47 -9.53
N TRP E 353 -40.49 13.18 -8.84
CA TRP E 353 -40.56 12.05 -7.92
C TRP E 353 -41.90 11.34 -8.09
N THR E 354 -41.85 10.04 -8.34
CA THR E 354 -43.06 9.23 -8.43
C THR E 354 -43.34 8.56 -7.09
N TYR E 355 -44.62 8.35 -6.81
CA TYR E 355 -45.01 7.76 -5.54
C TYR E 355 -46.27 6.93 -5.71
N GLN E 356 -46.39 5.90 -4.88
CA GLN E 356 -47.56 5.04 -4.87
C GLN E 356 -47.99 4.81 -3.43
N ILE E 357 -49.30 4.95 -3.20
CA ILE E 357 -49.91 4.73 -1.90
C ILE E 357 -50.84 3.53 -2.01
N TYR E 358 -50.70 2.60 -1.07
CA TYR E 358 -51.46 1.36 -1.09
C TYR E 358 -51.54 0.83 0.33
N GLN E 359 -52.42 -0.15 0.52
CA GLN E 359 -52.51 -0.87 1.78
C GLN E 359 -52.05 -2.32 1.64
N GLU E 360 -52.52 -3.01 0.61
CA GLU E 360 -51.95 -4.31 0.23
C GLU E 360 -51.07 -4.14 -1.01
N PRO E 361 -49.98 -4.89 -1.09
CA PRO E 361 -49.07 -4.73 -2.24
C PRO E 361 -49.78 -5.00 -3.55
N PHE E 362 -49.54 -4.11 -4.53
CA PHE E 362 -50.01 -4.15 -5.91
C PHE E 362 -51.47 -3.76 -6.05
N LYS E 363 -52.11 -3.28 -4.99
CA LYS E 363 -53.47 -2.77 -5.05
C LYS E 363 -53.41 -1.31 -4.62
N ASN E 364 -53.13 -0.42 -5.57
CA ASN E 364 -52.82 0.97 -5.25
C ASN E 364 -54.09 1.80 -5.13
N LEU E 365 -54.10 2.68 -4.13
CA LEU E 365 -55.15 3.68 -4.01
C LEU E 365 -54.84 4.96 -4.79
N LYS E 366 -53.56 5.31 -4.94
CA LYS E 366 -53.19 6.45 -5.77
C LYS E 366 -51.75 6.26 -6.23
N THR E 367 -51.50 6.53 -7.52
CA THR E 367 -50.16 6.70 -8.05
C THR E 367 -50.04 8.15 -8.52
N GLY E 368 -48.96 8.82 -8.11
CA GLY E 368 -48.77 10.22 -8.43
C GLY E 368 -47.33 10.55 -8.76
N LYS E 369 -47.10 11.82 -9.08
CA LYS E 369 -45.78 12.32 -9.44
C LYS E 369 -45.67 13.74 -8.94
N TYR E 370 -44.55 14.05 -8.27
CA TYR E 370 -44.34 15.31 -7.58
C TYR E 370 -43.19 16.07 -8.24
N ALA E 371 -43.24 17.41 -8.14
CA ALA E 371 -42.30 18.30 -8.82
C ALA E 371 -41.65 19.27 -7.83
N ARG E 372 -40.40 19.63 -8.10
CA ARG E 372 -39.60 20.47 -7.21
C ARG E 372 -40.09 21.92 -7.23
N MET E 373 -39.92 22.61 -6.09
CA MET E 373 -40.35 24.00 -5.96
C MET E 373 -39.26 25.02 -6.30
N LYS E 374 -38.24 25.13 -5.43
CA LYS E 374 -37.35 26.29 -5.41
C LYS E 374 -36.55 26.45 -6.70
N GLY E 375 -36.00 27.66 -6.88
CA GLY E 375 -35.20 27.94 -8.06
C GLY E 375 -33.77 27.45 -8.00
N ALA E 376 -33.22 27.33 -6.78
CA ALA E 376 -31.93 26.65 -6.59
C ALA E 376 -32.22 25.16 -6.42
N HIS E 377 -32.45 24.49 -7.56
CA HIS E 377 -33.02 23.15 -7.60
C HIS E 377 -31.90 22.12 -7.69
N THR E 378 -31.29 21.83 -6.53
CA THR E 378 -30.16 20.90 -6.50
C THR E 378 -30.15 19.93 -5.33
N ASN E 379 -31.07 20.01 -4.37
CA ASN E 379 -30.98 19.28 -3.11
C ASN E 379 -32.00 18.15 -3.06
N ASP E 380 -31.51 16.92 -3.24
CA ASP E 380 -32.40 15.74 -3.24
C ASP E 380 -33.06 15.53 -1.89
N VAL E 381 -32.29 15.67 -0.80
CA VAL E 381 -32.84 15.50 0.53
C VAL E 381 -33.92 16.54 0.79
N LYS E 382 -33.66 17.80 0.43
CA LYS E 382 -34.70 18.82 0.53
C LYS E 382 -35.88 18.44 -0.33
N GLN E 383 -35.62 18.00 -1.56
CA GLN E 383 -36.68 17.59 -2.48
C GLN E 383 -37.50 16.45 -1.90
N LEU E 384 -36.82 15.42 -1.40
CA LEU E 384 -37.54 14.26 -0.89
C LEU E 384 -38.31 14.62 0.37
N THR E 385 -37.76 15.49 1.21
CA THR E 385 -38.45 15.84 2.43
C THR E 385 -39.72 16.62 2.12
N GLU E 386 -39.68 17.48 1.12
CA GLU E 386 -40.90 18.19 0.73
C GLU E 386 -41.90 17.24 0.08
N ALA E 387 -41.43 16.26 -0.69
CA ALA E 387 -42.32 15.27 -1.28
C ALA E 387 -43.07 14.49 -0.20
N VAL E 388 -42.36 14.03 0.82
CA VAL E 388 -42.99 13.25 1.89
C VAL E 388 -44.10 14.07 2.55
N GLN E 389 -43.84 15.34 2.80
CA GLN E 389 -44.83 16.19 3.44
C GLN E 389 -46.08 16.33 2.59
N LYS E 390 -45.90 16.59 1.29
CA LYS E 390 -47.06 16.73 0.41
C LYS E 390 -47.84 15.42 0.33
N ILE E 391 -47.13 14.29 0.20
CA ILE E 391 -47.80 13.00 0.11
C ILE E 391 -48.56 12.71 1.41
N ALA E 392 -47.92 12.93 2.56
CA ALA E 392 -48.62 12.69 3.82
C ALA E 392 -49.79 13.65 3.98
N THR E 393 -49.63 14.88 3.48
CA THR E 393 -50.72 15.84 3.53
C THR E 393 -51.89 15.42 2.65
N GLU E 394 -51.58 14.91 1.45
CA GLU E 394 -52.65 14.44 0.58
C GLU E 394 -53.39 13.26 1.20
N SER E 395 -52.68 12.42 1.96
CA SER E 395 -53.35 11.29 2.59
C SER E 395 -54.27 11.74 3.72
N ILE E 396 -53.85 12.76 4.48
CA ILE E 396 -54.72 13.27 5.53
C ILE E 396 -56.00 13.82 4.92
N VAL E 397 -55.87 14.60 3.83
CA VAL E 397 -57.06 15.16 3.20
C VAL E 397 -57.91 14.05 2.59
N ILE E 398 -57.29 13.09 1.90
CA ILE E 398 -58.04 12.08 1.15
C ILE E 398 -58.61 11.01 2.09
N TRP E 399 -57.76 10.40 2.92
CA TRP E 399 -58.17 9.28 3.75
C TRP E 399 -58.20 9.59 5.24
N GLY E 400 -57.47 10.60 5.70
CA GLY E 400 -57.54 11.03 7.08
C GLY E 400 -56.37 10.63 7.95
N LYS E 401 -55.25 10.21 7.36
CA LYS E 401 -54.17 9.65 8.13
C LYS E 401 -52.94 9.59 7.23
N THR E 402 -51.74 9.57 7.87
CA THR E 402 -50.52 9.52 7.08
C THR E 402 -50.06 8.09 6.87
N PRO E 403 -49.43 7.83 5.72
CA PRO E 403 -48.87 6.49 5.45
C PRO E 403 -47.48 6.34 6.05
N LYS E 404 -47.04 5.08 6.13
CA LYS E 404 -45.64 4.77 6.44
C LYS E 404 -44.83 4.79 5.15
N PHE E 405 -43.71 5.50 5.16
CA PHE E 405 -42.94 5.75 3.94
C PHE E 405 -41.79 4.77 3.79
N LYS E 406 -41.59 4.28 2.57
CA LYS E 406 -40.37 3.55 2.20
C LYS E 406 -39.49 4.52 1.41
N LEU E 407 -38.56 5.16 2.11
CA LEU E 407 -37.77 6.27 1.55
C LEU E 407 -36.59 5.76 0.74
N PRO E 408 -36.41 6.23 -0.52
CA PRO E 408 -35.27 5.82 -1.37
C PRO E 408 -34.01 6.64 -1.07
N ILE E 409 -33.39 6.37 0.07
CA ILE E 409 -32.27 7.17 0.55
C ILE E 409 -31.58 6.39 1.67
N GLN E 410 -30.28 6.62 1.82
CA GLN E 410 -29.52 6.01 2.90
C GLN E 410 -29.91 6.63 4.24
N LYS E 411 -30.10 5.76 5.24
CA LYS E 411 -30.48 6.20 6.58
C LYS E 411 -29.61 7.36 7.07
N GLU E 412 -28.30 7.25 6.89
CA GLU E 412 -27.39 8.27 7.40
C GLU E 412 -27.39 9.53 6.55
N THR E 413 -27.81 9.46 5.30
CA THR E 413 -27.95 10.68 4.51
C THR E 413 -29.21 11.44 4.92
N TRP E 414 -30.33 10.72 5.08
CA TRP E 414 -31.56 11.34 5.53
C TRP E 414 -31.37 11.99 6.91
N GLU E 415 -30.76 11.29 7.85
CA GLU E 415 -30.75 11.78 9.22
C GLU E 415 -29.79 12.93 9.44
N ALA E 416 -28.88 13.21 8.51
CA ALA E 416 -28.00 14.35 8.63
C ALA E 416 -28.67 15.67 8.27
N TRP E 417 -29.74 15.65 7.48
CA TRP E 417 -30.26 16.88 6.90
C TRP E 417 -31.77 17.06 7.00
N TRP E 418 -32.55 16.02 7.30
CA TRP E 418 -33.97 16.10 7.00
C TRP E 418 -34.70 17.12 7.87
N THR E 419 -34.28 17.31 9.12
CA THR E 419 -35.00 18.24 9.98
C THR E 419 -34.82 19.70 9.55
N GLU E 420 -33.79 19.99 8.74
CA GLU E 420 -33.63 21.37 8.25
C GLU E 420 -34.66 21.74 7.21
N TYR E 421 -35.49 20.79 6.77
CA TYR E 421 -36.49 21.06 5.76
C TYR E 421 -37.89 20.69 6.20
N TRP E 422 -38.06 20.15 7.40
CA TRP E 422 -39.37 19.74 7.85
C TRP E 422 -40.20 20.93 8.32
N GLN E 423 -41.50 20.91 8.00
CA GLN E 423 -42.36 22.02 8.39
C GLN E 423 -43.72 21.61 8.95
N ALA E 424 -44.04 20.33 8.99
CA ALA E 424 -45.34 19.92 9.50
C ALA E 424 -45.27 19.73 11.02
N THR E 425 -46.42 19.88 11.69
CA THR E 425 -46.44 19.63 13.13
C THR E 425 -46.46 18.15 13.45
N TRP E 426 -46.71 17.30 12.46
CA TRP E 426 -46.68 15.86 12.64
C TRP E 426 -45.47 15.28 11.92
N ILE E 427 -45.15 14.03 12.23
CA ILE E 427 -44.07 13.30 11.59
C ILE E 427 -44.56 11.90 11.28
N PRO E 428 -44.63 11.51 10.00
CA PRO E 428 -45.05 10.15 9.65
C PRO E 428 -43.95 9.14 9.96
N GLU E 429 -44.35 7.87 9.97
CA GLU E 429 -43.38 6.78 10.05
C GLU E 429 -42.65 6.57 8.73
N TRP E 430 -41.41 6.08 8.82
CA TRP E 430 -40.67 5.78 7.60
C TRP E 430 -39.62 4.71 7.85
N GLU E 431 -39.26 4.01 6.77
CA GLU E 431 -38.13 3.10 6.73
C GLU E 431 -37.30 3.39 5.49
N PHE E 432 -36.09 2.85 5.45
CA PHE E 432 -35.14 3.11 4.38
C PHE E 432 -34.94 1.87 3.53
N VAL E 433 -35.11 2.02 2.21
CA VAL E 433 -34.98 0.93 1.25
C VAL E 433 -34.08 1.36 0.11
N ASN E 434 -33.60 0.36 -0.63
CA ASN E 434 -32.62 0.54 -1.71
C ASN E 434 -33.12 -0.29 -2.89
N THR E 435 -33.98 0.31 -3.71
CA THR E 435 -34.37 -0.65 -4.74
C THR E 435 -33.62 -0.39 -6.04
N PRO E 436 -33.15 -1.44 -6.70
CA PRO E 436 -32.62 -1.27 -8.05
C PRO E 436 -33.60 -0.55 -8.94
N PRO E 437 -33.13 0.19 -9.92
CA PRO E 437 -34.03 1.06 -10.68
C PRO E 437 -34.89 0.29 -11.66
N LEU E 438 -35.18 -0.98 -11.36
CA LEU E 438 -36.23 -1.67 -12.09
C LEU E 438 -37.59 -1.05 -11.80
N VAL E 439 -37.89 -0.79 -10.52
CA VAL E 439 -39.12 -0.09 -10.16
C VAL E 439 -39.13 1.34 -10.69
N LYS E 440 -38.01 1.84 -11.21
CA LYS E 440 -38.12 2.99 -12.11
C LYS E 440 -38.84 2.53 -13.39
N LEU E 441 -40.13 2.26 -13.23
CA LEU E 441 -41.08 1.91 -14.29
C LEU E 441 -42.24 2.88 -14.29
N TRP E 442 -42.09 4.03 -13.61
CA TRP E 442 -43.13 5.04 -13.55
C TRP E 442 -42.77 6.30 -14.33
N TYR E 443 -41.75 6.24 -15.18
CA TYR E 443 -41.39 7.40 -15.98
C TYR E 443 -41.34 7.04 -17.46
N1 OMC F 7 -19.98 5.80 33.88
C2 OMC F 7 -18.80 6.64 33.47
N3 OMC F 7 -17.49 6.00 33.21
C4 OMC F 7 -17.33 4.56 33.34
C5 OMC F 7 -18.50 3.72 33.73
C6 OMC F 7 -19.83 4.34 33.99
O2 OMC F 7 -18.91 7.79 33.37
N4 OMC F 7 -16.01 3.97 33.08
C1' OMC F 7 -21.28 6.46 34.12
C2' OMC F 7 -21.98 6.77 32.78
O2' OMC F 7 -22.85 7.87 32.98
CM2 OMC F 7 -22.23 9.15 32.96
C3' OMC F 7 -22.80 5.51 32.60
C4' OMC F 7 -23.26 5.22 34.02
O4' OMC F 7 -22.11 5.57 34.84
O3' OMC F 7 -23.88 5.66 31.70
C5' OMC F 7 -23.71 3.81 34.31
O5' OMC F 7 -22.75 2.85 33.92
P OMC F 7 -22.70 1.40 34.61
OP1 OMC F 7 -24.12 0.89 34.63
OP2 OMC F 7 -21.56 0.63 34.00
N1 OMC F 9 -17.85 8.24 24.75
C2 OMC F 9 -16.43 7.79 24.85
N3 OMC F 9 -16.09 6.50 25.51
C4 OMC F 9 -17.17 5.68 26.10
C5 OMC F 9 -18.59 6.13 26.02
C6 OMC F 9 -18.92 7.42 25.34
O2 OMC F 9 -15.60 8.47 24.38
N4 OMC F 9 -16.87 4.41 26.77
C1' OMC F 9 -18.17 9.53 24.12
C2' OMC F 9 -18.24 9.46 22.59
O2' OMC F 9 -17.79 10.70 22.06
CM2 OMC F 9 -16.44 11.04 22.38
C3' OMC F 9 -19.74 9.32 22.36
C4' OMC F 9 -20.34 10.14 23.48
O4' OMC F 9 -19.42 9.96 24.59
O3' OMC F 9 -20.13 9.78 21.10
C5' OMC F 9 -21.73 9.77 23.90
O5' OMC F 9 -21.83 8.39 24.23
P OMC F 9 -22.97 7.85 25.22
OP1 OMC F 9 -24.31 8.18 24.60
OP2 OMC F 9 -22.55 6.44 25.55
C4 XTE G . 24.95 14.51 -32.37
C5 XTE G . 23.61 14.88 -31.92
C6 XTE G . 22.47 14.19 -32.56
C2 XTE G . 23.99 12.98 -33.88
C1' XTE G . 27.28 15.16 -31.87
C2' XTE G . 27.65 16.13 -32.99
C3' XTE G . 28.34 17.35 -32.39
C4' XTE G . 28.77 16.98 -30.95
C44 XTE G . 28.24 14.92 -29.60
C5' XTE G . 28.38 18.02 -29.94
C6' XTE G . 28.10 15.66 -30.72
C7' XTE G . 30.22 16.73 -30.90
C8 XTE G . 25.11 16.05 -30.84
F46 XTE G . 28.98 15.33 -28.60
N1 XTE G . 22.74 13.28 -33.50
N2 XTE G . 24.18 12.04 -34.83
N3 XTE G . 25.08 13.57 -33.34
N47 XTE G . 31.36 16.56 -30.81
N7 XTE G . 23.78 15.83 -30.98
N9 XTE G . 25.81 15.24 -31.67
O1A XTE G . 27.84 20.66 -28.86
O1B XTE G . 27.90 20.31 -33.39
O1G XTE G . 26.58 24.17 -31.33
O2A XTE G . 25.45 20.21 -29.14
O2B XTE G . 29.36 20.89 -31.49
O2G XTE G . 28.61 25.16 -32.39
O3' XTE G . 29.48 17.72 -33.16
O3A XTE G . 26.80 21.03 -31.17
O3B XTE G . 28.13 22.72 -32.72
O3G XTE G . 28.81 23.63 -30.44
O5' XTE G . 27.11 18.60 -30.20
O6 XTE G . 21.29 14.45 -32.24
PA XTE G . 26.80 20.14 -29.83
PB XTE G . 28.06 21.20 -32.19
PG XTE G . 28.03 23.95 -31.69
C1 GOL H . 34.37 1.50 -15.86
O1 GOL H . 33.64 0.35 -15.71
C2 GOL H . 33.70 2.58 -14.97
O2 GOL H . 34.66 3.33 -14.33
C3 GOL H . 32.86 3.45 -15.96
O3 GOL H . 32.00 4.25 -15.19
C1 GOL I . 22.03 8.36 -11.91
O1 GOL I . 22.44 9.68 -12.15
C2 GOL I . 21.11 7.90 -13.10
O2 GOL I . 19.76 7.89 -12.77
C3 GOL I . 21.41 8.88 -14.25
O3 GOL I . 20.56 8.51 -15.29
C4 XTE J . -15.52 6.95 39.97
C5 XTE J . -14.19 6.50 39.60
C6 XTE J . -13.96 5.04 39.55
C2 XTE J . -16.21 4.71 40.19
C1' XTE J . -16.66 9.13 40.28
C2' XTE J . -16.67 9.27 41.80
C3' XTE J . -16.02 10.61 42.13
C4' XTE J . -16.19 11.52 40.91
C44 XTE J . -16.71 10.89 38.52
C5' XTE J . -14.96 12.37 40.64
C6' XTE J . -16.51 10.54 39.80
C7' XTE J . -17.37 12.39 41.07
C8 XTE J . -14.26 8.68 39.59
F46 XTE J . -16.60 12.14 38.11
N1 XTE J . -15.00 4.24 39.85
N2 XTE J . -17.21 3.84 40.48
N3 XTE J . -16.48 6.04 40.26
N47 XTE J . -18.29 13.09 41.16
N7 XTE J . -13.45 7.61 39.37
N9 XTE J . -15.49 8.28 39.94
O1A XTE J . -11.23 11.46 40.61
O1B XTE J . -14.13 11.51 44.75
O1G XTE J . -10.94 14.61 46.53
O2A XTE J . -12.29 13.60 41.20
O2B XTE J . -13.76 13.65 43.61
O2G XTE J . -11.49 15.05 44.17
O3' XTE J . -16.63 11.15 43.31
O3A XTE J . -12.38 11.62 42.86
O3B XTE J . -11.96 12.73 45.20
O3G XTE J . -9.61 13.56 44.72
O5' XTE J . -13.76 11.59 40.60
O6 XTE J . -12.84 4.59 39.24
PA XTE J . -12.41 12.10 41.30
PB XTE J . -13.08 12.38 44.10
PG XTE J . -10.99 14.01 45.14
MG MG K . -12.97 15.78 42.72
C1 GOL L . -25.23 7.60 -1.16
O1 GOL L . -24.01 7.83 -0.53
C2 GOL L . -26.40 8.12 -0.24
O2 GOL L . -26.32 9.49 -0.02
C3 GOL L . -27.72 7.70 -0.99
O3 GOL L . -28.83 7.92 -0.17
C1 GOL M . -23.90 15.78 22.22
O1 GOL M . -23.19 14.67 21.87
C2 GOL M . -25.14 15.85 21.34
O2 GOL M . -25.75 17.09 21.49
C3 GOL M . -26.03 14.69 21.83
O3 GOL M . -27.09 14.54 20.93
C1 GOL N . -45.25 -2.70 -5.16
O1 GOL N . -44.86 -3.16 -3.90
C2 GOL N . -46.38 -1.62 -4.98
O2 GOL N . -47.46 -2.10 -4.26
C3 GOL N . -46.81 -1.22 -6.43
O3 GOL N . -45.98 -0.17 -6.86
#